data_1EUO
# 
_entry.id   1EUO 
# 
_audit_conform.dict_name       mmcif_pdbx.dic 
_audit_conform.dict_version    5.398 
_audit_conform.dict_location   http://mmcif.pdb.org/dictionaries/ascii/mmcif_pdbx.dic 
# 
loop_
_database_2.database_id 
_database_2.database_code 
_database_2.pdbx_database_accession 
_database_2.pdbx_DOI 
PDB   1EUO         pdb_00001euo 10.2210/pdb1euo/pdb 
RCSB  RCSB010908   ?            ?                   
WWPDB D_1000010908 ?            ?                   
# 
loop_
_pdbx_audit_revision_history.ordinal 
_pdbx_audit_revision_history.data_content_type 
_pdbx_audit_revision_history.major_revision 
_pdbx_audit_revision_history.minor_revision 
_pdbx_audit_revision_history.revision_date 
1 'Structure model' 1 0 2000-05-10 
2 'Structure model' 1 1 2008-04-27 
3 'Structure model' 1 2 2011-07-13 
4 'Structure model' 1 3 2017-10-04 
5 'Structure model' 1 4 2018-04-18 
6 'Structure model' 1 5 2024-11-06 
# 
_pdbx_audit_revision_details.ordinal             1 
_pdbx_audit_revision_details.revision_ordinal    1 
_pdbx_audit_revision_details.data_content_type   'Structure model' 
_pdbx_audit_revision_details.provider            repository 
_pdbx_audit_revision_details.type                'Initial release' 
_pdbx_audit_revision_details.description         ? 
_pdbx_audit_revision_details.details             ? 
# 
loop_
_pdbx_audit_revision_group.ordinal 
_pdbx_audit_revision_group.revision_ordinal 
_pdbx_audit_revision_group.data_content_type 
_pdbx_audit_revision_group.group 
1 2 'Structure model' 'Version format compliance' 
2 3 'Structure model' 'Version format compliance' 
3 4 'Structure model' 'Refinement description'    
4 5 'Structure model' 'Data collection'           
5 6 'Structure model' 'Data collection'           
6 6 'Structure model' 'Database references'       
7 6 'Structure model' 'Derived calculations'      
8 6 'Structure model' 'Structure summary'         
# 
loop_
_pdbx_audit_revision_category.ordinal 
_pdbx_audit_revision_category.revision_ordinal 
_pdbx_audit_revision_category.data_content_type 
_pdbx_audit_revision_category.category 
1  4 'Structure model' software                  
2  5 'Structure model' diffrn_detector           
3  6 'Structure model' chem_comp_atom            
4  6 'Structure model' chem_comp_bond            
5  6 'Structure model' database_2                
6  6 'Structure model' pdbx_entry_details        
7  6 'Structure model' pdbx_modification_feature 
8  6 'Structure model' struct_conn               
9  6 'Structure model' struct_ref_seq_dif        
10 6 'Structure model' struct_site               
# 
loop_
_pdbx_audit_revision_item.ordinal 
_pdbx_audit_revision_item.revision_ordinal 
_pdbx_audit_revision_item.data_content_type 
_pdbx_audit_revision_item.item 
1  4 'Structure model' '_software.name'                      
2  5 'Structure model' '_diffrn_detector.detector'           
3  6 'Structure model' '_database_2.pdbx_DOI'                
4  6 'Structure model' '_database_2.pdbx_database_accession' 
5  6 'Structure model' '_struct_conn.ptnr1_auth_comp_id'     
6  6 'Structure model' '_struct_conn.ptnr1_auth_seq_id'      
7  6 'Structure model' '_struct_conn.ptnr1_label_asym_id'    
8  6 'Structure model' '_struct_conn.ptnr1_label_atom_id'    
9  6 'Structure model' '_struct_conn.ptnr1_label_comp_id'    
10 6 'Structure model' '_struct_conn.ptnr2_auth_comp_id'     
11 6 'Structure model' '_struct_conn.ptnr2_auth_seq_id'      
12 6 'Structure model' '_struct_conn.ptnr2_label_asym_id'    
13 6 'Structure model' '_struct_conn.ptnr2_label_atom_id'    
14 6 'Structure model' '_struct_conn.ptnr2_label_comp_id'    
15 6 'Structure model' '_struct_ref_seq_dif.details'         
16 6 'Structure model' '_struct_site.pdbx_auth_asym_id'      
17 6 'Structure model' '_struct_site.pdbx_auth_comp_id'      
18 6 'Structure model' '_struct_site.pdbx_auth_seq_id'       
# 
_pdbx_database_status.status_code                     REL 
_pdbx_database_status.entry_id                        1EUO 
_pdbx_database_status.recvd_initial_deposition_date   2000-04-17 
_pdbx_database_status.deposit_site                    RCSB 
_pdbx_database_status.process_site                    RCSB 
_pdbx_database_status.status_code_sf                  REL 
_pdbx_database_status.status_code_mr                  ? 
_pdbx_database_status.SG_entry                        ? 
_pdbx_database_status.pdb_format_compatible           Y 
_pdbx_database_status.status_code_cs                  ? 
_pdbx_database_status.methods_development_category    ? 
_pdbx_database_status.status_code_nmr_data            ? 
# 
loop_
_pdbx_database_related.db_name 
_pdbx_database_related.db_id 
_pdbx_database_related.details 
_pdbx_database_related.content_type 
PDB 1NP1 'Crystal structure of nitrophorin 1' unspecified 
PDB 1NP4 'Crystal structure of nitrophorin 4' unspecified 
# 
loop_
_audit_author.name 
_audit_author.pdbx_ordinal 
'Andersen, J.F.' 1 
'Montfort, W.R.' 2 
# 
_citation.id                        primary 
_citation.title                     
'The crystal structure of nitrophorin 2. A trifunctional antihemostatic protein from the saliva of Rhodnius prolixus' 
_citation.journal_abbrev            J.Biol.Chem. 
_citation.journal_volume            275 
_citation.page_first                30496 
_citation.page_last                 30503 
_citation.year                      2000 
_citation.journal_id_ASTM           JBCHA3 
_citation.country                   US 
_citation.journal_id_ISSN           0021-9258 
_citation.journal_id_CSD            0071 
_citation.book_publisher            ? 
_citation.pdbx_database_id_PubMed   10884386 
_citation.pdbx_database_id_DOI      10.1074/jbc.M002857200 
# 
loop_
_citation_author.citation_id 
_citation_author.name 
_citation_author.ordinal 
_citation_author.identifier_ORCID 
primary 'Andersen, J.F.' 1 ? 
primary 'Montfort, W.R.' 2 ? 
# 
loop_
_entity.id 
_entity.type 
_entity.src_method 
_entity.pdbx_description 
_entity.formula_weight 
_entity.pdbx_number_of_molecules 
_entity.pdbx_ec 
_entity.pdbx_mutation 
_entity.pdbx_fragment 
_entity.details 
1 polymer     man 'NITROPHORIN 2'                   20080.391 1  ? ? ? ? 
2 non-polymer syn 'PROTOPORPHYRIN IX CONTAINING FE' 616.487   1  ? ? ? ? 
3 non-polymer syn AMMONIA                           17.031    1  ? ? ? ? 
4 water       nat water                             18.015    80 ? ? ? ? 
# 
_entity_name_com.entity_id   1 
_entity_name_com.name        PROLIXIN-S 
# 
_entity_poly.entity_id                      1 
_entity_poly.type                           'polypeptide(L)' 
_entity_poly.nstd_linkage                   no 
_entity_poly.nstd_monomer                   no 
_entity_poly.pdbx_seq_one_letter_code       
;MDCSTNISPKQGLDKAKYFSGKWYVTHFLDKDPQVTDQYCSSFTPRESDGTVKEALYHYNANKKTSFYNIGEGKLESSGL
QYTAKYKTVDKKKAVLKEADEKNSYTLTVLEADDSSALVHICLREGSKDLGDLYTVLTHQKDAEPSAKVKSAVTQAGLQL
SQFVGTKDLGCQYDDQFTSL
;
_entity_poly.pdbx_seq_one_letter_code_can   
;MDCSTNISPKQGLDKAKYFSGKWYVTHFLDKDPQVTDQYCSSFTPRESDGTVKEALYHYNANKKTSFYNIGEGKLESSGL
QYTAKYKTVDKKKAVLKEADEKNSYTLTVLEADDSSALVHICLREGSKDLGDLYTVLTHQKDAEPSAKVKSAVTQAGLQL
SQFVGTKDLGCQYDDQFTSL
;
_entity_poly.pdbx_strand_id                 A 
_entity_poly.pdbx_target_identifier         ? 
# 
loop_
_pdbx_entity_nonpoly.entity_id 
_pdbx_entity_nonpoly.name 
_pdbx_entity_nonpoly.comp_id 
2 'PROTOPORPHYRIN IX CONTAINING FE' HEM 
3 AMMONIA                           NH3 
4 water                             HOH 
# 
loop_
_entity_poly_seq.entity_id 
_entity_poly_seq.num 
_entity_poly_seq.mon_id 
_entity_poly_seq.hetero 
1 1   MET n 
1 2   ASP n 
1 3   CYS n 
1 4   SER n 
1 5   THR n 
1 6   ASN n 
1 7   ILE n 
1 8   SER n 
1 9   PRO n 
1 10  LYS n 
1 11  GLN n 
1 12  GLY n 
1 13  LEU n 
1 14  ASP n 
1 15  LYS n 
1 16  ALA n 
1 17  LYS n 
1 18  TYR n 
1 19  PHE n 
1 20  SER n 
1 21  GLY n 
1 22  LYS n 
1 23  TRP n 
1 24  TYR n 
1 25  VAL n 
1 26  THR n 
1 27  HIS n 
1 28  PHE n 
1 29  LEU n 
1 30  ASP n 
1 31  LYS n 
1 32  ASP n 
1 33  PRO n 
1 34  GLN n 
1 35  VAL n 
1 36  THR n 
1 37  ASP n 
1 38  GLN n 
1 39  TYR n 
1 40  CYS n 
1 41  SER n 
1 42  SER n 
1 43  PHE n 
1 44  THR n 
1 45  PRO n 
1 46  ARG n 
1 47  GLU n 
1 48  SER n 
1 49  ASP n 
1 50  GLY n 
1 51  THR n 
1 52  VAL n 
1 53  LYS n 
1 54  GLU n 
1 55  ALA n 
1 56  LEU n 
1 57  TYR n 
1 58  HIS n 
1 59  TYR n 
1 60  ASN n 
1 61  ALA n 
1 62  ASN n 
1 63  LYS n 
1 64  LYS n 
1 65  THR n 
1 66  SER n 
1 67  PHE n 
1 68  TYR n 
1 69  ASN n 
1 70  ILE n 
1 71  GLY n 
1 72  GLU n 
1 73  GLY n 
1 74  LYS n 
1 75  LEU n 
1 76  GLU n 
1 77  SER n 
1 78  SER n 
1 79  GLY n 
1 80  LEU n 
1 81  GLN n 
1 82  TYR n 
1 83  THR n 
1 84  ALA n 
1 85  LYS n 
1 86  TYR n 
1 87  LYS n 
1 88  THR n 
1 89  VAL n 
1 90  ASP n 
1 91  LYS n 
1 92  LYS n 
1 93  LYS n 
1 94  ALA n 
1 95  VAL n 
1 96  LEU n 
1 97  LYS n 
1 98  GLU n 
1 99  ALA n 
1 100 ASP n 
1 101 GLU n 
1 102 LYS n 
1 103 ASN n 
1 104 SER n 
1 105 TYR n 
1 106 THR n 
1 107 LEU n 
1 108 THR n 
1 109 VAL n 
1 110 LEU n 
1 111 GLU n 
1 112 ALA n 
1 113 ASP n 
1 114 ASP n 
1 115 SER n 
1 116 SER n 
1 117 ALA n 
1 118 LEU n 
1 119 VAL n 
1 120 HIS n 
1 121 ILE n 
1 122 CYS n 
1 123 LEU n 
1 124 ARG n 
1 125 GLU n 
1 126 GLY n 
1 127 SER n 
1 128 LYS n 
1 129 ASP n 
1 130 LEU n 
1 131 GLY n 
1 132 ASP n 
1 133 LEU n 
1 134 TYR n 
1 135 THR n 
1 136 VAL n 
1 137 LEU n 
1 138 THR n 
1 139 HIS n 
1 140 GLN n 
1 141 LYS n 
1 142 ASP n 
1 143 ALA n 
1 144 GLU n 
1 145 PRO n 
1 146 SER n 
1 147 ALA n 
1 148 LYS n 
1 149 VAL n 
1 150 LYS n 
1 151 SER n 
1 152 ALA n 
1 153 VAL n 
1 154 THR n 
1 155 GLN n 
1 156 ALA n 
1 157 GLY n 
1 158 LEU n 
1 159 GLN n 
1 160 LEU n 
1 161 SER n 
1 162 GLN n 
1 163 PHE n 
1 164 VAL n 
1 165 GLY n 
1 166 THR n 
1 167 LYS n 
1 168 ASP n 
1 169 LEU n 
1 170 GLY n 
1 171 CYS n 
1 172 GLN n 
1 173 TYR n 
1 174 ASP n 
1 175 ASP n 
1 176 GLN n 
1 177 PHE n 
1 178 THR n 
1 179 SER n 
1 180 LEU n 
# 
_entity_src_gen.entity_id                          1 
_entity_src_gen.pdbx_src_id                        1 
_entity_src_gen.pdbx_alt_source_flag               sample 
_entity_src_gen.pdbx_seq_type                      ? 
_entity_src_gen.pdbx_beg_seq_num                   ? 
_entity_src_gen.pdbx_end_seq_num                   ? 
_entity_src_gen.gene_src_common_name               ? 
_entity_src_gen.gene_src_genus                     Rhodnius 
_entity_src_gen.pdbx_gene_src_gene                 'SALIVARY GLAND CDNA' 
_entity_src_gen.gene_src_species                   ? 
_entity_src_gen.gene_src_strain                    ? 
_entity_src_gen.gene_src_tissue                    ? 
_entity_src_gen.gene_src_tissue_fraction           ? 
_entity_src_gen.gene_src_details                   ? 
_entity_src_gen.pdbx_gene_src_fragment             ? 
_entity_src_gen.pdbx_gene_src_scientific_name      'Rhodnius prolixus' 
_entity_src_gen.pdbx_gene_src_ncbi_taxonomy_id     13249 
_entity_src_gen.pdbx_gene_src_variant              ? 
_entity_src_gen.pdbx_gene_src_cell_line            ? 
_entity_src_gen.pdbx_gene_src_atcc                 ? 
_entity_src_gen.pdbx_gene_src_organ                'SALIVARY GLAND' 
_entity_src_gen.pdbx_gene_src_organelle            ? 
_entity_src_gen.pdbx_gene_src_cell                 ? 
_entity_src_gen.pdbx_gene_src_cellular_location    ? 
_entity_src_gen.host_org_common_name               ? 
_entity_src_gen.pdbx_host_org_scientific_name      'Escherichia coli' 
_entity_src_gen.pdbx_host_org_ncbi_taxonomy_id     562 
_entity_src_gen.host_org_genus                     Escherichia 
_entity_src_gen.pdbx_host_org_gene                 ? 
_entity_src_gen.pdbx_host_org_organ                ? 
_entity_src_gen.host_org_species                   ? 
_entity_src_gen.pdbx_host_org_tissue               ? 
_entity_src_gen.pdbx_host_org_tissue_fraction      ? 
_entity_src_gen.pdbx_host_org_strain               ? 
_entity_src_gen.pdbx_host_org_variant              ? 
_entity_src_gen.pdbx_host_org_cell_line            ? 
_entity_src_gen.pdbx_host_org_atcc                 ? 
_entity_src_gen.pdbx_host_org_culture_collection   ? 
_entity_src_gen.pdbx_host_org_cell                 ? 
_entity_src_gen.pdbx_host_org_organelle            ? 
_entity_src_gen.pdbx_host_org_cellular_location    ? 
_entity_src_gen.pdbx_host_org_vector_type          PLASMID 
_entity_src_gen.pdbx_host_org_vector               ? 
_entity_src_gen.host_org_details                   ? 
_entity_src_gen.expression_system_id               ? 
_entity_src_gen.plasmid_name                       'PET 17B' 
_entity_src_gen.plasmid_details                    ? 
_entity_src_gen.pdbx_description                   ? 
# 
loop_
_chem_comp.id 
_chem_comp.type 
_chem_comp.mon_nstd_flag 
_chem_comp.name 
_chem_comp.pdbx_synonyms 
_chem_comp.formula 
_chem_comp.formula_weight 
ALA 'L-peptide linking' y ALANINE                           ?    'C3 H7 N O2'       89.093  
ARG 'L-peptide linking' y ARGININE                          ?    'C6 H15 N4 O2 1'   175.209 
ASN 'L-peptide linking' y ASPARAGINE                        ?    'C4 H8 N2 O3'      132.118 
ASP 'L-peptide linking' y 'ASPARTIC ACID'                   ?    'C4 H7 N O4'       133.103 
CYS 'L-peptide linking' y CYSTEINE                          ?    'C3 H7 N O2 S'     121.158 
GLN 'L-peptide linking' y GLUTAMINE                         ?    'C5 H10 N2 O3'     146.144 
GLU 'L-peptide linking' y 'GLUTAMIC ACID'                   ?    'C5 H9 N O4'       147.129 
GLY 'peptide linking'   y GLYCINE                           ?    'C2 H5 N O2'       75.067  
HEM non-polymer         . 'PROTOPORPHYRIN IX CONTAINING FE' HEME 'C34 H32 Fe N4 O4' 616.487 
HIS 'L-peptide linking' y HISTIDINE                         ?    'C6 H10 N3 O2 1'   156.162 
HOH non-polymer         . WATER                             ?    'H2 O'             18.015  
ILE 'L-peptide linking' y ISOLEUCINE                        ?    'C6 H13 N O2'      131.173 
LEU 'L-peptide linking' y LEUCINE                           ?    'C6 H13 N O2'      131.173 
LYS 'L-peptide linking' y LYSINE                            ?    'C6 H15 N2 O2 1'   147.195 
MET 'L-peptide linking' y METHIONINE                        ?    'C5 H11 N O2 S'    149.211 
NH3 non-polymer         . AMMONIA                           ?    'H3 N'             17.031  
PHE 'L-peptide linking' y PHENYLALANINE                     ?    'C9 H11 N O2'      165.189 
PRO 'L-peptide linking' y PROLINE                           ?    'C5 H9 N O2'       115.130 
SER 'L-peptide linking' y SERINE                            ?    'C3 H7 N O3'       105.093 
THR 'L-peptide linking' y THREONINE                         ?    'C4 H9 N O3'       119.119 
TRP 'L-peptide linking' y TRYPTOPHAN                        ?    'C11 H12 N2 O2'    204.225 
TYR 'L-peptide linking' y TYROSINE                          ?    'C9 H11 N O3'      181.189 
VAL 'L-peptide linking' y VALINE                            ?    'C5 H11 N O2'      117.146 
# 
loop_
_pdbx_poly_seq_scheme.asym_id 
_pdbx_poly_seq_scheme.entity_id 
_pdbx_poly_seq_scheme.seq_id 
_pdbx_poly_seq_scheme.mon_id 
_pdbx_poly_seq_scheme.ndb_seq_num 
_pdbx_poly_seq_scheme.pdb_seq_num 
_pdbx_poly_seq_scheme.auth_seq_num 
_pdbx_poly_seq_scheme.pdb_mon_id 
_pdbx_poly_seq_scheme.auth_mon_id 
_pdbx_poly_seq_scheme.pdb_strand_id 
_pdbx_poly_seq_scheme.pdb_ins_code 
_pdbx_poly_seq_scheme.hetero 
A 1 1   MET 1   0   0   MET MET A . n 
A 1 2   ASP 2   1   1   ASP ASP A . n 
A 1 3   CYS 3   2   2   CYS CYS A . n 
A 1 4   SER 4   3   3   SER SER A . n 
A 1 5   THR 5   4   4   THR THR A . n 
A 1 6   ASN 6   5   5   ASN ASN A . n 
A 1 7   ILE 7   6   6   ILE ILE A . n 
A 1 8   SER 8   7   7   SER SER A . n 
A 1 9   PRO 9   8   8   PRO PRO A . n 
A 1 10  LYS 10  9   9   LYS LYS A . n 
A 1 11  GLN 11  10  10  GLN GLN A . n 
A 1 12  GLY 12  11  11  GLY GLY A . n 
A 1 13  LEU 13  12  12  LEU LEU A . n 
A 1 14  ASP 14  13  13  ASP ASP A . n 
A 1 15  LYS 15  14  14  LYS LYS A . n 
A 1 16  ALA 16  15  15  ALA ALA A . n 
A 1 17  LYS 17  16  16  LYS LYS A . n 
A 1 18  TYR 18  17  17  TYR TYR A . n 
A 1 19  PHE 19  18  18  PHE PHE A . n 
A 1 20  SER 20  19  19  SER SER A . n 
A 1 21  GLY 21  20  20  GLY GLY A . n 
A 1 22  LYS 22  21  21  LYS LYS A . n 
A 1 23  TRP 23  22  22  TRP TRP A . n 
A 1 24  TYR 24  23  23  TYR TYR A . n 
A 1 25  VAL 25  24  24  VAL VAL A . n 
A 1 26  THR 26  25  25  THR THR A . n 
A 1 27  HIS 27  26  26  HIS HIS A . n 
A 1 28  PHE 28  27  27  PHE PHE A . n 
A 1 29  LEU 29  28  28  LEU LEU A . n 
A 1 30  ASP 30  29  29  ASP ASP A . n 
A 1 31  LYS 31  30  30  LYS LYS A . n 
A 1 32  ASP 32  31  31  ASP ASP A . n 
A 1 33  PRO 33  32  32  PRO PRO A . n 
A 1 34  GLN 34  33  33  GLN GLN A . n 
A 1 35  VAL 35  34  34  VAL VAL A . n 
A 1 36  THR 36  35  35  THR THR A . n 
A 1 37  ASP 37  36  36  ASP ASP A . n 
A 1 38  GLN 38  37  37  GLN GLN A . n 
A 1 39  TYR 39  38  38  TYR TYR A . n 
A 1 40  CYS 40  39  39  CYS CYS A . n 
A 1 41  SER 41  40  40  SER SER A . n 
A 1 42  SER 42  41  41  SER SER A . n 
A 1 43  PHE 43  42  42  PHE PHE A . n 
A 1 44  THR 44  43  43  THR THR A . n 
A 1 45  PRO 45  44  44  PRO PRO A . n 
A 1 46  ARG 46  45  45  ARG ARG A . n 
A 1 47  GLU 47  46  46  GLU GLU A . n 
A 1 48  SER 48  47  47  SER SER A . n 
A 1 49  ASP 49  48  48  ASP ASP A . n 
A 1 50  GLY 50  49  49  GLY GLY A . n 
A 1 51  THR 51  50  50  THR THR A . n 
A 1 52  VAL 52  51  51  VAL VAL A . n 
A 1 53  LYS 53  52  52  LYS LYS A . n 
A 1 54  GLU 54  53  53  GLU GLU A . n 
A 1 55  ALA 55  54  54  ALA ALA A . n 
A 1 56  LEU 56  55  55  LEU LEU A . n 
A 1 57  TYR 57  56  56  TYR TYR A . n 
A 1 58  HIS 58  57  57  HIS HIS A . n 
A 1 59  TYR 59  58  58  TYR TYR A . n 
A 1 60  ASN 60  59  59  ASN ASN A . n 
A 1 61  ALA 61  60  60  ALA ALA A . n 
A 1 62  ASN 62  61  61  ASN ASN A . n 
A 1 63  LYS 63  62  62  LYS LYS A . n 
A 1 64  LYS 64  63  63  LYS LYS A . n 
A 1 65  THR 65  64  64  THR THR A . n 
A 1 66  SER 66  65  65  SER SER A . n 
A 1 67  PHE 67  66  66  PHE PHE A . n 
A 1 68  TYR 68  67  67  TYR TYR A . n 
A 1 69  ASN 69  68  68  ASN ASN A . n 
A 1 70  ILE 70  69  69  ILE ILE A . n 
A 1 71  GLY 71  70  70  GLY GLY A . n 
A 1 72  GLU 72  71  71  GLU GLU A . n 
A 1 73  GLY 73  72  72  GLY GLY A . n 
A 1 74  LYS 74  73  73  LYS LYS A . n 
A 1 75  LEU 75  74  74  LEU LEU A . n 
A 1 76  GLU 76  75  75  GLU GLU A . n 
A 1 77  SER 77  76  76  SER SER A . n 
A 1 78  SER 78  77  77  SER SER A . n 
A 1 79  GLY 79  78  78  GLY GLY A . n 
A 1 80  LEU 80  79  79  LEU LEU A . n 
A 1 81  GLN 81  80  80  GLN GLN A . n 
A 1 82  TYR 82  81  81  TYR TYR A . n 
A 1 83  THR 83  82  82  THR THR A . n 
A 1 84  ALA 84  83  83  ALA ALA A . n 
A 1 85  LYS 85  84  84  LYS LYS A . n 
A 1 86  TYR 86  85  85  TYR TYR A . n 
A 1 87  LYS 87  86  86  LYS LYS A . n 
A 1 88  THR 88  87  87  THR THR A . n 
A 1 89  VAL 89  88  88  VAL VAL A . n 
A 1 90  ASP 90  89  89  ASP ASP A . n 
A 1 91  LYS 91  90  90  LYS LYS A . n 
A 1 92  LYS 92  91  91  LYS LYS A . n 
A 1 93  LYS 93  92  92  LYS LYS A . n 
A 1 94  ALA 94  93  93  ALA ALA A . n 
A 1 95  VAL 95  94  94  VAL VAL A . n 
A 1 96  LEU 96  95  95  LEU LEU A . n 
A 1 97  LYS 97  96  96  LYS LYS A . n 
A 1 98  GLU 98  97  97  GLU GLU A . n 
A 1 99  ALA 99  98  98  ALA ALA A . n 
A 1 100 ASP 100 99  99  ASP ASP A . n 
A 1 101 GLU 101 100 100 GLU GLU A . n 
A 1 102 LYS 102 101 101 LYS LYS A . n 
A 1 103 ASN 103 102 102 ASN ASN A . n 
A 1 104 SER 104 103 103 SER SER A . n 
A 1 105 TYR 105 104 104 TYR TYR A . n 
A 1 106 THR 106 105 105 THR THR A . n 
A 1 107 LEU 107 106 106 LEU LEU A . n 
A 1 108 THR 108 107 107 THR THR A . n 
A 1 109 VAL 109 108 108 VAL VAL A . n 
A 1 110 LEU 110 109 109 LEU LEU A . n 
A 1 111 GLU 111 110 110 GLU GLU A . n 
A 1 112 ALA 112 111 111 ALA ALA A . n 
A 1 113 ASP 113 112 112 ASP ASP A . n 
A 1 114 ASP 114 113 113 ASP ASP A . n 
A 1 115 SER 115 114 114 SER SER A . n 
A 1 116 SER 116 115 115 SER SER A . n 
A 1 117 ALA 117 116 116 ALA ALA A . n 
A 1 118 LEU 118 117 117 LEU LEU A . n 
A 1 119 VAL 119 118 118 VAL VAL A . n 
A 1 120 HIS 120 119 119 HIS HIS A . n 
A 1 121 ILE 121 120 120 ILE ILE A . n 
A 1 122 CYS 122 121 121 CYS CYS A . n 
A 1 123 LEU 123 122 122 LEU LEU A . n 
A 1 124 ARG 124 123 123 ARG ARG A . n 
A 1 125 GLU 125 124 124 GLU GLU A . n 
A 1 126 GLY 126 125 125 GLY GLY A . n 
A 1 127 SER 127 126 126 SER SER A . n 
A 1 128 LYS 128 127 127 LYS LYS A . n 
A 1 129 ASP 129 128 128 ASP ASP A . n 
A 1 130 LEU 130 129 129 LEU LEU A . n 
A 1 131 GLY 131 130 130 GLY GLY A . n 
A 1 132 ASP 132 131 131 ASP ASP A . n 
A 1 133 LEU 133 132 132 LEU LEU A . n 
A 1 134 TYR 134 133 133 TYR TYR A . n 
A 1 135 THR 135 134 134 THR THR A . n 
A 1 136 VAL 136 135 135 VAL VAL A . n 
A 1 137 LEU 137 136 136 LEU LEU A . n 
A 1 138 THR 138 137 137 THR THR A . n 
A 1 139 HIS 139 138 138 HIS HIS A . n 
A 1 140 GLN 140 139 139 GLN GLN A . n 
A 1 141 LYS 141 140 140 LYS LYS A . n 
A 1 142 ASP 142 141 141 ASP ASP A . n 
A 1 143 ALA 143 142 142 ALA ALA A . n 
A 1 144 GLU 144 143 143 GLU GLU A . n 
A 1 145 PRO 145 144 144 PRO PRO A . n 
A 1 146 SER 146 145 145 SER SER A . n 
A 1 147 ALA 147 146 146 ALA ALA A . n 
A 1 148 LYS 148 147 147 LYS LYS A . n 
A 1 149 VAL 149 148 148 VAL VAL A . n 
A 1 150 LYS 150 149 149 LYS LYS A . n 
A 1 151 SER 151 150 150 SER SER A . n 
A 1 152 ALA 152 151 151 ALA ALA A . n 
A 1 153 VAL 153 152 152 VAL VAL A . n 
A 1 154 THR 154 153 153 THR THR A . n 
A 1 155 GLN 155 154 154 GLN GLN A . n 
A 1 156 ALA 156 155 155 ALA ALA A . n 
A 1 157 GLY 157 156 156 GLY GLY A . n 
A 1 158 LEU 158 157 157 LEU LEU A . n 
A 1 159 GLN 159 158 158 GLN GLN A . n 
A 1 160 LEU 160 159 159 LEU LEU A . n 
A 1 161 SER 161 160 160 SER SER A . n 
A 1 162 GLN 162 161 161 GLN GLN A . n 
A 1 163 PHE 163 162 162 PHE PHE A . n 
A 1 164 VAL 164 163 163 VAL VAL A . n 
A 1 165 GLY 165 164 164 GLY GLY A . n 
A 1 166 THR 166 165 165 THR THR A . n 
A 1 167 LYS 167 166 166 LYS LYS A . n 
A 1 168 ASP 168 167 167 ASP ASP A . n 
A 1 169 LEU 169 168 168 LEU LEU A . n 
A 1 170 GLY 170 169 169 GLY GLY A . n 
A 1 171 CYS 171 170 170 CYS CYS A . n 
A 1 172 GLN 172 171 171 GLN GLN A . n 
A 1 173 TYR 173 172 172 TYR TYR A . n 
A 1 174 ASP 174 173 173 ASP ASP A . n 
A 1 175 ASP 175 174 174 ASP ASP A . n 
A 1 176 GLN 176 175 175 GLN GLN A . n 
A 1 177 PHE 177 176 176 PHE PHE A . n 
A 1 178 THR 178 177 177 THR THR A . n 
A 1 179 SER 179 178 178 SER SER A . n 
A 1 180 LEU 180 179 179 LEU LEU A . n 
# 
loop_
_pdbx_nonpoly_scheme.asym_id 
_pdbx_nonpoly_scheme.entity_id 
_pdbx_nonpoly_scheme.mon_id 
_pdbx_nonpoly_scheme.ndb_seq_num 
_pdbx_nonpoly_scheme.pdb_seq_num 
_pdbx_nonpoly_scheme.auth_seq_num 
_pdbx_nonpoly_scheme.pdb_mon_id 
_pdbx_nonpoly_scheme.auth_mon_id 
_pdbx_nonpoly_scheme.pdb_strand_id 
_pdbx_nonpoly_scheme.pdb_ins_code 
B 2 HEM 1  260 260 HEM HEM A . 
C 3 NH3 1  261 261 NH3 NH3 A . 
D 4 HOH 1  180 180 HOH HOH A . 
D 4 HOH 2  181 181 HOH HOH A . 
D 4 HOH 3  182 182 HOH HOH A . 
D 4 HOH 4  183 183 HOH HOH A . 
D 4 HOH 5  184 184 HOH HOH A . 
D 4 HOH 6  185 185 HOH HOH A . 
D 4 HOH 7  186 186 HOH HOH A . 
D 4 HOH 8  187 187 HOH HOH A . 
D 4 HOH 9  188 188 HOH HOH A . 
D 4 HOH 10 189 189 HOH HOH A . 
D 4 HOH 11 190 190 HOH HOH A . 
D 4 HOH 12 191 191 HOH HOH A . 
D 4 HOH 13 192 192 HOH HOH A . 
D 4 HOH 14 193 193 HOH HOH A . 
D 4 HOH 15 194 194 HOH HOH A . 
D 4 HOH 16 195 195 HOH HOH A . 
D 4 HOH 17 196 196 HOH HOH A . 
D 4 HOH 18 197 197 HOH HOH A . 
D 4 HOH 19 198 198 HOH HOH A . 
D 4 HOH 20 199 199 HOH HOH A . 
D 4 HOH 21 200 200 HOH HOH A . 
D 4 HOH 22 201 201 HOH HOH A . 
D 4 HOH 23 202 202 HOH HOH A . 
D 4 HOH 24 203 203 HOH HOH A . 
D 4 HOH 25 204 204 HOH HOH A . 
D 4 HOH 26 205 205 HOH HOH A . 
D 4 HOH 27 206 206 HOH HOH A . 
D 4 HOH 28 207 207 HOH HOH A . 
D 4 HOH 29 208 208 HOH HOH A . 
D 4 HOH 30 209 209 HOH HOH A . 
D 4 HOH 31 210 210 HOH HOH A . 
D 4 HOH 32 211 211 HOH HOH A . 
D 4 HOH 33 212 212 HOH HOH A . 
D 4 HOH 34 213 213 HOH HOH A . 
D 4 HOH 35 214 214 HOH HOH A . 
D 4 HOH 36 215 215 HOH HOH A . 
D 4 HOH 37 216 216 HOH HOH A . 
D 4 HOH 38 217 217 HOH HOH A . 
D 4 HOH 39 218 218 HOH HOH A . 
D 4 HOH 40 219 219 HOH HOH A . 
D 4 HOH 41 220 220 HOH HOH A . 
D 4 HOH 42 221 221 HOH HOH A . 
D 4 HOH 43 222 222 HOH HOH A . 
D 4 HOH 44 223 223 HOH HOH A . 
D 4 HOH 45 224 224 HOH HOH A . 
D 4 HOH 46 225 225 HOH HOH A . 
D 4 HOH 47 226 226 HOH HOH A . 
D 4 HOH 48 227 227 HOH HOH A . 
D 4 HOH 49 228 228 HOH HOH A . 
D 4 HOH 50 229 229 HOH HOH A . 
D 4 HOH 51 230 230 HOH HOH A . 
D 4 HOH 52 231 231 HOH HOH A . 
D 4 HOH 53 232 232 HOH HOH A . 
D 4 HOH 54 233 233 HOH HOH A . 
D 4 HOH 55 234 234 HOH HOH A . 
D 4 HOH 56 235 235 HOH HOH A . 
D 4 HOH 57 236 236 HOH HOH A . 
D 4 HOH 58 237 237 HOH HOH A . 
D 4 HOH 59 238 238 HOH HOH A . 
D 4 HOH 60 239 239 HOH HOH A . 
D 4 HOH 61 240 240 HOH HOH A . 
D 4 HOH 62 241 241 HOH HOH A . 
D 4 HOH 63 242 242 HOH HOH A . 
D 4 HOH 64 243 243 HOH HOH A . 
D 4 HOH 65 244 244 HOH HOH A . 
D 4 HOH 66 245 245 HOH HOH A . 
D 4 HOH 67 246 246 HOH HOH A . 
D 4 HOH 68 247 247 HOH HOH A . 
D 4 HOH 69 248 248 HOH HOH A . 
D 4 HOH 70 249 249 HOH HOH A . 
D 4 HOH 71 250 250 HOH HOH A . 
D 4 HOH 72 251 251 HOH HOH A . 
D 4 HOH 73 252 252 HOH HOH A . 
D 4 HOH 74 253 253 HOH HOH A . 
D 4 HOH 75 254 254 HOH HOH A . 
D 4 HOH 76 255 255 HOH HOH A . 
D 4 HOH 77 256 256 HOH HOH A . 
D 4 HOH 78 257 257 HOH HOH A . 
D 4 HOH 79 258 258 HOH HOH A . 
D 4 HOH 80 259 259 HOH HOH A . 
# 
loop_
_software.name 
_software.classification 
_software.version 
_software.citation_id 
_software.pdbx_ordinal 
MADNESS 'data collection' .         ? 1 
SCALA   'data scaling'    .         ? 2 
X-PLOR  'model building'  .         ? 3 
CNS     refinement        .         ? 4 
MADNESS 'data reduction'  .         ? 5 
CCP4    'data scaling'    '(SCALA)' ? 6 
X-PLOR  phasing           .         ? 7 
# 
_cell.entry_id           1EUO 
_cell.length_a           40.340 
_cell.length_b           127.960 
_cell.length_c           33.720 
_cell.angle_alpha        90.00 
_cell.angle_beta         90.00 
_cell.angle_gamma        90.00 
_cell.Z_PDB              4 
_cell.pdbx_unique_axis   ? 
# 
_symmetry.entry_id                         1EUO 
_symmetry.space_group_name_H-M             'P 21 21 2' 
_symmetry.pdbx_full_space_group_name_H-M   ? 
_symmetry.cell_setting                     ? 
_symmetry.Int_Tables_number                18 
_symmetry.space_group_name_Hall            ? 
# 
_exptl.entry_id          1EUO 
_exptl.method            'X-RAY DIFFRACTION' 
_exptl.crystals_number   1 
# 
_exptl_crystal.id                    1 
_exptl_crystal.density_meas          ? 
_exptl_crystal.density_percent_sol   43.24 
_exptl_crystal.density_Matthews      2.17 
_exptl_crystal.description           ? 
_exptl_crystal.F_000                 ? 
_exptl_crystal.preparation           ? 
# 
_exptl_crystal_grow.crystal_id      1 
_exptl_crystal_grow.method          'VAPOR DIFFUSION, HANGING DROP' 
_exptl_crystal_grow.pH              7.7 
_exptl_crystal_grow.temp            298 
_exptl_crystal_grow.temp_details    ? 
_exptl_crystal_grow.pdbx_details    'ammonium phosphate, Tris-HCl, pH 7.7, VAPOR DIFFUSION, HANGING DROP, temperature 298K' 
_exptl_crystal_grow.pdbx_pH_range   . 
# 
_diffrn.id                     1 
_diffrn.ambient_temp           298 
_diffrn.ambient_temp_details   ? 
_diffrn.crystal_id             1 
# 
_diffrn_detector.diffrn_id              1 
_diffrn_detector.detector               DIFFRACTOMETER 
_diffrn_detector.type                   'ENRAF-NONIUS FAST' 
_diffrn_detector.pdbx_collection_date   1998-10-30 
_diffrn_detector.details                ? 
# 
_diffrn_radiation.diffrn_id                        1 
_diffrn_radiation.wavelength_id                    1 
_diffrn_radiation.monochromator                    ? 
_diffrn_radiation.pdbx_monochromatic_or_laue_m_l   M 
_diffrn_radiation.pdbx_diffrn_protocol             'SINGLE WAVELENGTH' 
_diffrn_radiation.pdbx_scattering_type             x-ray 
# 
_diffrn_radiation_wavelength.id           1 
_diffrn_radiation_wavelength.wavelength   1.5418 
_diffrn_radiation_wavelength.wt           1.0 
# 
_diffrn_source.diffrn_id                   1 
_diffrn_source.source                      'ROTATING ANODE' 
_diffrn_source.type                        ENRAF-NONIUS 
_diffrn_source.pdbx_wavelength             1.5418 
_diffrn_source.pdbx_synchrotron_site       ? 
_diffrn_source.pdbx_synchrotron_beamline   ? 
_diffrn_source.pdbx_wavelength_list        ? 
# 
_reflns.entry_id                     1EUO 
_reflns.observed_criterion_sigma_I   0 
_reflns.observed_criterion_sigma_F   0 
_reflns.d_resolution_low             9.2 
_reflns.d_resolution_high            2.0 
_reflns.number_obs                   12186 
_reflns.number_all                   12186 
_reflns.percent_possible_obs         96.9 
_reflns.pdbx_Rmerge_I_obs            0.106 
_reflns.pdbx_Rsym_value              ? 
_reflns.pdbx_netI_over_sigmaI        4.5 
_reflns.B_iso_Wilson_estimate        10.2 
_reflns.pdbx_redundancy              4.2 
_reflns.R_free_details               ? 
_reflns.limit_h_max                  ? 
_reflns.limit_h_min                  ? 
_reflns.limit_k_max                  ? 
_reflns.limit_k_min                  ? 
_reflns.limit_l_max                  ? 
_reflns.limit_l_min                  ? 
_reflns.observed_criterion_F_max     ? 
_reflns.observed_criterion_F_min     ? 
_reflns.pdbx_chi_squared             ? 
_reflns.pdbx_scaling_rejects         ? 
_reflns.pdbx_diffrn_id               1 
_reflns.pdbx_ordinal                 1 
# 
_reflns_shell.d_res_high             2.00 
_reflns_shell.d_res_low              2.10 
_reflns_shell.percent_possible_obs   ? 
_reflns_shell.percent_possible_all   90.3 
_reflns_shell.Rmerge_I_obs           0.35 
_reflns_shell.meanI_over_sigI_obs    ? 
_reflns_shell.pdbx_Rsym_value        ? 
_reflns_shell.pdbx_redundancy        3.2 
_reflns_shell.number_unique_all      187 
_reflns_shell.number_measured_all    ? 
_reflns_shell.number_measured_obs    ? 
_reflns_shell.number_unique_obs      ? 
_reflns_shell.pdbx_chi_squared       ? 
_reflns_shell.pdbx_diffrn_id         ? 
_reflns_shell.pdbx_ordinal           1 
# 
_refine.entry_id                                 1EUO 
_refine.ls_number_reflns_obs                     11592 
_refine.ls_number_reflns_all                     11592 
_refine.pdbx_ls_sigma_I                          0 
_refine.pdbx_ls_sigma_F                          0 
_refine.pdbx_data_cutoff_high_absF               ? 
_refine.pdbx_data_cutoff_low_absF                ? 
_refine.ls_d_res_low                             9.2 
_refine.ls_d_res_high                            2.0 
_refine.ls_percent_reflns_obs                    94.3 
_refine.ls_R_factor_obs                          0.197 
_refine.ls_R_factor_all                          0.197 
_refine.ls_R_factor_R_work                       0.195 
_refine.ls_R_factor_R_free                       0.246 
_refine.ls_R_factor_R_free_error                 ? 
_refine.ls_R_factor_R_free_error_details         ? 
_refine.ls_percent_reflns_R_free                 ? 
_refine.ls_number_reflns_R_free                  599 
_refine.ls_number_parameters                     ? 
_refine.ls_number_restraints                     ? 
_refine.occupancy_min                            ? 
_refine.occupancy_max                            ? 
_refine.B_iso_mean                               ? 
_refine.aniso_B[1][1]                            ? 
_refine.aniso_B[2][2]                            ? 
_refine.aniso_B[3][3]                            ? 
_refine.aniso_B[1][2]                            ? 
_refine.aniso_B[1][3]                            ? 
_refine.aniso_B[2][3]                            ? 
_refine.solvent_model_details                    ? 
_refine.solvent_model_param_ksol                 ? 
_refine.solvent_model_param_bsol                 ? 
_refine.pdbx_ls_cross_valid_method               ? 
_refine.details                                  'Used simulated annealing and maximum likelihood procedures.' 
_refine.pdbx_starting_model                      ? 
_refine.pdbx_method_to_determine_struct          ? 
_refine.pdbx_isotropic_thermal_model             ? 
_refine.pdbx_stereochemistry_target_values       'Engh & Huber' 
_refine.pdbx_stereochem_target_val_spec_case     ? 
_refine.pdbx_R_Free_selection_details            Random 
_refine.pdbx_overall_ESU_R_Free                  ? 
_refine.overall_SU_B                             ? 
_refine.ls_redundancy_reflns_obs                 ? 
_refine.B_iso_min                                ? 
_refine.B_iso_max                                ? 
_refine.overall_SU_ML                            ? 
_refine.pdbx_overall_ESU_R                       ? 
_refine.pdbx_data_cutoff_high_rms_absF           ? 
_refine.correlation_coeff_Fo_to_Fc               ? 
_refine.correlation_coeff_Fo_to_Fc_free          ? 
_refine.pdbx_solvent_vdw_probe_radii             ? 
_refine.pdbx_solvent_ion_probe_radii             ? 
_refine.pdbx_solvent_shrinkage_radii             ? 
_refine.overall_SU_R_Cruickshank_DPI             ? 
_refine.overall_SU_R_free                        ? 
_refine.ls_wR_factor_R_free                      ? 
_refine.ls_wR_factor_R_work                      ? 
_refine.overall_FOM_free_R_set                   ? 
_refine.overall_FOM_work_R_set                   ? 
_refine.pdbx_refine_id                           'X-RAY DIFFRACTION' 
_refine.pdbx_diffrn_id                           1 
_refine.pdbx_TLS_residual_ADP_flag               ? 
_refine.pdbx_overall_phase_error                 ? 
_refine.pdbx_overall_SU_R_free_Cruickshank_DPI   ? 
_refine.pdbx_overall_SU_R_Blow_DPI               ? 
_refine.pdbx_overall_SU_R_free_Blow_DPI          ? 
# 
_refine_hist.pdbx_refine_id                   'X-RAY DIFFRACTION' 
_refine_hist.cycle_id                         LAST 
_refine_hist.pdbx_number_atoms_protein        1411 
_refine_hist.pdbx_number_atoms_nucleic_acid   0 
_refine_hist.pdbx_number_atoms_ligand         44 
_refine_hist.number_atoms_solvent             80 
_refine_hist.number_atoms_total               1535 
_refine_hist.d_res_high                       2.0 
_refine_hist.d_res_low                        9.2 
# 
loop_
_refine_ls_restr.type 
_refine_ls_restr.dev_ideal 
_refine_ls_restr.dev_ideal_target 
_refine_ls_restr.weight 
_refine_ls_restr.number 
_refine_ls_restr.pdbx_refine_id 
_refine_ls_restr.pdbx_restraint_function 
c_bond_d    0.007 ? ? ? 'X-RAY DIFFRACTION' ? 
c_angle_deg 1.27  ? ? ? 'X-RAY DIFFRACTION' ? 
# 
_struct.entry_id                  1EUO 
_struct.title                     'Crystal structure of nitrophorin 2 (prolixin-S)' 
_struct.pdbx_model_details        ? 
_struct.pdbx_CASP_flag            ? 
_struct.pdbx_model_type_details   ? 
# 
_struct_keywords.entry_id        1EUO 
_struct_keywords.pdbx_keywords   'SIGNALING PROTEIN' 
_struct_keywords.text            'beta barrel, lipocalin, heme, SIGNALING PROTEIN' 
# 
loop_
_struct_asym.id 
_struct_asym.pdbx_blank_PDB_chainid_flag 
_struct_asym.pdbx_modified 
_struct_asym.entity_id 
_struct_asym.details 
A N N 1 ? 
B N N 2 ? 
C N N 3 ? 
D N N 4 ? 
# 
_struct_ref.id                         1 
_struct_ref.db_code                    NP2_RHOPR 
_struct_ref.db_name                    UNP 
_struct_ref.entity_id                  1 
_struct_ref.pdbx_db_accession          Q26241 
_struct_ref.pdbx_align_begin           24 
_struct_ref.pdbx_seq_one_letter_code   
;DCSTNISPKQGLDKAKYFSGKWYVTHFLDKDPQVTDQYCSSFTPRESDGTVKEALYHYNANKKTSFYNIGEGKLESSGLQ
YTAKYKTVDKKKAVLKEADEKNSYTLTVLEADDSSALVHICLREGSKDLGDLYTVLTHQKDAEPSAKVKSAVTQAGLQLS
QFVGTKDLGCQYDDQFTSL
;
_struct_ref.pdbx_db_isoform            ? 
# 
_struct_ref_seq.align_id                      1 
_struct_ref_seq.ref_id                        1 
_struct_ref_seq.pdbx_PDB_id_code              1EUO 
_struct_ref_seq.pdbx_strand_id                A 
_struct_ref_seq.seq_align_beg                 2 
_struct_ref_seq.pdbx_seq_align_beg_ins_code   ? 
_struct_ref_seq.seq_align_end                 180 
_struct_ref_seq.pdbx_seq_align_end_ins_code   ? 
_struct_ref_seq.pdbx_db_accession             Q26241 
_struct_ref_seq.db_align_beg                  24 
_struct_ref_seq.pdbx_db_align_beg_ins_code    ? 
_struct_ref_seq.db_align_end                  202 
_struct_ref_seq.pdbx_db_align_end_ins_code    ? 
_struct_ref_seq.pdbx_auth_seq_align_beg       1 
_struct_ref_seq.pdbx_auth_seq_align_end       179 
# 
_struct_ref_seq_dif.align_id                     1 
_struct_ref_seq_dif.pdbx_pdb_id_code             1EUO 
_struct_ref_seq_dif.mon_id                       MET 
_struct_ref_seq_dif.pdbx_pdb_strand_id           A 
_struct_ref_seq_dif.seq_num                      1 
_struct_ref_seq_dif.pdbx_pdb_ins_code            ? 
_struct_ref_seq_dif.pdbx_seq_db_name             UNP 
_struct_ref_seq_dif.pdbx_seq_db_accession_code   Q26241 
_struct_ref_seq_dif.db_mon_id                    ? 
_struct_ref_seq_dif.pdbx_seq_db_seq_num          ? 
_struct_ref_seq_dif.details                      'cloning artifact' 
_struct_ref_seq_dif.pdbx_auth_seq_num            0 
_struct_ref_seq_dif.pdbx_ordinal                 1 
# 
_pdbx_struct_assembly.id                   1 
_pdbx_struct_assembly.details              author_defined_assembly 
_pdbx_struct_assembly.method_details       ? 
_pdbx_struct_assembly.oligomeric_details   monomeric 
_pdbx_struct_assembly.oligomeric_count     1 
# 
_pdbx_struct_assembly_gen.assembly_id       1 
_pdbx_struct_assembly_gen.oper_expression   1 
_pdbx_struct_assembly_gen.asym_id_list      A,B,C,D 
# 
_pdbx_struct_oper_list.id                   1 
_pdbx_struct_oper_list.type                 'identity operation' 
_pdbx_struct_oper_list.name                 1_555 
_pdbx_struct_oper_list.symmetry_operation   x,y,z 
_pdbx_struct_oper_list.matrix[1][1]         1.0000000000 
_pdbx_struct_oper_list.matrix[1][2]         0.0000000000 
_pdbx_struct_oper_list.matrix[1][3]         0.0000000000 
_pdbx_struct_oper_list.vector[1]            0.0000000000 
_pdbx_struct_oper_list.matrix[2][1]         0.0000000000 
_pdbx_struct_oper_list.matrix[2][2]         1.0000000000 
_pdbx_struct_oper_list.matrix[2][3]         0.0000000000 
_pdbx_struct_oper_list.vector[2]            0.0000000000 
_pdbx_struct_oper_list.matrix[3][1]         0.0000000000 
_pdbx_struct_oper_list.matrix[3][2]         0.0000000000 
_pdbx_struct_oper_list.matrix[3][3]         1.0000000000 
_pdbx_struct_oper_list.vector[3]            0.0000000000 
# 
_struct_biol.id                    1 
_struct_biol.details               
;The biological assembly is a monomer containing a single heme prosthetic group. His 57 forms the proximal heme ligand, and NH3 forms the distal ligand.
;
_struct_biol.pdbx_parent_biol_id   ? 
# 
loop_
_struct_conf.conf_type_id 
_struct_conf.id 
_struct_conf.pdbx_PDB_helix_id 
_struct_conf.beg_label_comp_id 
_struct_conf.beg_label_asym_id 
_struct_conf.beg_label_seq_id 
_struct_conf.pdbx_beg_PDB_ins_code 
_struct_conf.end_label_comp_id 
_struct_conf.end_label_asym_id 
_struct_conf.end_label_seq_id 
_struct_conf.pdbx_end_PDB_ins_code 
_struct_conf.beg_auth_comp_id 
_struct_conf.beg_auth_asym_id 
_struct_conf.beg_auth_seq_id 
_struct_conf.end_auth_comp_id 
_struct_conf.end_auth_asym_id 
_struct_conf.end_auth_seq_id 
_struct_conf.pdbx_PDB_helix_class 
_struct_conf.details 
_struct_conf.pdbx_PDB_helix_length 
HELX_P HELX_P1 1 ASP A 14  ? PHE A 19  ? ASP A 13  PHE A 18  1 ? 6  
HELX_P HELX_P2 2 SER A 146 ? ALA A 156 ? SER A 145 ALA A 155 1 ? 11 
HELX_P HELX_P3 3 GLN A 159 ? PHE A 163 ? GLN A 158 PHE A 162 5 ? 5  
HELX_P HELX_P4 4 ASP A 175 ? SER A 179 ? ASP A 174 SER A 178 1 ? 5  
# 
_struct_conf_type.id          HELX_P 
_struct_conf_type.criteria    ? 
_struct_conf_type.reference   ? 
# 
loop_
_struct_conn.id 
_struct_conn.conn_type_id 
_struct_conn.pdbx_leaving_atom_flag 
_struct_conn.pdbx_PDB_id 
_struct_conn.ptnr1_label_asym_id 
_struct_conn.ptnr1_label_comp_id 
_struct_conn.ptnr1_label_seq_id 
_struct_conn.ptnr1_label_atom_id 
_struct_conn.pdbx_ptnr1_label_alt_id 
_struct_conn.pdbx_ptnr1_PDB_ins_code 
_struct_conn.pdbx_ptnr1_standard_comp_id 
_struct_conn.ptnr1_symmetry 
_struct_conn.ptnr2_label_asym_id 
_struct_conn.ptnr2_label_comp_id 
_struct_conn.ptnr2_label_seq_id 
_struct_conn.ptnr2_label_atom_id 
_struct_conn.pdbx_ptnr2_label_alt_id 
_struct_conn.pdbx_ptnr2_PDB_ins_code 
_struct_conn.ptnr1_auth_asym_id 
_struct_conn.ptnr1_auth_comp_id 
_struct_conn.ptnr1_auth_seq_id 
_struct_conn.ptnr2_auth_asym_id 
_struct_conn.ptnr2_auth_comp_id 
_struct_conn.ptnr2_auth_seq_id 
_struct_conn.ptnr2_symmetry 
_struct_conn.pdbx_ptnr3_label_atom_id 
_struct_conn.pdbx_ptnr3_label_seq_id 
_struct_conn.pdbx_ptnr3_label_comp_id 
_struct_conn.pdbx_ptnr3_label_asym_id 
_struct_conn.pdbx_ptnr3_label_alt_id 
_struct_conn.pdbx_ptnr3_PDB_ins_code 
_struct_conn.details 
_struct_conn.pdbx_dist_value 
_struct_conn.pdbx_value_order 
_struct_conn.pdbx_role 
disulf1 disulf ? ? A CYS 3  SG  ? ? ? 1_555 A CYS 122 SG ? ? A CYS 2   A CYS 121 1_555 ? ? ? ? ? ? ? 2.033 ? ? 
disulf2 disulf ? ? A CYS 40 SG  ? ? ? 1_555 A CYS 171 SG ? ? A CYS 39  A CYS 170 1_555 ? ? ? ? ? ? ? 2.022 ? ? 
metalc1 metalc ? ? A HIS 58 NE2 ? ? ? 1_555 B HEM .   FE ? ? A HIS 57  A HEM 260 1_555 ? ? ? ? ? ? ? 2.007 ? ? 
metalc2 metalc ? ? B HEM .  FE  ? ? ? 1_555 C NH3 .   N  ? ? A HEM 260 A NH3 261 1_555 ? ? ? ? ? ? ? 2.104 ? ? 
# 
loop_
_struct_conn_type.id 
_struct_conn_type.criteria 
_struct_conn_type.reference 
disulf ? ? 
metalc ? ? 
# 
loop_
_pdbx_struct_conn_angle.id 
_pdbx_struct_conn_angle.ptnr1_label_atom_id 
_pdbx_struct_conn_angle.ptnr1_label_alt_id 
_pdbx_struct_conn_angle.ptnr1_label_asym_id 
_pdbx_struct_conn_angle.ptnr1_label_comp_id 
_pdbx_struct_conn_angle.ptnr1_label_seq_id 
_pdbx_struct_conn_angle.ptnr1_auth_atom_id 
_pdbx_struct_conn_angle.ptnr1_auth_asym_id 
_pdbx_struct_conn_angle.ptnr1_auth_comp_id 
_pdbx_struct_conn_angle.ptnr1_auth_seq_id 
_pdbx_struct_conn_angle.ptnr1_PDB_ins_code 
_pdbx_struct_conn_angle.ptnr1_symmetry 
_pdbx_struct_conn_angle.ptnr2_label_atom_id 
_pdbx_struct_conn_angle.ptnr2_label_alt_id 
_pdbx_struct_conn_angle.ptnr2_label_asym_id 
_pdbx_struct_conn_angle.ptnr2_label_comp_id 
_pdbx_struct_conn_angle.ptnr2_label_seq_id 
_pdbx_struct_conn_angle.ptnr2_auth_atom_id 
_pdbx_struct_conn_angle.ptnr2_auth_asym_id 
_pdbx_struct_conn_angle.ptnr2_auth_comp_id 
_pdbx_struct_conn_angle.ptnr2_auth_seq_id 
_pdbx_struct_conn_angle.ptnr2_PDB_ins_code 
_pdbx_struct_conn_angle.ptnr2_symmetry 
_pdbx_struct_conn_angle.ptnr3_label_atom_id 
_pdbx_struct_conn_angle.ptnr3_label_alt_id 
_pdbx_struct_conn_angle.ptnr3_label_asym_id 
_pdbx_struct_conn_angle.ptnr3_label_comp_id 
_pdbx_struct_conn_angle.ptnr3_label_seq_id 
_pdbx_struct_conn_angle.ptnr3_auth_atom_id 
_pdbx_struct_conn_angle.ptnr3_auth_asym_id 
_pdbx_struct_conn_angle.ptnr3_auth_comp_id 
_pdbx_struct_conn_angle.ptnr3_auth_seq_id 
_pdbx_struct_conn_angle.ptnr3_PDB_ins_code 
_pdbx_struct_conn_angle.ptnr3_symmetry 
_pdbx_struct_conn_angle.value 
_pdbx_struct_conn_angle.value_esd 
1  NE2 ? A HIS 58 ? A HIS 57  ? 1_555 FE ? B HEM . ? A HEM 260 ? 1_555 NA ? B HEM . ? A HEM 260 ? 1_555 96.5  ? 
2  NE2 ? A HIS 58 ? A HIS 57  ? 1_555 FE ? B HEM . ? A HEM 260 ? 1_555 NB ? B HEM . ? A HEM 260 ? 1_555 91.9  ? 
3  NA  ? B HEM .  ? A HEM 260 ? 1_555 FE ? B HEM . ? A HEM 260 ? 1_555 NB ? B HEM . ? A HEM 260 ? 1_555 89.0  ? 
4  NE2 ? A HIS 58 ? A HIS 57  ? 1_555 FE ? B HEM . ? A HEM 260 ? 1_555 NC ? B HEM . ? A HEM 260 ? 1_555 85.5  ? 
5  NA  ? B HEM .  ? A HEM 260 ? 1_555 FE ? B HEM . ? A HEM 260 ? 1_555 NC ? B HEM . ? A HEM 260 ? 1_555 178.0 ? 
6  NB  ? B HEM .  ? A HEM 260 ? 1_555 FE ? B HEM . ? A HEM 260 ? 1_555 NC ? B HEM . ? A HEM 260 ? 1_555 90.8  ? 
7  NE2 ? A HIS 58 ? A HIS 57  ? 1_555 FE ? B HEM . ? A HEM 260 ? 1_555 ND ? B HEM . ? A HEM 260 ? 1_555 88.0  ? 
8  NA  ? B HEM .  ? A HEM 260 ? 1_555 FE ? B HEM . ? A HEM 260 ? 1_555 ND ? B HEM . ? A HEM 260 ? 1_555 89.5  ? 
9  NB  ? B HEM .  ? A HEM 260 ? 1_555 FE ? B HEM . ? A HEM 260 ? 1_555 ND ? B HEM . ? A HEM 260 ? 1_555 178.5 ? 
10 NC  ? B HEM .  ? A HEM 260 ? 1_555 FE ? B HEM . ? A HEM 260 ? 1_555 ND ? B HEM . ? A HEM 260 ? 1_555 90.7  ? 
11 NE2 ? A HIS 58 ? A HIS 57  ? 1_555 FE ? B HEM . ? A HEM 260 ? 1_555 N  ? C NH3 . ? A NH3 261 ? 1_555 173.0 ? 
12 NA  ? B HEM .  ? A HEM 260 ? 1_555 FE ? B HEM . ? A HEM 260 ? 1_555 N  ? C NH3 . ? A NH3 261 ? 1_555 90.4  ? 
13 NB  ? B HEM .  ? A HEM 260 ? 1_555 FE ? B HEM . ? A HEM 260 ? 1_555 N  ? C NH3 . ? A NH3 261 ? 1_555 87.3  ? 
14 NC  ? B HEM .  ? A HEM 260 ? 1_555 FE ? B HEM . ? A HEM 260 ? 1_555 N  ? C NH3 . ? A NH3 261 ? 1_555 87.5  ? 
15 ND  ? B HEM .  ? A HEM 260 ? 1_555 FE ? B HEM . ? A HEM 260 ? 1_555 N  ? C NH3 . ? A NH3 261 ? 1_555 93.0  ? 
# 
loop_
_pdbx_modification_feature.ordinal 
_pdbx_modification_feature.label_comp_id 
_pdbx_modification_feature.label_asym_id 
_pdbx_modification_feature.label_seq_id 
_pdbx_modification_feature.label_alt_id 
_pdbx_modification_feature.modified_residue_label_comp_id 
_pdbx_modification_feature.modified_residue_label_asym_id 
_pdbx_modification_feature.modified_residue_label_seq_id 
_pdbx_modification_feature.modified_residue_label_alt_id 
_pdbx_modification_feature.auth_comp_id 
_pdbx_modification_feature.auth_asym_id 
_pdbx_modification_feature.auth_seq_id 
_pdbx_modification_feature.PDB_ins_code 
_pdbx_modification_feature.symmetry 
_pdbx_modification_feature.modified_residue_auth_comp_id 
_pdbx_modification_feature.modified_residue_auth_asym_id 
_pdbx_modification_feature.modified_residue_auth_seq_id 
_pdbx_modification_feature.modified_residue_PDB_ins_code 
_pdbx_modification_feature.modified_residue_symmetry 
_pdbx_modification_feature.comp_id_linking_atom 
_pdbx_modification_feature.modified_residue_id_linking_atom 
_pdbx_modification_feature.modified_residue_id 
_pdbx_modification_feature.ref_pcm_id 
_pdbx_modification_feature.ref_comp_id 
_pdbx_modification_feature.type 
_pdbx_modification_feature.category 
1 CYS A 3  ? CYS A 122 ? CYS A 2  ? 1_555 CYS A 121 ? 1_555 SG SG . . . None 'Disulfide bridge' 
2 CYS A 40 ? CYS A 171 ? CYS A 39 ? 1_555 CYS A 170 ? 1_555 SG SG . . . None 'Disulfide bridge' 
# 
_struct_sheet.id               A 
_struct_sheet.type             ? 
_struct_sheet.number_strands   9 
_struct_sheet.details          ? 
# 
loop_
_struct_sheet_order.sheet_id 
_struct_sheet_order.range_id_1 
_struct_sheet_order.range_id_2 
_struct_sheet_order.offset 
_struct_sheet_order.sense 
A 1 2 ? anti-parallel 
A 2 3 ? anti-parallel 
A 3 4 ? anti-parallel 
A 4 5 ? anti-parallel 
A 5 6 ? anti-parallel 
A 6 7 ? anti-parallel 
A 7 8 ? anti-parallel 
A 8 9 ? anti-parallel 
# 
loop_
_struct_sheet_range.sheet_id 
_struct_sheet_range.id 
_struct_sheet_range.beg_label_comp_id 
_struct_sheet_range.beg_label_asym_id 
_struct_sheet_range.beg_label_seq_id 
_struct_sheet_range.pdbx_beg_PDB_ins_code 
_struct_sheet_range.end_label_comp_id 
_struct_sheet_range.end_label_asym_id 
_struct_sheet_range.end_label_seq_id 
_struct_sheet_range.pdbx_end_PDB_ins_code 
_struct_sheet_range.beg_auth_comp_id 
_struct_sheet_range.beg_auth_asym_id 
_struct_sheet_range.beg_auth_seq_id 
_struct_sheet_range.end_auth_comp_id 
_struct_sheet_range.end_auth_asym_id 
_struct_sheet_range.end_auth_seq_id 
A 1 LYS A 22  ? ASP A 30  ? LYS A 21  ASP A 29  
A 2 LYS A 128 ? THR A 138 ? LYS A 127 THR A 137 
A 3 SER A 116 ? GLU A 125 ? SER A 115 GLU A 124 
A 4 ASN A 103 ? ALA A 112 ? ASN A 102 ALA A 111 
A 5 GLN A 81  ? VAL A 89  ? GLN A 80  VAL A 88  
A 6 SER A 66  ? LEU A 75  ? SER A 65  LEU A 74  
A 7 THR A 51  ? ASN A 60  ? THR A 50  ASN A 59  
A 8 TYR A 39  ? SER A 48  ? TYR A 38  SER A 47  
A 9 LYS A 22  ? ASP A 30  ? LYS A 21  ASP A 29  
# 
loop_
_pdbx_struct_sheet_hbond.sheet_id 
_pdbx_struct_sheet_hbond.range_id_1 
_pdbx_struct_sheet_hbond.range_id_2 
_pdbx_struct_sheet_hbond.range_1_label_atom_id 
_pdbx_struct_sheet_hbond.range_1_label_comp_id 
_pdbx_struct_sheet_hbond.range_1_label_asym_id 
_pdbx_struct_sheet_hbond.range_1_label_seq_id 
_pdbx_struct_sheet_hbond.range_1_PDB_ins_code 
_pdbx_struct_sheet_hbond.range_1_auth_atom_id 
_pdbx_struct_sheet_hbond.range_1_auth_comp_id 
_pdbx_struct_sheet_hbond.range_1_auth_asym_id 
_pdbx_struct_sheet_hbond.range_1_auth_seq_id 
_pdbx_struct_sheet_hbond.range_2_label_atom_id 
_pdbx_struct_sheet_hbond.range_2_label_comp_id 
_pdbx_struct_sheet_hbond.range_2_label_asym_id 
_pdbx_struct_sheet_hbond.range_2_label_seq_id 
_pdbx_struct_sheet_hbond.range_2_PDB_ins_code 
_pdbx_struct_sheet_hbond.range_2_auth_atom_id 
_pdbx_struct_sheet_hbond.range_2_auth_comp_id 
_pdbx_struct_sheet_hbond.range_2_auth_asym_id 
_pdbx_struct_sheet_hbond.range_2_auth_seq_id 
A 1 2 N THR A 26  ? N THR A 25  O VAL A 136 ? O VAL A 135 
A 2 3 O LEU A 133 ? O LEU A 132 N ILE A 121 ? N ILE A 120 
A 3 4 N HIS A 120 ? N HIS A 119 O THR A 108 ? O THR A 107 
A 4 5 O TYR A 105 ? O TYR A 104 N ALA A 84  ? N ALA A 83  
A 5 6 N LYS A 87  ? N LYS A 86  O ILE A 70  ? O ILE A 69  
A 6 7 O ASN A 69  ? O ASN A 68  N LEU A 56  ? N LEU A 55  
A 7 8 O LYS A 53  ? O LYS A 52  N ARG A 46  ? N ARG A 45  
A 8 9 O SER A 41  ? O SER A 40  N VAL A 25  ? N VAL A 24  
# 
loop_
_struct_site.id 
_struct_site.pdbx_evidence_code 
_struct_site.pdbx_auth_asym_id 
_struct_site.pdbx_auth_comp_id 
_struct_site.pdbx_auth_seq_id 
_struct_site.pdbx_auth_ins_code 
_struct_site.pdbx_num_residues 
_struct_site.details 
AC1 Software A HEM 260 ? 14 'BINDING SITE FOR RESIDUE HEM A 260' 
AC2 Software A NH3 261 ? 2  'BINDING SITE FOR RESIDUE NH3 A 261' 
# 
loop_
_struct_site_gen.id 
_struct_site_gen.site_id 
_struct_site_gen.pdbx_num_res 
_struct_site_gen.label_comp_id 
_struct_site_gen.label_asym_id 
_struct_site_gen.label_seq_id 
_struct_site_gen.pdbx_auth_ins_code 
_struct_site_gen.auth_comp_id 
_struct_site_gen.auth_asym_id 
_struct_site_gen.auth_seq_id 
_struct_site_gen.label_atom_id 
_struct_site_gen.label_alt_id 
_struct_site_gen.symmetry 
_struct_site_gen.details 
1  AC1 14 VAL A 25  ? VAL A 24  . ? 1_555 ? 
2  AC1 14 PHE A 28  ? PHE A 27  . ? 1_555 ? 
3  AC1 14 TYR A 39  ? TYR A 38  . ? 1_555 ? 
4  AC1 14 SER A 41  ? SER A 40  . ? 1_555 ? 
5  AC1 14 GLU A 54  ? GLU A 53  . ? 1_555 ? 
6  AC1 14 LEU A 56  ? LEU A 55  . ? 1_555 ? 
7  AC1 14 HIS A 58  ? HIS A 57  . ? 1_555 ? 
8  AC1 14 ASN A 69  ? ASN A 68  . ? 1_555 ? 
9  AC1 14 TYR A 86  ? TYR A 85  . ? 1_555 ? 
10 AC1 14 THR A 88  ? THR A 87  . ? 1_555 ? 
11 AC1 14 TYR A 105 ? TYR A 104 . ? 1_555 ? 
12 AC1 14 LEU A 133 ? LEU A 132 . ? 1_555 ? 
13 AC1 14 HOH D .   ? HOH A 244 . ? 1_555 ? 
14 AC1 14 NH3 C .   ? NH3 A 261 . ? 1_555 ? 
15 AC2 2  LEU A 133 ? LEU A 132 . ? 1_555 ? 
16 AC2 2  HEM B .   ? HEM A 260 . ? 1_555 ? 
# 
_pdbx_entry_details.entry_id                   1EUO 
_pdbx_entry_details.compound_details           ? 
_pdbx_entry_details.source_details             ? 
_pdbx_entry_details.nonpolymer_details         ? 
_pdbx_entry_details.sequence_details           ? 
_pdbx_entry_details.has_ligand_of_interest     ? 
_pdbx_entry_details.has_protein_modification   Y 
# 
loop_
_pdbx_validate_torsion.id 
_pdbx_validate_torsion.PDB_model_num 
_pdbx_validate_torsion.auth_comp_id 
_pdbx_validate_torsion.auth_asym_id 
_pdbx_validate_torsion.auth_seq_id 
_pdbx_validate_torsion.PDB_ins_code 
_pdbx_validate_torsion.label_alt_id 
_pdbx_validate_torsion.phi 
_pdbx_validate_torsion.psi 
1 1 ASN A 5   ? ? -99.15  42.67   
2 1 THR A 35  ? ? -122.18 -50.42  
3 1 SER A 77  ? ? -51.18  -75.64  
4 1 ASP A 112 ? ? -126.35 -160.82 
5 1 GLU A 124 ? ? -116.23 74.26   
# 
_pdbx_struct_special_symmetry.id              1 
_pdbx_struct_special_symmetry.PDB_model_num   1 
_pdbx_struct_special_symmetry.auth_asym_id    A 
_pdbx_struct_special_symmetry.auth_comp_id    HOH 
_pdbx_struct_special_symmetry.auth_seq_id     259 
_pdbx_struct_special_symmetry.PDB_ins_code    ? 
_pdbx_struct_special_symmetry.label_asym_id   D 
_pdbx_struct_special_symmetry.label_comp_id   HOH 
_pdbx_struct_special_symmetry.label_seq_id    . 
# 
loop_
_chem_comp_atom.comp_id 
_chem_comp_atom.atom_id 
_chem_comp_atom.type_symbol 
_chem_comp_atom.pdbx_aromatic_flag 
_chem_comp_atom.pdbx_stereo_config 
_chem_comp_atom.pdbx_ordinal 
ALA N    N  N N 1   
ALA CA   C  N S 2   
ALA C    C  N N 3   
ALA O    O  N N 4   
ALA CB   C  N N 5   
ALA OXT  O  N N 6   
ALA H    H  N N 7   
ALA H2   H  N N 8   
ALA HA   H  N N 9   
ALA HB1  H  N N 10  
ALA HB2  H  N N 11  
ALA HB3  H  N N 12  
ALA HXT  H  N N 13  
ARG N    N  N N 14  
ARG CA   C  N S 15  
ARG C    C  N N 16  
ARG O    O  N N 17  
ARG CB   C  N N 18  
ARG CG   C  N N 19  
ARG CD   C  N N 20  
ARG NE   N  N N 21  
ARG CZ   C  N N 22  
ARG NH1  N  N N 23  
ARG NH2  N  N N 24  
ARG OXT  O  N N 25  
ARG H    H  N N 26  
ARG H2   H  N N 27  
ARG HA   H  N N 28  
ARG HB2  H  N N 29  
ARG HB3  H  N N 30  
ARG HG2  H  N N 31  
ARG HG3  H  N N 32  
ARG HD2  H  N N 33  
ARG HD3  H  N N 34  
ARG HE   H  N N 35  
ARG HH11 H  N N 36  
ARG HH12 H  N N 37  
ARG HH21 H  N N 38  
ARG HH22 H  N N 39  
ARG HXT  H  N N 40  
ASN N    N  N N 41  
ASN CA   C  N S 42  
ASN C    C  N N 43  
ASN O    O  N N 44  
ASN CB   C  N N 45  
ASN CG   C  N N 46  
ASN OD1  O  N N 47  
ASN ND2  N  N N 48  
ASN OXT  O  N N 49  
ASN H    H  N N 50  
ASN H2   H  N N 51  
ASN HA   H  N N 52  
ASN HB2  H  N N 53  
ASN HB3  H  N N 54  
ASN HD21 H  N N 55  
ASN HD22 H  N N 56  
ASN HXT  H  N N 57  
ASP N    N  N N 58  
ASP CA   C  N S 59  
ASP C    C  N N 60  
ASP O    O  N N 61  
ASP CB   C  N N 62  
ASP CG   C  N N 63  
ASP OD1  O  N N 64  
ASP OD2  O  N N 65  
ASP OXT  O  N N 66  
ASP H    H  N N 67  
ASP H2   H  N N 68  
ASP HA   H  N N 69  
ASP HB2  H  N N 70  
ASP HB3  H  N N 71  
ASP HD2  H  N N 72  
ASP HXT  H  N N 73  
CYS N    N  N N 74  
CYS CA   C  N R 75  
CYS C    C  N N 76  
CYS O    O  N N 77  
CYS CB   C  N N 78  
CYS SG   S  N N 79  
CYS OXT  O  N N 80  
CYS H    H  N N 81  
CYS H2   H  N N 82  
CYS HA   H  N N 83  
CYS HB2  H  N N 84  
CYS HB3  H  N N 85  
CYS HG   H  N N 86  
CYS HXT  H  N N 87  
GLN N    N  N N 88  
GLN CA   C  N S 89  
GLN C    C  N N 90  
GLN O    O  N N 91  
GLN CB   C  N N 92  
GLN CG   C  N N 93  
GLN CD   C  N N 94  
GLN OE1  O  N N 95  
GLN NE2  N  N N 96  
GLN OXT  O  N N 97  
GLN H    H  N N 98  
GLN H2   H  N N 99  
GLN HA   H  N N 100 
GLN HB2  H  N N 101 
GLN HB3  H  N N 102 
GLN HG2  H  N N 103 
GLN HG3  H  N N 104 
GLN HE21 H  N N 105 
GLN HE22 H  N N 106 
GLN HXT  H  N N 107 
GLU N    N  N N 108 
GLU CA   C  N S 109 
GLU C    C  N N 110 
GLU O    O  N N 111 
GLU CB   C  N N 112 
GLU CG   C  N N 113 
GLU CD   C  N N 114 
GLU OE1  O  N N 115 
GLU OE2  O  N N 116 
GLU OXT  O  N N 117 
GLU H    H  N N 118 
GLU H2   H  N N 119 
GLU HA   H  N N 120 
GLU HB2  H  N N 121 
GLU HB3  H  N N 122 
GLU HG2  H  N N 123 
GLU HG3  H  N N 124 
GLU HE2  H  N N 125 
GLU HXT  H  N N 126 
GLY N    N  N N 127 
GLY CA   C  N N 128 
GLY C    C  N N 129 
GLY O    O  N N 130 
GLY OXT  O  N N 131 
GLY H    H  N N 132 
GLY H2   H  N N 133 
GLY HA2  H  N N 134 
GLY HA3  H  N N 135 
GLY HXT  H  N N 136 
HEM CHA  C  N N 137 
HEM CHB  C  N N 138 
HEM CHC  C  N N 139 
HEM CHD  C  N N 140 
HEM C1A  C  Y N 141 
HEM C2A  C  Y N 142 
HEM C3A  C  Y N 143 
HEM C4A  C  Y N 144 
HEM CMA  C  N N 145 
HEM CAA  C  N N 146 
HEM CBA  C  N N 147 
HEM CGA  C  N N 148 
HEM O1A  O  N N 149 
HEM O2A  O  N N 150 
HEM C1B  C  N N 151 
HEM C2B  C  N N 152 
HEM C3B  C  N N 153 
HEM C4B  C  N N 154 
HEM CMB  C  N N 155 
HEM CAB  C  N N 156 
HEM CBB  C  N N 157 
HEM C1C  C  Y N 158 
HEM C2C  C  Y N 159 
HEM C3C  C  Y N 160 
HEM C4C  C  Y N 161 
HEM CMC  C  N N 162 
HEM CAC  C  N N 163 
HEM CBC  C  N N 164 
HEM C1D  C  N N 165 
HEM C2D  C  N N 166 
HEM C3D  C  N N 167 
HEM C4D  C  N N 168 
HEM CMD  C  N N 169 
HEM CAD  C  N N 170 
HEM CBD  C  N N 171 
HEM CGD  C  N N 172 
HEM O1D  O  N N 173 
HEM O2D  O  N N 174 
HEM NA   N  Y N 175 
HEM NB   N  N N 176 
HEM NC   N  Y N 177 
HEM ND   N  N N 178 
HEM FE   FE N N 179 
HEM HHB  H  N N 180 
HEM HHC  H  N N 181 
HEM HHD  H  N N 182 
HEM HMA  H  N N 183 
HEM HMAA H  N N 184 
HEM HMAB H  N N 185 
HEM HAA  H  N N 186 
HEM HAAA H  N N 187 
HEM HBA  H  N N 188 
HEM HBAA H  N N 189 
HEM HMB  H  N N 190 
HEM HMBA H  N N 191 
HEM HMBB H  N N 192 
HEM HAB  H  N N 193 
HEM HBB  H  N N 194 
HEM HBBA H  N N 195 
HEM HMC  H  N N 196 
HEM HMCA H  N N 197 
HEM HMCB H  N N 198 
HEM HAC  H  N N 199 
HEM HBC  H  N N 200 
HEM HBCA H  N N 201 
HEM HMD  H  N N 202 
HEM HMDA H  N N 203 
HEM HMDB H  N N 204 
HEM HAD  H  N N 205 
HEM HADA H  N N 206 
HEM HBD  H  N N 207 
HEM HBDA H  N N 208 
HEM H2A  H  N N 209 
HEM H2D  H  N N 210 
HEM HHA  H  N N 211 
HIS N    N  N N 212 
HIS CA   C  N S 213 
HIS C    C  N N 214 
HIS O    O  N N 215 
HIS CB   C  N N 216 
HIS CG   C  Y N 217 
HIS ND1  N  Y N 218 
HIS CD2  C  Y N 219 
HIS CE1  C  Y N 220 
HIS NE2  N  Y N 221 
HIS OXT  O  N N 222 
HIS H    H  N N 223 
HIS H2   H  N N 224 
HIS HA   H  N N 225 
HIS HB2  H  N N 226 
HIS HB3  H  N N 227 
HIS HD1  H  N N 228 
HIS HD2  H  N N 229 
HIS HE1  H  N N 230 
HIS HE2  H  N N 231 
HIS HXT  H  N N 232 
HOH O    O  N N 233 
HOH H1   H  N N 234 
HOH H2   H  N N 235 
ILE N    N  N N 236 
ILE CA   C  N S 237 
ILE C    C  N N 238 
ILE O    O  N N 239 
ILE CB   C  N S 240 
ILE CG1  C  N N 241 
ILE CG2  C  N N 242 
ILE CD1  C  N N 243 
ILE OXT  O  N N 244 
ILE H    H  N N 245 
ILE H2   H  N N 246 
ILE HA   H  N N 247 
ILE HB   H  N N 248 
ILE HG12 H  N N 249 
ILE HG13 H  N N 250 
ILE HG21 H  N N 251 
ILE HG22 H  N N 252 
ILE HG23 H  N N 253 
ILE HD11 H  N N 254 
ILE HD12 H  N N 255 
ILE HD13 H  N N 256 
ILE HXT  H  N N 257 
LEU N    N  N N 258 
LEU CA   C  N S 259 
LEU C    C  N N 260 
LEU O    O  N N 261 
LEU CB   C  N N 262 
LEU CG   C  N N 263 
LEU CD1  C  N N 264 
LEU CD2  C  N N 265 
LEU OXT  O  N N 266 
LEU H    H  N N 267 
LEU H2   H  N N 268 
LEU HA   H  N N 269 
LEU HB2  H  N N 270 
LEU HB3  H  N N 271 
LEU HG   H  N N 272 
LEU HD11 H  N N 273 
LEU HD12 H  N N 274 
LEU HD13 H  N N 275 
LEU HD21 H  N N 276 
LEU HD22 H  N N 277 
LEU HD23 H  N N 278 
LEU HXT  H  N N 279 
LYS N    N  N N 280 
LYS CA   C  N S 281 
LYS C    C  N N 282 
LYS O    O  N N 283 
LYS CB   C  N N 284 
LYS CG   C  N N 285 
LYS CD   C  N N 286 
LYS CE   C  N N 287 
LYS NZ   N  N N 288 
LYS OXT  O  N N 289 
LYS H    H  N N 290 
LYS H2   H  N N 291 
LYS HA   H  N N 292 
LYS HB2  H  N N 293 
LYS HB3  H  N N 294 
LYS HG2  H  N N 295 
LYS HG3  H  N N 296 
LYS HD2  H  N N 297 
LYS HD3  H  N N 298 
LYS HE2  H  N N 299 
LYS HE3  H  N N 300 
LYS HZ1  H  N N 301 
LYS HZ2  H  N N 302 
LYS HZ3  H  N N 303 
LYS HXT  H  N N 304 
MET N    N  N N 305 
MET CA   C  N S 306 
MET C    C  N N 307 
MET O    O  N N 308 
MET CB   C  N N 309 
MET CG   C  N N 310 
MET SD   S  N N 311 
MET CE   C  N N 312 
MET OXT  O  N N 313 
MET H    H  N N 314 
MET H2   H  N N 315 
MET HA   H  N N 316 
MET HB2  H  N N 317 
MET HB3  H  N N 318 
MET HG2  H  N N 319 
MET HG3  H  N N 320 
MET HE1  H  N N 321 
MET HE2  H  N N 322 
MET HE3  H  N N 323 
MET HXT  H  N N 324 
NH3 N    N  N N 325 
NH3 HN1  H  N N 326 
NH3 HN2  H  N N 327 
NH3 HN3  H  N N 328 
PHE N    N  N N 329 
PHE CA   C  N S 330 
PHE C    C  N N 331 
PHE O    O  N N 332 
PHE CB   C  N N 333 
PHE CG   C  Y N 334 
PHE CD1  C  Y N 335 
PHE CD2  C  Y N 336 
PHE CE1  C  Y N 337 
PHE CE2  C  Y N 338 
PHE CZ   C  Y N 339 
PHE OXT  O  N N 340 
PHE H    H  N N 341 
PHE H2   H  N N 342 
PHE HA   H  N N 343 
PHE HB2  H  N N 344 
PHE HB3  H  N N 345 
PHE HD1  H  N N 346 
PHE HD2  H  N N 347 
PHE HE1  H  N N 348 
PHE HE2  H  N N 349 
PHE HZ   H  N N 350 
PHE HXT  H  N N 351 
PRO N    N  N N 352 
PRO CA   C  N S 353 
PRO C    C  N N 354 
PRO O    O  N N 355 
PRO CB   C  N N 356 
PRO CG   C  N N 357 
PRO CD   C  N N 358 
PRO OXT  O  N N 359 
PRO H    H  N N 360 
PRO HA   H  N N 361 
PRO HB2  H  N N 362 
PRO HB3  H  N N 363 
PRO HG2  H  N N 364 
PRO HG3  H  N N 365 
PRO HD2  H  N N 366 
PRO HD3  H  N N 367 
PRO HXT  H  N N 368 
SER N    N  N N 369 
SER CA   C  N S 370 
SER C    C  N N 371 
SER O    O  N N 372 
SER CB   C  N N 373 
SER OG   O  N N 374 
SER OXT  O  N N 375 
SER H    H  N N 376 
SER H2   H  N N 377 
SER HA   H  N N 378 
SER HB2  H  N N 379 
SER HB3  H  N N 380 
SER HG   H  N N 381 
SER HXT  H  N N 382 
THR N    N  N N 383 
THR CA   C  N S 384 
THR C    C  N N 385 
THR O    O  N N 386 
THR CB   C  N R 387 
THR OG1  O  N N 388 
THR CG2  C  N N 389 
THR OXT  O  N N 390 
THR H    H  N N 391 
THR H2   H  N N 392 
THR HA   H  N N 393 
THR HB   H  N N 394 
THR HG1  H  N N 395 
THR HG21 H  N N 396 
THR HG22 H  N N 397 
THR HG23 H  N N 398 
THR HXT  H  N N 399 
TRP N    N  N N 400 
TRP CA   C  N S 401 
TRP C    C  N N 402 
TRP O    O  N N 403 
TRP CB   C  N N 404 
TRP CG   C  Y N 405 
TRP CD1  C  Y N 406 
TRP CD2  C  Y N 407 
TRP NE1  N  Y N 408 
TRP CE2  C  Y N 409 
TRP CE3  C  Y N 410 
TRP CZ2  C  Y N 411 
TRP CZ3  C  Y N 412 
TRP CH2  C  Y N 413 
TRP OXT  O  N N 414 
TRP H    H  N N 415 
TRP H2   H  N N 416 
TRP HA   H  N N 417 
TRP HB2  H  N N 418 
TRP HB3  H  N N 419 
TRP HD1  H  N N 420 
TRP HE1  H  N N 421 
TRP HE3  H  N N 422 
TRP HZ2  H  N N 423 
TRP HZ3  H  N N 424 
TRP HH2  H  N N 425 
TRP HXT  H  N N 426 
TYR N    N  N N 427 
TYR CA   C  N S 428 
TYR C    C  N N 429 
TYR O    O  N N 430 
TYR CB   C  N N 431 
TYR CG   C  Y N 432 
TYR CD1  C  Y N 433 
TYR CD2  C  Y N 434 
TYR CE1  C  Y N 435 
TYR CE2  C  Y N 436 
TYR CZ   C  Y N 437 
TYR OH   O  N N 438 
TYR OXT  O  N N 439 
TYR H    H  N N 440 
TYR H2   H  N N 441 
TYR HA   H  N N 442 
TYR HB2  H  N N 443 
TYR HB3  H  N N 444 
TYR HD1  H  N N 445 
TYR HD2  H  N N 446 
TYR HE1  H  N N 447 
TYR HE2  H  N N 448 
TYR HH   H  N N 449 
TYR HXT  H  N N 450 
VAL N    N  N N 451 
VAL CA   C  N S 452 
VAL C    C  N N 453 
VAL O    O  N N 454 
VAL CB   C  N N 455 
VAL CG1  C  N N 456 
VAL CG2  C  N N 457 
VAL OXT  O  N N 458 
VAL H    H  N N 459 
VAL H2   H  N N 460 
VAL HA   H  N N 461 
VAL HB   H  N N 462 
VAL HG11 H  N N 463 
VAL HG12 H  N N 464 
VAL HG13 H  N N 465 
VAL HG21 H  N N 466 
VAL HG22 H  N N 467 
VAL HG23 H  N N 468 
VAL HXT  H  N N 469 
# 
loop_
_chem_comp_bond.comp_id 
_chem_comp_bond.atom_id_1 
_chem_comp_bond.atom_id_2 
_chem_comp_bond.value_order 
_chem_comp_bond.pdbx_aromatic_flag 
_chem_comp_bond.pdbx_stereo_config 
_chem_comp_bond.pdbx_ordinal 
ALA N   CA   sing N N 1   
ALA N   H    sing N N 2   
ALA N   H2   sing N N 3   
ALA CA  C    sing N N 4   
ALA CA  CB   sing N N 5   
ALA CA  HA   sing N N 6   
ALA C   O    doub N N 7   
ALA C   OXT  sing N N 8   
ALA CB  HB1  sing N N 9   
ALA CB  HB2  sing N N 10  
ALA CB  HB3  sing N N 11  
ALA OXT HXT  sing N N 12  
ARG N   CA   sing N N 13  
ARG N   H    sing N N 14  
ARG N   H2   sing N N 15  
ARG CA  C    sing N N 16  
ARG CA  CB   sing N N 17  
ARG CA  HA   sing N N 18  
ARG C   O    doub N N 19  
ARG C   OXT  sing N N 20  
ARG CB  CG   sing N N 21  
ARG CB  HB2  sing N N 22  
ARG CB  HB3  sing N N 23  
ARG CG  CD   sing N N 24  
ARG CG  HG2  sing N N 25  
ARG CG  HG3  sing N N 26  
ARG CD  NE   sing N N 27  
ARG CD  HD2  sing N N 28  
ARG CD  HD3  sing N N 29  
ARG NE  CZ   sing N N 30  
ARG NE  HE   sing N N 31  
ARG CZ  NH1  sing N N 32  
ARG CZ  NH2  doub N N 33  
ARG NH1 HH11 sing N N 34  
ARG NH1 HH12 sing N N 35  
ARG NH2 HH21 sing N N 36  
ARG NH2 HH22 sing N N 37  
ARG OXT HXT  sing N N 38  
ASN N   CA   sing N N 39  
ASN N   H    sing N N 40  
ASN N   H2   sing N N 41  
ASN CA  C    sing N N 42  
ASN CA  CB   sing N N 43  
ASN CA  HA   sing N N 44  
ASN C   O    doub N N 45  
ASN C   OXT  sing N N 46  
ASN CB  CG   sing N N 47  
ASN CB  HB2  sing N N 48  
ASN CB  HB3  sing N N 49  
ASN CG  OD1  doub N N 50  
ASN CG  ND2  sing N N 51  
ASN ND2 HD21 sing N N 52  
ASN ND2 HD22 sing N N 53  
ASN OXT HXT  sing N N 54  
ASP N   CA   sing N N 55  
ASP N   H    sing N N 56  
ASP N   H2   sing N N 57  
ASP CA  C    sing N N 58  
ASP CA  CB   sing N N 59  
ASP CA  HA   sing N N 60  
ASP C   O    doub N N 61  
ASP C   OXT  sing N N 62  
ASP CB  CG   sing N N 63  
ASP CB  HB2  sing N N 64  
ASP CB  HB3  sing N N 65  
ASP CG  OD1  doub N N 66  
ASP CG  OD2  sing N N 67  
ASP OD2 HD2  sing N N 68  
ASP OXT HXT  sing N N 69  
CYS N   CA   sing N N 70  
CYS N   H    sing N N 71  
CYS N   H2   sing N N 72  
CYS CA  C    sing N N 73  
CYS CA  CB   sing N N 74  
CYS CA  HA   sing N N 75  
CYS C   O    doub N N 76  
CYS C   OXT  sing N N 77  
CYS CB  SG   sing N N 78  
CYS CB  HB2  sing N N 79  
CYS CB  HB3  sing N N 80  
CYS SG  HG   sing N N 81  
CYS OXT HXT  sing N N 82  
GLN N   CA   sing N N 83  
GLN N   H    sing N N 84  
GLN N   H2   sing N N 85  
GLN CA  C    sing N N 86  
GLN CA  CB   sing N N 87  
GLN CA  HA   sing N N 88  
GLN C   O    doub N N 89  
GLN C   OXT  sing N N 90  
GLN CB  CG   sing N N 91  
GLN CB  HB2  sing N N 92  
GLN CB  HB3  sing N N 93  
GLN CG  CD   sing N N 94  
GLN CG  HG2  sing N N 95  
GLN CG  HG3  sing N N 96  
GLN CD  OE1  doub N N 97  
GLN CD  NE2  sing N N 98  
GLN NE2 HE21 sing N N 99  
GLN NE2 HE22 sing N N 100 
GLN OXT HXT  sing N N 101 
GLU N   CA   sing N N 102 
GLU N   H    sing N N 103 
GLU N   H2   sing N N 104 
GLU CA  C    sing N N 105 
GLU CA  CB   sing N N 106 
GLU CA  HA   sing N N 107 
GLU C   O    doub N N 108 
GLU C   OXT  sing N N 109 
GLU CB  CG   sing N N 110 
GLU CB  HB2  sing N N 111 
GLU CB  HB3  sing N N 112 
GLU CG  CD   sing N N 113 
GLU CG  HG2  sing N N 114 
GLU CG  HG3  sing N N 115 
GLU CD  OE1  doub N N 116 
GLU CD  OE2  sing N N 117 
GLU OE2 HE2  sing N N 118 
GLU OXT HXT  sing N N 119 
GLY N   CA   sing N N 120 
GLY N   H    sing N N 121 
GLY N   H2   sing N N 122 
GLY CA  C    sing N N 123 
GLY CA  HA2  sing N N 124 
GLY CA  HA3  sing N N 125 
GLY C   O    doub N N 126 
GLY C   OXT  sing N N 127 
GLY OXT HXT  sing N N 128 
HEM CHA C1A  sing N N 129 
HEM CHA C4D  doub N N 130 
HEM CHA HHA  sing N N 131 
HEM CHB C4A  sing N N 132 
HEM CHB C1B  doub N N 133 
HEM CHB HHB  sing N N 134 
HEM CHC C4B  sing N N 135 
HEM CHC C1C  doub N N 136 
HEM CHC HHC  sing N N 137 
HEM CHD C4C  doub N N 138 
HEM CHD C1D  sing N N 139 
HEM CHD HHD  sing N N 140 
HEM C1A C2A  doub Y N 141 
HEM C1A NA   sing Y N 142 
HEM C2A C3A  sing Y N 143 
HEM C2A CAA  sing N N 144 
HEM C3A C4A  doub Y N 145 
HEM C3A CMA  sing N N 146 
HEM C4A NA   sing Y N 147 
HEM CMA HMA  sing N N 148 
HEM CMA HMAA sing N N 149 
HEM CMA HMAB sing N N 150 
HEM CAA CBA  sing N N 151 
HEM CAA HAA  sing N N 152 
HEM CAA HAAA sing N N 153 
HEM CBA CGA  sing N N 154 
HEM CBA HBA  sing N N 155 
HEM CBA HBAA sing N N 156 
HEM CGA O1A  doub N N 157 
HEM CGA O2A  sing N N 158 
HEM C1B C2B  sing N N 159 
HEM C1B NB   sing N N 160 
HEM C2B C3B  doub N N 161 
HEM C2B CMB  sing N N 162 
HEM C3B C4B  sing N N 163 
HEM C3B CAB  sing N N 164 
HEM C4B NB   doub N N 165 
HEM CMB HMB  sing N N 166 
HEM CMB HMBA sing N N 167 
HEM CMB HMBB sing N N 168 
HEM CAB CBB  doub N N 169 
HEM CAB HAB  sing N N 170 
HEM CBB HBB  sing N N 171 
HEM CBB HBBA sing N N 172 
HEM C1C C2C  sing Y N 173 
HEM C1C NC   sing Y N 174 
HEM C2C C3C  doub Y N 175 
HEM C2C CMC  sing N N 176 
HEM C3C C4C  sing Y N 177 
HEM C3C CAC  sing N N 178 
HEM C4C NC   sing Y N 179 
HEM CMC HMC  sing N N 180 
HEM CMC HMCA sing N N 181 
HEM CMC HMCB sing N N 182 
HEM CAC CBC  doub N N 183 
HEM CAC HAC  sing N N 184 
HEM CBC HBC  sing N N 185 
HEM CBC HBCA sing N N 186 
HEM C1D C2D  sing N N 187 
HEM C1D ND   doub N N 188 
HEM C2D C3D  doub N N 189 
HEM C2D CMD  sing N N 190 
HEM C3D C4D  sing N N 191 
HEM C3D CAD  sing N N 192 
HEM C4D ND   sing N N 193 
HEM CMD HMD  sing N N 194 
HEM CMD HMDA sing N N 195 
HEM CMD HMDB sing N N 196 
HEM CAD CBD  sing N N 197 
HEM CAD HAD  sing N N 198 
HEM CAD HADA sing N N 199 
HEM CBD CGD  sing N N 200 
HEM CBD HBD  sing N N 201 
HEM CBD HBDA sing N N 202 
HEM CGD O1D  doub N N 203 
HEM CGD O2D  sing N N 204 
HEM O2A H2A  sing N N 205 
HEM O2D H2D  sing N N 206 
HEM FE  NA   sing N N 207 
HEM FE  NB   sing N N 208 
HEM FE  NC   sing N N 209 
HEM FE  ND   sing N N 210 
HIS N   CA   sing N N 211 
HIS N   H    sing N N 212 
HIS N   H2   sing N N 213 
HIS CA  C    sing N N 214 
HIS CA  CB   sing N N 215 
HIS CA  HA   sing N N 216 
HIS C   O    doub N N 217 
HIS C   OXT  sing N N 218 
HIS CB  CG   sing N N 219 
HIS CB  HB2  sing N N 220 
HIS CB  HB3  sing N N 221 
HIS CG  ND1  sing Y N 222 
HIS CG  CD2  doub Y N 223 
HIS ND1 CE1  doub Y N 224 
HIS ND1 HD1  sing N N 225 
HIS CD2 NE2  sing Y N 226 
HIS CD2 HD2  sing N N 227 
HIS CE1 NE2  sing Y N 228 
HIS CE1 HE1  sing N N 229 
HIS NE2 HE2  sing N N 230 
HIS OXT HXT  sing N N 231 
HOH O   H1   sing N N 232 
HOH O   H2   sing N N 233 
ILE N   CA   sing N N 234 
ILE N   H    sing N N 235 
ILE N   H2   sing N N 236 
ILE CA  C    sing N N 237 
ILE CA  CB   sing N N 238 
ILE CA  HA   sing N N 239 
ILE C   O    doub N N 240 
ILE C   OXT  sing N N 241 
ILE CB  CG1  sing N N 242 
ILE CB  CG2  sing N N 243 
ILE CB  HB   sing N N 244 
ILE CG1 CD1  sing N N 245 
ILE CG1 HG12 sing N N 246 
ILE CG1 HG13 sing N N 247 
ILE CG2 HG21 sing N N 248 
ILE CG2 HG22 sing N N 249 
ILE CG2 HG23 sing N N 250 
ILE CD1 HD11 sing N N 251 
ILE CD1 HD12 sing N N 252 
ILE CD1 HD13 sing N N 253 
ILE OXT HXT  sing N N 254 
LEU N   CA   sing N N 255 
LEU N   H    sing N N 256 
LEU N   H2   sing N N 257 
LEU CA  C    sing N N 258 
LEU CA  CB   sing N N 259 
LEU CA  HA   sing N N 260 
LEU C   O    doub N N 261 
LEU C   OXT  sing N N 262 
LEU CB  CG   sing N N 263 
LEU CB  HB2  sing N N 264 
LEU CB  HB3  sing N N 265 
LEU CG  CD1  sing N N 266 
LEU CG  CD2  sing N N 267 
LEU CG  HG   sing N N 268 
LEU CD1 HD11 sing N N 269 
LEU CD1 HD12 sing N N 270 
LEU CD1 HD13 sing N N 271 
LEU CD2 HD21 sing N N 272 
LEU CD2 HD22 sing N N 273 
LEU CD2 HD23 sing N N 274 
LEU OXT HXT  sing N N 275 
LYS N   CA   sing N N 276 
LYS N   H    sing N N 277 
LYS N   H2   sing N N 278 
LYS CA  C    sing N N 279 
LYS CA  CB   sing N N 280 
LYS CA  HA   sing N N 281 
LYS C   O    doub N N 282 
LYS C   OXT  sing N N 283 
LYS CB  CG   sing N N 284 
LYS CB  HB2  sing N N 285 
LYS CB  HB3  sing N N 286 
LYS CG  CD   sing N N 287 
LYS CG  HG2  sing N N 288 
LYS CG  HG3  sing N N 289 
LYS CD  CE   sing N N 290 
LYS CD  HD2  sing N N 291 
LYS CD  HD3  sing N N 292 
LYS CE  NZ   sing N N 293 
LYS CE  HE2  sing N N 294 
LYS CE  HE3  sing N N 295 
LYS NZ  HZ1  sing N N 296 
LYS NZ  HZ2  sing N N 297 
LYS NZ  HZ3  sing N N 298 
LYS OXT HXT  sing N N 299 
MET N   CA   sing N N 300 
MET N   H    sing N N 301 
MET N   H2   sing N N 302 
MET CA  C    sing N N 303 
MET CA  CB   sing N N 304 
MET CA  HA   sing N N 305 
MET C   O    doub N N 306 
MET C   OXT  sing N N 307 
MET CB  CG   sing N N 308 
MET CB  HB2  sing N N 309 
MET CB  HB3  sing N N 310 
MET CG  SD   sing N N 311 
MET CG  HG2  sing N N 312 
MET CG  HG3  sing N N 313 
MET SD  CE   sing N N 314 
MET CE  HE1  sing N N 315 
MET CE  HE2  sing N N 316 
MET CE  HE3  sing N N 317 
MET OXT HXT  sing N N 318 
NH3 N   HN1  sing N N 319 
NH3 N   HN2  sing N N 320 
NH3 N   HN3  sing N N 321 
PHE N   CA   sing N N 322 
PHE N   H    sing N N 323 
PHE N   H2   sing N N 324 
PHE CA  C    sing N N 325 
PHE CA  CB   sing N N 326 
PHE CA  HA   sing N N 327 
PHE C   O    doub N N 328 
PHE C   OXT  sing N N 329 
PHE CB  CG   sing N N 330 
PHE CB  HB2  sing N N 331 
PHE CB  HB3  sing N N 332 
PHE CG  CD1  doub Y N 333 
PHE CG  CD2  sing Y N 334 
PHE CD1 CE1  sing Y N 335 
PHE CD1 HD1  sing N N 336 
PHE CD2 CE2  doub Y N 337 
PHE CD2 HD2  sing N N 338 
PHE CE1 CZ   doub Y N 339 
PHE CE1 HE1  sing N N 340 
PHE CE2 CZ   sing Y N 341 
PHE CE2 HE2  sing N N 342 
PHE CZ  HZ   sing N N 343 
PHE OXT HXT  sing N N 344 
PRO N   CA   sing N N 345 
PRO N   CD   sing N N 346 
PRO N   H    sing N N 347 
PRO CA  C    sing N N 348 
PRO CA  CB   sing N N 349 
PRO CA  HA   sing N N 350 
PRO C   O    doub N N 351 
PRO C   OXT  sing N N 352 
PRO CB  CG   sing N N 353 
PRO CB  HB2  sing N N 354 
PRO CB  HB3  sing N N 355 
PRO CG  CD   sing N N 356 
PRO CG  HG2  sing N N 357 
PRO CG  HG3  sing N N 358 
PRO CD  HD2  sing N N 359 
PRO CD  HD3  sing N N 360 
PRO OXT HXT  sing N N 361 
SER N   CA   sing N N 362 
SER N   H    sing N N 363 
SER N   H2   sing N N 364 
SER CA  C    sing N N 365 
SER CA  CB   sing N N 366 
SER CA  HA   sing N N 367 
SER C   O    doub N N 368 
SER C   OXT  sing N N 369 
SER CB  OG   sing N N 370 
SER CB  HB2  sing N N 371 
SER CB  HB3  sing N N 372 
SER OG  HG   sing N N 373 
SER OXT HXT  sing N N 374 
THR N   CA   sing N N 375 
THR N   H    sing N N 376 
THR N   H2   sing N N 377 
THR CA  C    sing N N 378 
THR CA  CB   sing N N 379 
THR CA  HA   sing N N 380 
THR C   O    doub N N 381 
THR C   OXT  sing N N 382 
THR CB  OG1  sing N N 383 
THR CB  CG2  sing N N 384 
THR CB  HB   sing N N 385 
THR OG1 HG1  sing N N 386 
THR CG2 HG21 sing N N 387 
THR CG2 HG22 sing N N 388 
THR CG2 HG23 sing N N 389 
THR OXT HXT  sing N N 390 
TRP N   CA   sing N N 391 
TRP N   H    sing N N 392 
TRP N   H2   sing N N 393 
TRP CA  C    sing N N 394 
TRP CA  CB   sing N N 395 
TRP CA  HA   sing N N 396 
TRP C   O    doub N N 397 
TRP C   OXT  sing N N 398 
TRP CB  CG   sing N N 399 
TRP CB  HB2  sing N N 400 
TRP CB  HB3  sing N N 401 
TRP CG  CD1  doub Y N 402 
TRP CG  CD2  sing Y N 403 
TRP CD1 NE1  sing Y N 404 
TRP CD1 HD1  sing N N 405 
TRP CD2 CE2  doub Y N 406 
TRP CD2 CE3  sing Y N 407 
TRP NE1 CE2  sing Y N 408 
TRP NE1 HE1  sing N N 409 
TRP CE2 CZ2  sing Y N 410 
TRP CE3 CZ3  doub Y N 411 
TRP CE3 HE3  sing N N 412 
TRP CZ2 CH2  doub Y N 413 
TRP CZ2 HZ2  sing N N 414 
TRP CZ3 CH2  sing Y N 415 
TRP CZ3 HZ3  sing N N 416 
TRP CH2 HH2  sing N N 417 
TRP OXT HXT  sing N N 418 
TYR N   CA   sing N N 419 
TYR N   H    sing N N 420 
TYR N   H2   sing N N 421 
TYR CA  C    sing N N 422 
TYR CA  CB   sing N N 423 
TYR CA  HA   sing N N 424 
TYR C   O    doub N N 425 
TYR C   OXT  sing N N 426 
TYR CB  CG   sing N N 427 
TYR CB  HB2  sing N N 428 
TYR CB  HB3  sing N N 429 
TYR CG  CD1  doub Y N 430 
TYR CG  CD2  sing Y N 431 
TYR CD1 CE1  sing Y N 432 
TYR CD1 HD1  sing N N 433 
TYR CD2 CE2  doub Y N 434 
TYR CD2 HD2  sing N N 435 
TYR CE1 CZ   doub Y N 436 
TYR CE1 HE1  sing N N 437 
TYR CE2 CZ   sing Y N 438 
TYR CE2 HE2  sing N N 439 
TYR CZ  OH   sing N N 440 
TYR OH  HH   sing N N 441 
TYR OXT HXT  sing N N 442 
VAL N   CA   sing N N 443 
VAL N   H    sing N N 444 
VAL N   H2   sing N N 445 
VAL CA  C    sing N N 446 
VAL CA  CB   sing N N 447 
VAL CA  HA   sing N N 448 
VAL C   O    doub N N 449 
VAL C   OXT  sing N N 450 
VAL CB  CG1  sing N N 451 
VAL CB  CG2  sing N N 452 
VAL CB  HB   sing N N 453 
VAL CG1 HG11 sing N N 454 
VAL CG1 HG12 sing N N 455 
VAL CG1 HG13 sing N N 456 
VAL CG2 HG21 sing N N 457 
VAL CG2 HG22 sing N N 458 
VAL CG2 HG23 sing N N 459 
VAL OXT HXT  sing N N 460 
# 
_atom_sites.entry_id                    1EUO 
_atom_sites.fract_transf_matrix[1][1]   0.01745484 
_atom_sites.fract_transf_matrix[1][2]   -0.00207588 
_atom_sites.fract_transf_matrix[1][3]   -0.01747895 
_atom_sites.fract_transf_matrix[2][1]   0.00301257 
_atom_sites.fract_transf_matrix[2][2]   0.00686960 
_atom_sites.fract_transf_matrix[2][3]   0.00219255 
_atom_sites.fract_transf_matrix[3][1]   0.01768433 
_atom_sites.fract_transf_matrix[3][2]   -0.01391935 
_atom_sites.fract_transf_matrix[3][3]   0.01931307 
_atom_sites.fract_transf_vector[1]      0.423838 
_atom_sites.fract_transf_vector[2]      0.640263 
_atom_sites.fract_transf_vector[3]      0.724751 
# 
loop_
_atom_type.symbol 
C  
FE 
N  
O  
S  
# 
loop_
_atom_site.group_PDB 
_atom_site.id 
_atom_site.type_symbol 
_atom_site.label_atom_id 
_atom_site.label_alt_id 
_atom_site.label_comp_id 
_atom_site.label_asym_id 
_atom_site.label_entity_id 
_atom_site.label_seq_id 
_atom_site.pdbx_PDB_ins_code 
_atom_site.Cartn_x 
_atom_site.Cartn_y 
_atom_site.Cartn_z 
_atom_site.occupancy 
_atom_site.B_iso_or_equiv 
_atom_site.pdbx_formal_charge 
_atom_site.auth_seq_id 
_atom_site.auth_comp_id 
_atom_site.auth_asym_id 
_atom_site.auth_atom_id 
_atom_site.pdbx_PDB_model_num 
ATOM   1    N  N   . MET A 1 1   ? 7.714   -16.058 5.057   1.00 39.31 ? 0   MET A N   1 
ATOM   2    C  CA  . MET A 1 1   ? 6.904   -15.812 6.285   1.00 38.70 ? 0   MET A CA  1 
ATOM   3    C  C   . MET A 1 1   ? 5.454   -15.530 5.908   1.00 36.99 ? 0   MET A C   1 
ATOM   4    O  O   . MET A 1 1   ? 5.167   -14.590 5.171   1.00 36.93 ? 0   MET A O   1 
ATOM   5    C  CB  . MET A 1 1   ? 7.482   -14.629 7.063   1.00 40.30 ? 0   MET A CB  1 
ATOM   6    C  CG  . MET A 1 1   ? 7.490   -14.834 8.566   1.00 40.98 ? 0   MET A CG  1 
ATOM   7    S  SD  . MET A 1 1   ? 8.174   -13.422 9.455   1.00 42.55 ? 0   MET A SD  1 
ATOM   8    C  CE  . MET A 1 1   ? 7.589   -13.777 11.130  1.00 39.87 ? 0   MET A CE  1 
ATOM   9    N  N   . ASP A 1 2   ? 4.546   -16.350 6.425   1.00 35.62 ? 1   ASP A N   1 
ATOM   10   C  CA  . ASP A 1 2   ? 3.125   -16.215 6.131   1.00 34.37 ? 1   ASP A CA  1 
ATOM   11   C  C   . ASP A 1 2   ? 2.535   -14.937 6.713   1.00 32.52 ? 1   ASP A C   1 
ATOM   12   O  O   . ASP A 1 2   ? 2.981   -14.448 7.749   1.00 30.84 ? 1   ASP A O   1 
ATOM   13   C  CB  . ASP A 1 2   ? 2.359   -17.420 6.682   1.00 36.93 ? 1   ASP A CB  1 
ATOM   14   C  CG  . ASP A 1 2   ? 2.476   -18.645 5.793   1.00 39.19 ? 1   ASP A CG  1 
ATOM   15   O  OD1 . ASP A 1 2   ? 3.276   -18.613 4.831   1.00 39.98 ? 1   ASP A OD1 1 
ATOM   16   O  OD2 . ASP A 1 2   ? 1.766   -19.639 6.059   1.00 41.49 ? 1   ASP A OD2 1 
ATOM   17   N  N   . CYS A 1 3   ? 1.523   -14.407 6.034   1.00 31.33 ? 2   CYS A N   1 
ATOM   18   C  CA  . CYS A 1 3   ? 0.837   -13.201 6.475   1.00 31.40 ? 2   CYS A CA  1 
ATOM   19   C  C   . CYS A 1 3   ? -0.087  -13.522 7.644   1.00 31.85 ? 2   CYS A C   1 
ATOM   20   O  O   . CYS A 1 3   ? -0.528  -14.663 7.793   1.00 31.67 ? 2   CYS A O   1 
ATOM   21   C  CB  . CYS A 1 3   ? -0.017  -12.622 5.342   1.00 28.01 ? 2   CYS A CB  1 
ATOM   22   S  SG  . CYS A 1 3   ? 0.854   -12.181 3.808   1.00 25.15 ? 2   CYS A SG  1 
ATOM   23   N  N   . SER A 1 4   ? -0.382  -12.524 8.470   1.00 33.16 ? 3   SER A N   1 
ATOM   24   C  CA  . SER A 1 4   ? -1.290  -12.738 9.583   1.00 35.25 ? 3   SER A CA  1 
ATOM   25   C  C   . SER A 1 4   ? -2.671  -13.081 9.048   1.00 37.30 ? 3   SER A C   1 
ATOM   26   O  O   . SER A 1 4   ? -3.091  -12.567 8.004   1.00 35.59 ? 3   SER A O   1 
ATOM   27   C  CB  . SER A 1 4   ? -1.400  -11.485 10.459  1.00 36.22 ? 3   SER A CB  1 
ATOM   28   O  OG  . SER A 1 4   ? -0.141  -11.102 10.974  1.00 39.10 ? 3   SER A OG  1 
ATOM   29   N  N   . THR A 1 5   ? -3.370  -13.949 9.761   1.00 39.57 ? 4   THR A N   1 
ATOM   30   C  CA  . THR A 1 5   ? -4.708  -14.352 9.350   1.00 42.01 ? 4   THR A CA  1 
ATOM   31   C  C   . THR A 1 5   ? -5.769  -13.589 10.132  1.00 43.16 ? 4   THR A C   1 
ATOM   32   O  O   . THR A 1 5   ? -6.961  -13.702 9.839   1.00 44.11 ? 4   THR A O   1 
ATOM   33   C  CB  . THR A 1 5   ? -4.929  -15.845 9.598   1.00 42.80 ? 4   THR A CB  1 
ATOM   34   O  OG1 . THR A 1 5   ? -4.599  -16.140 10.961  1.00 42.99 ? 4   THR A OG1 1 
ATOM   35   C  CG2 . THR A 1 5   ? -4.068  -16.678 8.668   1.00 43.14 ? 4   THR A CG2 1 
ATOM   36   N  N   . ASN A 1 6   ? -5.342  -12.819 11.128  1.00 43.58 ? 5   ASN A N   1 
ATOM   37   C  CA  . ASN A 1 6   ? -6.281  -12.046 11.940  1.00 44.98 ? 5   ASN A CA  1 
ATOM   38   C  C   . ASN A 1 6   ? -6.367  -10.577 11.505  1.00 43.75 ? 5   ASN A C   1 
ATOM   39   O  O   . ASN A 1 6   ? -6.391  -9.689  12.362  1.00 44.55 ? 5   ASN A O   1 
ATOM   40   C  CB  . ASN A 1 6   ? -5.892  -12.072 13.423  1.00 47.90 ? 5   ASN A CB  1 
ATOM   41   C  CG  . ASN A 1 6   ? -4.935  -13.206 13.786  1.00 51.15 ? 5   ASN A CG  1 
ATOM   42   O  OD1 . ASN A 1 6   ? -5.245  -14.397 13.645  1.00 52.90 ? 5   ASN A OD1 1 
ATOM   43   N  ND2 . ASN A 1 6   ? -3.770  -12.829 14.297  1.00 52.57 ? 5   ASN A ND2 1 
ATOM   44   N  N   . ILE A 1 7   ? -6.409  -10.300 10.208  1.00 41.61 ? 6   ILE A N   1 
ATOM   45   C  CA  . ILE A 1 7   ? -6.493  -8.908  9.759   1.00 38.60 ? 6   ILE A CA  1 
ATOM   46   C  C   . ILE A 1 7   ? -7.862  -8.578  9.163   1.00 36.41 ? 6   ILE A C   1 
ATOM   47   O  O   . ILE A 1 7   ? -8.303  -9.204  8.199   1.00 36.37 ? 6   ILE A O   1 
ATOM   48   C  CB  . ILE A 1 7   ? -5.400  -8.553  8.711   1.00 38.09 ? 6   ILE A CB  1 
ATOM   49   C  CG1 . ILE A 1 7   ? -4.052  -9.149  9.132   1.00 38.28 ? 6   ILE A CG1 1 
ATOM   50   C  CG2 . ILE A 1 7   ? -5.286  -7.034  8.577   1.00 37.40 ? 6   ILE A CG2 1 
ATOM   51   C  CD1 . ILE A 1 7   ? -3.389  -8.423  10.295  1.00 38.67 ? 6   ILE A CD1 1 
ATOM   52   N  N   . SER A 1 8   ? -8.527  -7.584  9.744   1.00 33.46 ? 7   SER A N   1 
ATOM   53   C  CA  . SER A 1 8   ? -9.837  -7.160  9.272   1.00 32.24 ? 7   SER A CA  1 
ATOM   54   C  C   . SER A 1 8   ? -9.927  -5.637  9.193   1.00 30.87 ? 7   SER A C   1 
ATOM   55   O  O   . SER A 1 8   ? -9.328  -4.927  10.000  1.00 30.32 ? 7   SER A O   1 
ATOM   56   C  CB  . SER A 1 8   ? -10.935 -7.690  10.202  1.00 34.29 ? 7   SER A CB  1 
ATOM   57   O  OG  . SER A 1 8   ? -10.697 -7.286  11.541  1.00 38.41 ? 7   SER A OG  1 
ATOM   58   N  N   . PRO A 1 9   ? -10.675 -5.116  8.205   1.00 28.85 ? 8   PRO A N   1 
ATOM   59   C  CA  . PRO A 1 9   ? -10.844 -3.672  8.019   1.00 29.34 ? 8   PRO A CA  1 
ATOM   60   C  C   . PRO A 1 9   ? -11.668 -3.030  9.126   1.00 29.55 ? 8   PRO A C   1 
ATOM   61   O  O   . PRO A 1 9   ? -12.499 -3.684  9.748   1.00 29.47 ? 8   PRO A O   1 
ATOM   62   C  CB  . PRO A 1 9   ? -11.543 -3.566  6.671   1.00 28.46 ? 8   PRO A CB  1 
ATOM   63   C  CG  . PRO A 1 9   ? -12.281 -4.849  6.544   1.00 28.04 ? 8   PRO A CG  1 
ATOM   64   C  CD  . PRO A 1 9   ? -11.397 -5.884  7.175   1.00 27.88 ? 8   PRO A CD  1 
ATOM   65   N  N   . LYS A 1 10  ? -11.440 -1.744  9.360   1.00 30.27 ? 9   LYS A N   1 
ATOM   66   C  CA  . LYS A 1 10  ? -12.179 -1.018  10.382  1.00 30.58 ? 9   LYS A CA  1 
ATOM   67   C  C   . LYS A 1 10  ? -13.603 -0.730  9.902   1.00 31.03 ? 9   LYS A C   1 
ATOM   68   O  O   . LYS A 1 10  ? -13.802 -0.180  8.820   1.00 28.52 ? 9   LYS A O   1 
ATOM   69   C  CB  . LYS A 1 10  ? -11.468 0.296   10.708  1.00 30.65 ? 9   LYS A CB  1 
ATOM   70   C  CG  . LYS A 1 10  ? -12.159 1.120   11.776  1.00 31.38 ? 9   LYS A CG  1 
ATOM   71   C  CD  . LYS A 1 10  ? -11.428 2.428   12.020  1.00 32.67 ? 9   LYS A CD  1 
ATOM   72   C  CE  . LYS A 1 10  ? -11.779 3.012   13.379  1.00 34.52 ? 9   LYS A CE  1 
ATOM   73   N  NZ  . LYS A 1 10  ? -11.760 4.501   13.368  1.00 34.72 ? 9   LYS A NZ  1 
ATOM   74   N  N   . GLN A 1 11  ? -14.587 -1.100  10.714  1.00 32.67 ? 10  GLN A N   1 
ATOM   75   C  CA  . GLN A 1 11  ? -15.992 -0.896  10.368  1.00 33.84 ? 10  GLN A CA  1 
ATOM   76   C  C   . GLN A 1 11  ? -16.365 0.581   10.371  1.00 33.24 ? 10  GLN A C   1 
ATOM   77   O  O   . GLN A 1 11  ? -15.919 1.345   11.224  1.00 34.55 ? 10  GLN A O   1 
ATOM   78   C  CB  . GLN A 1 11  ? -16.889 -1.644  11.361  1.00 36.32 ? 10  GLN A CB  1 
ATOM   79   C  CG  . GLN A 1 11  ? -17.253 -3.066  10.942  1.00 41.38 ? 10  GLN A CG  1 
ATOM   80   C  CD  . GLN A 1 11  ? -18.636 -3.488  11.428  1.00 44.00 ? 10  GLN A CD  1 
ATOM   81   O  OE1 . GLN A 1 11  ? -19.212 -2.867  12.326  1.00 44.34 ? 10  GLN A OE1 1 
ATOM   82   N  NE2 . GLN A 1 11  ? -19.174 -4.548  10.832  1.00 45.14 ? 10  GLN A NE2 1 
ATOM   83   N  N   . GLY A 1 12  ? -17.181 0.986   9.404   1.00 32.87 ? 11  GLY A N   1 
ATOM   84   C  CA  . GLY A 1 12  ? -17.620 2.368   9.362   1.00 32.92 ? 11  GLY A CA  1 
ATOM   85   C  C   . GLY A 1 12  ? -16.725 3.350   8.634   1.00 33.59 ? 11  GLY A C   1 
ATOM   86   O  O   . GLY A 1 12  ? -17.023 4.545   8.606   1.00 34.60 ? 11  GLY A O   1 
ATOM   87   N  N   . LEU A 1 13  ? -15.628 2.867   8.059   1.00 33.53 ? 12  LEU A N   1 
ATOM   88   C  CA  . LEU A 1 13  ? -14.729 3.739   7.310   1.00 33.86 ? 12  LEU A CA  1 
ATOM   89   C  C   . LEU A 1 13  ? -15.440 4.251   6.061   1.00 33.46 ? 12  LEU A C   1 
ATOM   90   O  O   . LEU A 1 13  ? -16.138 3.503   5.380   1.00 32.94 ? 12  LEU A O   1 
ATOM   91   C  CB  . LEU A 1 13  ? -13.464 2.981   6.886   1.00 34.51 ? 12  LEU A CB  1 
ATOM   92   C  CG  . LEU A 1 13  ? -12.349 2.781   7.917   1.00 37.45 ? 12  LEU A CG  1 
ATOM   93   C  CD1 . LEU A 1 13  ? -11.152 2.125   7.240   1.00 37.61 ? 12  LEU A CD1 1 
ATOM   94   C  CD2 . LEU A 1 13  ? -11.936 4.117   8.528   1.00 37.59 ? 12  LEU A CD2 1 
ATOM   95   N  N   . ASP A 1 14  ? -15.266 5.527   5.761   1.00 33.71 ? 13  ASP A N   1 
ATOM   96   C  CA  . ASP A 1 14  ? -15.888 6.116   4.587   1.00 34.01 ? 13  ASP A CA  1 
ATOM   97   C  C   . ASP A 1 14  ? -14.934 5.994   3.386   1.00 32.04 ? 13  ASP A C   1 
ATOM   98   O  O   . ASP A 1 14  ? -13.851 6.582   3.371   1.00 32.15 ? 13  ASP A O   1 
ATOM   99   C  CB  . ASP A 1 14  ? -16.265 7.573   4.914   1.00 36.07 ? 13  ASP A CB  1 
ATOM   100  C  CG  . ASP A 1 14  ? -16.621 8.395   3.695   1.00 37.21 ? 13  ASP A CG  1 
ATOM   101  O  OD1 . ASP A 1 14  ? -17.199 7.856   2.729   1.00 36.15 ? 13  ASP A OD1 1 
ATOM   102  O  OD2 . ASP A 1 14  ? -16.313 9.608   3.720   1.00 40.19 ? 13  ASP A OD2 1 
ATOM   103  N  N   . LYS A 1 15  ? -15.344 5.198   2.407   1.00 30.82 ? 14  LYS A N   1 
ATOM   104  C  CA  . LYS A 1 15  ? -14.565 4.927   1.195   1.00 30.62 ? 14  LYS A CA  1 
ATOM   105  C  C   . LYS A 1 15  ? -13.988 6.190   0.574   1.00 29.00 ? 14  LYS A C   1 
ATOM   106  O  O   . LYS A 1 15  ? -12.865 6.185   0.077   1.00 27.85 ? 14  LYS A O   1 
ATOM   107  C  CB  . LYS A 1 15  ? -15.442 4.234   0.150   1.00 31.14 ? 14  LYS A CB  1 
ATOM   108  C  CG  . LYS A 1 15  ? -15.771 2.789   0.450   1.00 34.95 ? 14  LYS A CG  1 
ATOM   109  C  CD  . LYS A 1 15  ? -16.578 2.164   -0.679  1.00 35.42 ? 14  LYS A CD  1 
ATOM   110  C  CE  . LYS A 1 15  ? -17.654 3.115   -1.187  1.00 36.66 ? 14  LYS A CE  1 
ATOM   111  N  NZ  . LYS A 1 15  ? -17.437 3.473   -2.615  1.00 38.22 ? 14  LYS A NZ  1 
ATOM   112  N  N   . ALA A 1 16  ? -14.766 7.263   0.596   1.00 28.77 ? 15  ALA A N   1 
ATOM   113  C  CA  . ALA A 1 16  ? -14.352 8.532   0.010   1.00 27.99 ? 15  ALA A CA  1 
ATOM   114  C  C   . ALA A 1 16  ? -13.028 9.031   0.581   1.00 27.73 ? 15  ALA A C   1 
ATOM   115  O  O   . ALA A 1 16  ? -12.271 9.696   -0.120  1.00 28.79 ? 15  ALA A O   1 
ATOM   116  C  CB  . ALA A 1 16  ? -15.435 9.576   0.220   1.00 29.31 ? 15  ALA A CB  1 
ATOM   117  N  N   . LYS A 1 17  ? -12.751 8.713   1.839   1.00 25.92 ? 16  LYS A N   1 
ATOM   118  C  CA  . LYS A 1 17  ? -11.515 9.162   2.480   1.00 25.86 ? 16  LYS A CA  1 
ATOM   119  C  C   . LYS A 1 17  ? -10.295 8.380   1.993   1.00 23.31 ? 16  LYS A C   1 
ATOM   120  O  O   . LYS A 1 17  ? -9.183  8.914   1.964   1.00 22.28 ? 16  LYS A O   1 
ATOM   121  C  CB  . LYS A 1 17  ? -11.620 9.027   4.002   1.00 26.42 ? 16  LYS A CB  1 
ATOM   122  C  CG  . LYS A 1 17  ? -12.818 9.737   4.605   1.00 31.07 ? 16  LYS A CG  1 
ATOM   123  C  CD  . LYS A 1 17  ? -12.427 11.078  5.193   1.00 31.06 ? 16  LYS A CD  1 
ATOM   124  C  CE  . LYS A 1 17  ? -13.640 11.804  5.747   1.00 32.88 ? 16  LYS A CE  1 
ATOM   125  N  NZ  . LYS A 1 17  ? -14.076 12.897  4.835   1.00 34.17 ? 16  LYS A NZ  1 
ATOM   126  N  N   . TYR A 1 18  ? -10.498 7.126   1.605   1.00 20.43 ? 17  TYR A N   1 
ATOM   127  C  CA  . TYR A 1 18  ? -9.387  6.305   1.147   1.00 18.85 ? 17  TYR A CA  1 
ATOM   128  C  C   . TYR A 1 18  ? -9.183  6.357   -0.371  1.00 19.45 ? 17  TYR A C   1 
ATOM   129  O  O   . TYR A 1 18  ? -8.037  6.419   -0.841  1.00 16.05 ? 17  TYR A O   1 
ATOM   130  C  CB  . TYR A 1 18  ? -9.585  4.845   1.578   1.00 18.38 ? 17  TYR A CB  1 
ATOM   131  C  CG  . TYR A 1 18  ? -8.496  3.936   1.059   1.00 19.78 ? 17  TYR A CG  1 
ATOM   132  C  CD1 . TYR A 1 18  ? -7.225  3.939   1.641   1.00 18.65 ? 17  TYR A CD1 1 
ATOM   133  C  CD2 . TYR A 1 18  ? -8.711  3.119   -0.051  1.00 19.32 ? 17  TYR A CD2 1 
ATOM   134  C  CE1 . TYR A 1 18  ? -6.193  3.159   1.126   1.00 20.15 ? 17  TYR A CE1 1 
ATOM   135  C  CE2 . TYR A 1 18  ? -7.682  2.333   -0.576  1.00 18.05 ? 17  TYR A CE2 1 
ATOM   136  C  CZ  . TYR A 1 18  ? -6.428  2.359   0.018   1.00 19.77 ? 17  TYR A CZ  1 
ATOM   137  O  OH  . TYR A 1 18  ? -5.411  1.590   -0.502  1.00 19.29 ? 17  TYR A OH  1 
ATOM   138  N  N   . PHE A 1 19  ? -10.273 6.335   -1.135  1.00 19.32 ? 18  PHE A N   1 
ATOM   139  C  CA  . PHE A 1 19  ? -10.171 6.317   -2.596  1.00 21.47 ? 18  PHE A CA  1 
ATOM   140  C  C   . PHE A 1 19  ? -10.137 7.701   -3.220  1.00 24.26 ? 18  PHE A C   1 
ATOM   141  O  O   . PHE A 1 19  ? -10.931 7.993   -4.112  1.00 26.86 ? 18  PHE A O   1 
ATOM   142  C  CB  . PHE A 1 19  ? -11.321 5.511   -3.194  1.00 21.77 ? 18  PHE A CB  1 
ATOM   143  C  CG  . PHE A 1 19  ? -11.216 4.037   -2.935  1.00 19.74 ? 18  PHE A CG  1 
ATOM   144  C  CD1 . PHE A 1 19  ? -10.167 3.299   -3.480  1.00 19.46 ? 18  PHE A CD1 1 
ATOM   145  C  CD2 . PHE A 1 19  ? -12.140 3.389   -2.125  1.00 20.19 ? 18  PHE A CD2 1 
ATOM   146  C  CE1 . PHE A 1 19  ? -10.035 1.941   -3.218  1.00 17.54 ? 18  PHE A CE1 1 
ATOM   147  C  CE2 . PHE A 1 19  ? -12.020 2.031   -1.855  1.00 18.95 ? 18  PHE A CE2 1 
ATOM   148  C  CZ  . PHE A 1 19  ? -10.964 1.303   -2.403  1.00 21.52 ? 18  PHE A CZ  1 
ATOM   149  N  N   . SER A 1 20  ? -9.212  8.541   -2.766  1.00 25.32 ? 19  SER A N   1 
ATOM   150  C  CA  . SER A 1 20  ? -9.068  9.891   -3.301  1.00 26.74 ? 19  SER A CA  1 
ATOM   151  C  C   . SER A 1 20  ? -7.621  10.362  -3.212  1.00 24.57 ? 19  SER A C   1 
ATOM   152  O  O   . SER A 1 20  ? -6.861  9.934   -2.335  1.00 24.29 ? 19  SER A O   1 
ATOM   153  C  CB  . SER A 1 20  ? -9.983  10.865  -2.556  1.00 30.00 ? 19  SER A CB  1 
ATOM   154  O  OG  . SER A 1 20  ? -9.338  11.387  -1.409  1.00 35.32 ? 19  SER A OG  1 
ATOM   155  N  N   . GLY A 1 21  ? -7.247  11.239  -4.136  1.00 22.15 ? 20  GLY A N   1 
ATOM   156  C  CA  . GLY A 1 21  ? -5.895  11.761  -4.169  1.00 20.71 ? 20  GLY A CA  1 
ATOM   157  C  C   . GLY A 1 21  ? -4.881  10.651  -4.365  1.00 18.85 ? 20  GLY A C   1 
ATOM   158  O  O   . GLY A 1 21  ? -5.200  9.580   -4.877  1.00 19.27 ? 20  GLY A O   1 
ATOM   159  N  N   . LYS A 1 22  ? -3.648  10.924  -3.968  1.00 18.99 ? 21  LYS A N   1 
ATOM   160  C  CA  . LYS A 1 22  ? -2.574  9.950   -4.056  1.00 18.10 ? 21  LYS A CA  1 
ATOM   161  C  C   . LYS A 1 22  ? -2.014  9.713   -2.658  1.00 16.64 ? 21  LYS A C   1 
ATOM   162  O  O   . LYS A 1 22  ? -2.100  10.584  -1.787  1.00 17.33 ? 21  LYS A O   1 
ATOM   163  C  CB  . LYS A 1 22  ? -1.463  10.454  -4.980  1.00 20.20 ? 21  LYS A CB  1 
ATOM   164  C  CG  . LYS A 1 22  ? -0.783  11.712  -4.485  1.00 23.25 ? 21  LYS A CG  1 
ATOM   165  C  CD  . LYS A 1 22  ? 0.449   12.051  -5.327  1.00 29.43 ? 21  LYS A CD  1 
ATOM   166  C  CE  . LYS A 1 22  ? 0.064   12.441  -6.748  1.00 30.95 ? 21  LYS A CE  1 
ATOM   167  N  NZ  . LYS A 1 22  ? 1.255   12.626  -7.634  1.00 31.64 ? 21  LYS A NZ  1 
ATOM   168  N  N   . TRP A 1 23  ? -1.449  8.541   -2.441  1.00 14.59 ? 22  TRP A N   1 
ATOM   169  C  CA  . TRP A 1 23  ? -0.898  8.227   -1.137  1.00 15.42 ? 22  TRP A CA  1 
ATOM   170  C  C   . TRP A 1 23  ? 0.608   8.008   -1.223  1.00 15.17 ? 22  TRP A C   1 
ATOM   171  O  O   . TRP A 1 23  ? 1.109   7.478   -2.210  1.00 15.89 ? 22  TRP A O   1 
ATOM   172  C  CB  . TRP A 1 23  ? -1.541  6.949   -0.583  1.00 14.73 ? 22  TRP A CB  1 
ATOM   173  C  CG  . TRP A 1 23  ? -2.988  7.067   -0.183  1.00 14.52 ? 22  TRP A CG  1 
ATOM   174  C  CD1 . TRP A 1 23  ? -4.054  6.439   -0.768  1.00 15.70 ? 22  TRP A CD1 1 
ATOM   175  C  CD2 . TRP A 1 23  ? -3.515  7.786   0.944   1.00 14.35 ? 22  TRP A CD2 1 
ATOM   176  N  NE1 . TRP A 1 23  ? -5.209  6.716   -0.072  1.00 16.12 ? 22  TRP A NE1 1 
ATOM   177  C  CE2 . TRP A 1 23  ? -4.908  7.538   0.980   1.00 16.53 ? 22  TRP A CE2 1 
ATOM   178  C  CE3 . TRP A 1 23  ? -2.946  8.611   1.927   1.00 15.26 ? 22  TRP A CE3 1 
ATOM   179  C  CZ2 . TRP A 1 23  ? -5.739  8.092   1.967   1.00 14.98 ? 22  TRP A CZ2 1 
ATOM   180  C  CZ3 . TRP A 1 23  ? -3.775  9.157   2.910   1.00 13.72 ? 22  TRP A CZ3 1 
ATOM   181  C  CH2 . TRP A 1 23  ? -5.159  8.894   2.918   1.00 14.93 ? 22  TRP A CH2 1 
ATOM   182  N  N   . TYR A 1 24  ? 1.315   8.447   -0.189  1.00 14.15 ? 23  TYR A N   1 
ATOM   183  C  CA  . TYR A 1 24  ? 2.754   8.229   -0.082  1.00 13.99 ? 23  TYR A CA  1 
ATOM   184  C  C   . TYR A 1 24  ? 3.021   7.405   1.165   1.00 15.13 ? 23  TYR A C   1 
ATOM   185  O  O   . TYR A 1 24  ? 2.434   7.681   2.218   1.00 15.45 ? 23  TYR A O   1 
ATOM   186  C  CB  . TYR A 1 24  ? 3.531   9.546   0.083   1.00 15.45 ? 23  TYR A CB  1 
ATOM   187  C  CG  . TYR A 1 24  ? 3.540   10.447  -1.128  1.00 16.69 ? 23  TYR A CG  1 
ATOM   188  C  CD1 . TYR A 1 24  ? 4.522   10.320  -2.115  1.00 16.92 ? 23  TYR A CD1 1 
ATOM   189  C  CD2 . TYR A 1 24  ? 2.573   11.439  -1.278  1.00 16.08 ? 23  TYR A CD2 1 
ATOM   190  C  CE1 . TYR A 1 24  ? 4.537   11.162  -3.230  1.00 17.73 ? 23  TYR A CE1 1 
ATOM   191  C  CE2 . TYR A 1 24  ? 2.574   12.285  -2.383  1.00 18.31 ? 23  TYR A CE2 1 
ATOM   192  C  CZ  . TYR A 1 24  ? 3.553   12.144  -3.356  1.00 20.38 ? 23  TYR A CZ  1 
ATOM   193  O  OH  . TYR A 1 24  ? 3.532   12.975  -4.456  1.00 20.62 ? 23  TYR A OH  1 
ATOM   194  N  N   . VAL A 1 25  ? 3.875   6.395   1.077   1.00 12.55 ? 24  VAL A N   1 
ATOM   195  C  CA  . VAL A 1 25  ? 4.188   5.652   2.287   1.00 12.74 ? 24  VAL A CA  1 
ATOM   196  C  C   . VAL A 1 25  ? 5.242   6.424   3.079   1.00 14.14 ? 24  VAL A C   1 
ATOM   197  O  O   . VAL A 1 25  ? 6.351   6.646   2.585   1.00 15.86 ? 24  VAL A O   1 
ATOM   198  C  CB  . VAL A 1 25  ? 4.743   4.244   1.985   1.00 12.74 ? 24  VAL A CB  1 
ATOM   199  C  CG1 . VAL A 1 25  ? 5.100   3.538   3.304   1.00 11.39 ? 24  VAL A CG1 1 
ATOM   200  C  CG2 . VAL A 1 25  ? 3.703   3.431   1.214   1.00 12.82 ? 24  VAL A CG2 1 
ATOM   201  N  N   . THR A 1 26  ? 4.892   6.847   4.290   1.00 15.22 ? 25  THR A N   1 
ATOM   202  C  CA  . THR A 1 26  ? 5.813   7.608   5.135   1.00 16.09 ? 25  THR A CA  1 
ATOM   203  C  C   . THR A 1 26  ? 6.556   6.709   6.120   1.00 16.86 ? 25  THR A C   1 
ATOM   204  O  O   . THR A 1 26  ? 7.678   7.014   6.526   1.00 16.85 ? 25  THR A O   1 
ATOM   205  C  CB  . THR A 1 26  ? 5.058   8.703   5.915   1.00 17.94 ? 25  THR A CB  1 
ATOM   206  O  OG1 . THR A 1 26  ? 4.105   8.100   6.803   1.00 15.64 ? 25  THR A OG1 1 
ATOM   207  C  CG2 . THR A 1 26  ? 4.328   9.620   4.942   1.00 17.63 ? 25  THR A CG2 1 
ATOM   208  N  N   . HIS A 1 27  ? 5.916   5.606   6.497   1.00 16.83 ? 26  HIS A N   1 
ATOM   209  C  CA  . HIS A 1 27  ? 6.484   4.630   7.418   1.00 15.43 ? 26  HIS A CA  1 
ATOM   210  C  C   . HIS A 1 27  ? 6.022   3.230   7.021   1.00 16.32 ? 26  HIS A C   1 
ATOM   211  O  O   . HIS A 1 27  ? 4.892   3.053   6.567   1.00 16.09 ? 26  HIS A O   1 
ATOM   212  C  CB  . HIS A 1 27  ? 6.017   4.877   8.867   1.00 15.69 ? 26  HIS A CB  1 
ATOM   213  C  CG  . HIS A 1 27  ? 6.262   6.268   9.370   1.00 19.07 ? 26  HIS A CG  1 
ATOM   214  N  ND1 . HIS A 1 27  ? 5.414   7.359   9.056   1.00 19.06 ? 26  HIS A ND1 1 
ATOM   215  C  CD2 . HIS A 1 27  ? 7.227   6.769   10.176  1.00 21.15 ? 26  HIS A CD2 1 
ATOM   216  C  CE1 . HIS A 1 27  ? 5.880   8.440   9.661   1.00 21.04 ? 26  HIS A CE1 1 
ATOM   217  N  NE2 . HIS A 1 27  ? 6.968   8.113   10.340  1.00 20.26 ? 26  HIS A NE2 1 
ATOM   218  N  N   . PHE A 1 28  ? 6.884   2.237   7.180   1.00 15.49 ? 27  PHE A N   1 
ATOM   219  C  CA  . PHE A 1 28  ? 6.465   0.881   6.874   1.00 15.90 ? 27  PHE A CA  1 
ATOM   220  C  C   . PHE A 1 28  ? 7.091   -0.114  7.824   1.00 17.41 ? 27  PHE A C   1 
ATOM   221  O  O   . PHE A 1 28  ? 8.165   0.124   8.397   1.00 14.60 ? 27  PHE A O   1 
ATOM   222  C  CB  . PHE A 1 28  ? 6.765   0.506   5.411   1.00 16.25 ? 27  PHE A CB  1 
ATOM   223  C  CG  . PHE A 1 28  ? 8.225   0.322   5.095   1.00 16.56 ? 27  PHE A CG  1 
ATOM   224  C  CD1 . PHE A 1 28  ? 8.868   -0.880  5.371   1.00 18.40 ? 27  PHE A CD1 1 
ATOM   225  C  CD2 . PHE A 1 28  ? 8.940   1.335   4.455   1.00 16.06 ? 27  PHE A CD2 1 
ATOM   226  C  CE1 . PHE A 1 28  ? 10.208  -1.081  5.008   1.00 19.45 ? 27  PHE A CE1 1 
ATOM   227  C  CE2 . PHE A 1 28  ? 10.277  1.150   4.087   1.00 18.05 ? 27  PHE A CE2 1 
ATOM   228  C  CZ  . PHE A 1 28  ? 10.912  -0.059  4.363   1.00 19.09 ? 27  PHE A CZ  1 
ATOM   229  N  N   . LEU A 1 29  ? 6.386   -1.221  8.005   1.00 17.96 ? 28  LEU A N   1 
ATOM   230  C  CA  . LEU A 1 29  ? 6.840   -2.284  8.874   1.00 19.90 ? 28  LEU A CA  1 
ATOM   231  C  C   . LEU A 1 29  ? 6.778   -3.623  8.156   1.00 19.45 ? 28  LEU A C   1 
ATOM   232  O  O   . LEU A 1 29  ? 5.704   -4.111  7.821   1.00 17.28 ? 28  LEU A O   1 
ATOM   233  C  CB  . LEU A 1 29  ? 5.979   -2.346  10.145  1.00 20.67 ? 28  LEU A CB  1 
ATOM   234  C  CG  . LEU A 1 29  ? 6.299   -3.456  11.159  1.00 23.91 ? 28  LEU A CG  1 
ATOM   235  C  CD1 . LEU A 1 29  ? 7.537   -3.097  11.963  1.00 24.57 ? 28  LEU A CD1 1 
ATOM   236  C  CD2 . LEU A 1 29  ? 5.107   -3.645  12.096  1.00 26.21 ? 28  LEU A CD2 1 
ATOM   237  N  N   . ASP A 1 30  ? 7.956   -4.175  7.898   1.00 21.65 ? 29  ASP A N   1 
ATOM   238  C  CA  . ASP A 1 30  ? 8.112   -5.478  7.271   1.00 24.51 ? 29  ASP A CA  1 
ATOM   239  C  C   . ASP A 1 30  ? 8.576   -6.445  8.359   1.00 25.36 ? 29  ASP A C   1 
ATOM   240  O  O   . ASP A 1 30  ? 9.639   -6.252  8.951   1.00 25.41 ? 29  ASP A O   1 
ATOM   241  C  CB  . ASP A 1 30  ? 9.155   -5.395  6.152   1.00 25.97 ? 29  ASP A CB  1 
ATOM   242  C  CG  . ASP A 1 30  ? 9.113   -6.590  5.216   1.00 30.70 ? 29  ASP A CG  1 
ATOM   243  O  OD1 . ASP A 1 30  ? 8.553   -7.646  5.588   1.00 29.61 ? 29  ASP A OD1 1 
ATOM   244  O  OD2 . ASP A 1 30  ? 9.645   -6.463  4.098   1.00 33.27 ? 29  ASP A OD2 1 
ATOM   245  N  N   . LYS A 1 31  ? 7.792   -7.476  8.630   1.00 27.32 ? 30  LYS A N   1 
ATOM   246  C  CA  . LYS A 1 31  ? 8.130   -8.410  9.705   1.00 30.05 ? 30  LYS A CA  1 
ATOM   247  C  C   . LYS A 1 31  ? 9.172   -9.460  9.317   1.00 31.07 ? 30  LYS A C   1 
ATOM   248  O  O   . LYS A 1 31  ? 9.661   -10.176 10.191  1.00 33.30 ? 30  LYS A O   1 
ATOM   249  C  CB  . LYS A 1 31  ? 6.862   -9.102  10.209  1.00 30.53 ? 30  LYS A CB  1 
ATOM   250  C  CG  . LYS A 1 31  ? 6.184   -8.374  11.365  1.00 33.32 ? 30  LYS A CG  1 
ATOM   251  C  CD  . LYS A 1 31  ? 4.835   -9.002  11.696  1.00 34.81 ? 30  LYS A CD  1 
ATOM   252  C  CE  . LYS A 1 31  ? 4.447   -8.767  13.150  1.00 35.69 ? 30  LYS A CE  1 
ATOM   253  N  NZ  . LYS A 1 31  ? 5.387   -7.845  13.849  1.00 34.96 ? 30  LYS A NZ  1 
ATOM   254  N  N   . ASP A 1 32  ? 9.521   -9.560  8.042   1.00 30.06 ? 31  ASP A N   1 
ATOM   255  C  CA  . ASP A 1 32  ? 10.510  -10.556 7.618   1.00 28.99 ? 31  ASP A CA  1 
ATOM   256  C  C   . ASP A 1 32  ? 11.946  -10.018 7.758   1.00 29.49 ? 31  ASP A C   1 
ATOM   257  O  O   . ASP A 1 32  ? 12.371  -9.157  6.985   1.00 29.14 ? 31  ASP A O   1 
ATOM   258  C  CB  . ASP A 1 32  ? 10.240  -10.976 6.172   1.00 29.49 ? 31  ASP A CB  1 
ATOM   259  C  CG  . ASP A 1 32  ? 11.052  -12.192 5.756   1.00 29.67 ? 31  ASP A CG  1 
ATOM   260  O  OD1 . ASP A 1 32  ? 11.985  -12.573 6.494   1.00 27.14 ? 31  ASP A OD1 1 
ATOM   261  O  OD2 . ASP A 1 32  ? 10.757  -12.765 4.687   1.00 30.10 ? 31  ASP A OD2 1 
ATOM   262  N  N   . PRO A 1 33  ? 12.717  -10.543 8.731   1.00 29.80 ? 32  PRO A N   1 
ATOM   263  C  CA  . PRO A 1 33  ? 14.103  -10.116 8.977   1.00 31.09 ? 32  PRO A CA  1 
ATOM   264  C  C   . PRO A 1 33  ? 15.125  -10.535 7.919   1.00 32.55 ? 32  PRO A C   1 
ATOM   265  O  O   . PRO A 1 33  ? 16.308  -10.215 8.035   1.00 32.85 ? 32  PRO A O   1 
ATOM   266  C  CB  . PRO A 1 33  ? 14.429  -10.717 10.348  1.00 29.54 ? 32  PRO A CB  1 
ATOM   267  C  CG  . PRO A 1 33  ? 13.560  -11.920 10.435  1.00 28.65 ? 32  PRO A CG  1 
ATOM   268  C  CD  . PRO A 1 33  ? 12.301  -11.613 9.658   1.00 28.88 ? 32  PRO A CD  1 
ATOM   269  N  N   . GLN A 1 34  ? 14.672  -11.250 6.896   1.00 33.85 ? 33  GLN A N   1 
ATOM   270  C  CA  . GLN A 1 34  ? 15.565  -11.691 5.834   1.00 35.38 ? 33  GLN A CA  1 
ATOM   271  C  C   . GLN A 1 34  ? 15.659  -10.644 4.726   1.00 36.94 ? 33  GLN A C   1 
ATOM   272  O  O   . GLN A 1 34  ? 16.564  -10.699 3.890   1.00 36.07 ? 33  GLN A O   1 
ATOM   273  C  CB  . GLN A 1 34  ? 15.091  -13.028 5.253   1.00 34.77 ? 33  GLN A CB  1 
ATOM   274  C  CG  . GLN A 1 34  ? 16.013  -13.603 4.179   1.00 35.66 ? 33  GLN A CG  1 
ATOM   275  C  CD  . GLN A 1 34  ? 15.865  -15.108 3.998   1.00 37.65 ? 33  GLN A CD  1 
ATOM   276  O  OE1 . GLN A 1 34  ? 14.950  -15.732 4.547   1.00 35.22 ? 33  GLN A OE1 1 
ATOM   277  N  NE2 . GLN A 1 34  ? 16.770  -15.700 3.221   1.00 37.40 ? 33  GLN A NE2 1 
ATOM   278  N  N   . VAL A 1 35  ? 14.730  -9.688  4.722   1.00 38.40 ? 34  VAL A N   1 
ATOM   279  C  CA  . VAL A 1 35  ? 14.726  -8.631  3.710   1.00 38.97 ? 34  VAL A CA  1 
ATOM   280  C  C   . VAL A 1 35  ? 15.939  -7.723  3.871   1.00 38.91 ? 34  VAL A C   1 
ATOM   281  O  O   . VAL A 1 35  ? 16.426  -7.519  4.986   1.00 40.00 ? 34  VAL A O   1 
ATOM   282  C  CB  . VAL A 1 35  ? 13.447  -7.765  3.790   1.00 40.28 ? 34  VAL A CB  1 
ATOM   283  C  CG1 . VAL A 1 35  ? 12.211  -8.649  3.700   1.00 40.42 ? 34  VAL A CG1 1 
ATOM   284  C  CG2 . VAL A 1 35  ? 13.443  -6.956  5.080   1.00 41.16 ? 34  VAL A CG2 1 
ATOM   285  N  N   . THR A 1 36  ? 16.426  -7.174  2.762   1.00 37.95 ? 35  THR A N   1 
ATOM   286  C  CA  . THR A 1 36  ? 17.591  -6.304  2.819   1.00 36.89 ? 35  THR A CA  1 
ATOM   287  C  C   . THR A 1 36  ? 17.305  -4.914  2.249   1.00 36.05 ? 35  THR A C   1 
ATOM   288  O  O   . THR A 1 36  ? 17.589  -3.906  2.896   1.00 37.61 ? 35  THR A O   1 
ATOM   289  C  CB  . THR A 1 36  ? 18.788  -6.925  2.057   1.00 37.71 ? 35  THR A CB  1 
ATOM   290  O  OG1 . THR A 1 36  ? 18.482  -7.004  0.662   1.00 37.68 ? 35  THR A OG1 1 
ATOM   291  C  CG2 . THR A 1 36  ? 19.088  -8.326  2.583   1.00 38.61 ? 35  THR A CG2 1 
ATOM   292  N  N   . ASP A 1 37  ? 16.737  -4.860  1.051   1.00 35.15 ? 36  ASP A N   1 
ATOM   293  C  CA  . ASP A 1 37  ? 16.452  -3.584  0.397   1.00 32.86 ? 36  ASP A CA  1 
ATOM   294  C  C   . ASP A 1 37  ? 15.233  -2.881  0.980   1.00 31.33 ? 36  ASP A C   1 
ATOM   295  O  O   . ASP A 1 37  ? 14.239  -3.512  1.346   1.00 30.28 ? 36  ASP A O   1 
ATOM   296  C  CB  . ASP A 1 37  ? 16.235  -3.791  -1.104  1.00 35.09 ? 36  ASP A CB  1 
ATOM   297  C  CG  . ASP A 1 37  ? 17.529  -4.087  -1.851  1.00 36.45 ? 36  ASP A CG  1 
ATOM   298  O  OD1 . ASP A 1 37  ? 18.619  -3.894  -1.270  1.00 37.79 ? 36  ASP A OD1 1 
ATOM   299  O  OD2 . ASP A 1 37  ? 17.452  -4.513  -3.023  1.00 36.74 ? 36  ASP A OD2 1 
ATOM   300  N  N   . GLN A 1 38  ? 15.328  -1.556  1.062   1.00 29.44 ? 37  GLN A N   1 
ATOM   301  C  CA  . GLN A 1 38  ? 14.246  -0.724  1.556   1.00 27.76 ? 37  GLN A CA  1 
ATOM   302  C  C   . GLN A 1 38  ? 13.612  0.022   0.385   1.00 26.52 ? 37  GLN A C   1 
ATOM   303  O  O   . GLN A 1 38  ? 14.309  0.498   -0.515  1.00 25.60 ? 37  GLN A O   1 
ATOM   304  C  CB  . GLN A 1 38  ? 14.774  0.241   2.623   1.00 28.31 ? 37  GLN A CB  1 
ATOM   305  C  CG  . GLN A 1 38  ? 15.150  -0.479  3.919   1.00 29.34 ? 37  GLN A CG  1 
ATOM   306  C  CD  . GLN A 1 38  ? 15.911  0.390   4.904   1.00 32.18 ? 37  GLN A CD  1 
ATOM   307  O  OE1 . GLN A 1 38  ? 15.745  0.258   6.117   1.00 33.22 ? 37  GLN A OE1 1 
ATOM   308  N  NE2 . GLN A 1 38  ? 16.755  1.278   4.390   1.00 32.41 ? 37  GLN A NE2 1 
ATOM   309  N  N   . TYR A 1 39  ? 12.289  0.121   0.394   1.00 24.35 ? 38  TYR A N   1 
ATOM   310  C  CA  . TYR A 1 39  ? 11.599  0.763   -0.714  1.00 23.89 ? 38  TYR A CA  1 
ATOM   311  C  C   . TYR A 1 39  ? 10.812  1.989   -0.303  1.00 22.41 ? 38  TYR A C   1 
ATOM   312  O  O   . TYR A 1 39  ? 10.481  2.202   0.867   1.00 20.38 ? 38  TYR A O   1 
ATOM   313  C  CB  . TYR A 1 39  ? 10.599  -0.210  -1.355  1.00 25.03 ? 38  TYR A CB  1 
ATOM   314  C  CG  . TYR A 1 39  ? 11.199  -1.298  -2.214  1.00 27.59 ? 38  TYR A CG  1 
ATOM   315  C  CD1 . TYR A 1 39  ? 11.726  -2.453  -1.641  1.00 29.58 ? 38  TYR A CD1 1 
ATOM   316  C  CD2 . TYR A 1 39  ? 11.216  -1.184  -3.603  1.00 29.90 ? 38  TYR A CD2 1 
ATOM   317  C  CE1 . TYR A 1 39  ? 12.256  -3.469  -2.429  1.00 31.67 ? 38  TYR A CE1 1 
ATOM   318  C  CE2 . TYR A 1 39  ? 11.743  -2.193  -4.401  1.00 31.52 ? 38  TYR A CE2 1 
ATOM   319  C  CZ  . TYR A 1 39  ? 12.261  -3.332  -3.806  1.00 33.46 ? 38  TYR A CZ  1 
ATOM   320  O  OH  . TYR A 1 39  ? 12.798  -4.332  -4.586  1.00 37.58 ? 38  TYR A OH  1 
ATOM   321  N  N   . CYS A 1 40  ? 10.535  2.795   -1.320  1.00 19.76 ? 39  CYS A N   1 
ATOM   322  C  CA  . CYS A 1 40  ? 9.689   3.960   -1.219  1.00 18.76 ? 39  CYS A CA  1 
ATOM   323  C  C   . CYS A 1 40  ? 8.477   3.632   -2.084  1.00 18.49 ? 39  CYS A C   1 
ATOM   324  O  O   . CYS A 1 40  ? 8.619   2.899   -3.070  1.00 18.80 ? 39  CYS A O   1 
ATOM   325  C  CB  . CYS A 1 40  ? 10.386  5.218   -1.763  1.00 21.75 ? 39  CYS A CB  1 
ATOM   326  S  SG  . CYS A 1 40  ? 11.991  5.574   -0.985  1.00 24.33 ? 39  CYS A SG  1 
ATOM   327  N  N   . SER A 1 41  ? 7.297   4.125   -1.744  1.00 18.04 ? 40  SER A N   1 
ATOM   328  C  CA  . SER A 1 41  ? 6.148   3.789   -2.576  1.00 15.85 ? 40  SER A CA  1 
ATOM   329  C  C   . SER A 1 41  ? 5.077   4.856   -2.546  1.00 16.28 ? 40  SER A C   1 
ATOM   330  O  O   . SER A 1 41  ? 4.867   5.530   -1.541  1.00 16.94 ? 40  SER A O   1 
ATOM   331  C  CB  . SER A 1 41  ? 5.539   2.457   -2.127  1.00 17.29 ? 40  SER A CB  1 
ATOM   332  O  OG  . SER A 1 41  ? 4.449   2.094   -2.958  1.00 20.28 ? 40  SER A OG  1 
ATOM   333  N  N   . SER A 1 42  ? 4.411   4.992   -3.679  1.00 15.43 ? 41  SER A N   1 
ATOM   334  C  CA  . SER A 1 42  ? 3.322   5.931   -3.866  1.00 16.49 ? 41  SER A CA  1 
ATOM   335  C  C   . SER A 1 42  ? 2.269   5.265   -4.744  1.00 15.74 ? 41  SER A C   1 
ATOM   336  O  O   . SER A 1 42  ? 2.622   4.481   -5.621  1.00 14.74 ? 41  SER A O   1 
ATOM   337  C  CB  . SER A 1 42  ? 3.838   7.203   -4.550  1.00 17.40 ? 41  SER A CB  1 
ATOM   338  O  OG  . SER A 1 42  ? 2.817   8.180   -4.630  1.00 21.78 ? 41  SER A OG  1 
ATOM   339  N  N   . PHE A 1 43  ? 0.989   5.531   -4.504  1.00 16.57 ? 42  PHE A N   1 
ATOM   340  C  CA  . PHE A 1 43  ? -0.041  4.924   -5.340  1.00 15.30 ? 42  PHE A CA  1 
ATOM   341  C  C   . PHE A 1 43  ? -1.325  5.743   -5.358  1.00 16.05 ? 42  PHE A C   1 
ATOM   342  O  O   . PHE A 1 43  ? -1.564  6.588   -4.492  1.00 14.79 ? 42  PHE A O   1 
ATOM   343  C  CB  . PHE A 1 43  ? -0.310  3.457   -4.928  1.00 16.24 ? 42  PHE A CB  1 
ATOM   344  C  CG  . PHE A 1 43  ? -0.991  3.286   -3.595  1.00 18.94 ? 42  PHE A CG  1 
ATOM   345  C  CD1 . PHE A 1 43  ? -0.285  3.452   -2.407  1.00 19.01 ? 42  PHE A CD1 1 
ATOM   346  C  CD2 . PHE A 1 43  ? -2.333  2.906   -3.530  1.00 21.52 ? 42  PHE A CD2 1 
ATOM   347  C  CE1 . PHE A 1 43  ? -0.906  3.242   -1.168  1.00 18.20 ? 42  PHE A CE1 1 
ATOM   348  C  CE2 . PHE A 1 43  ? -2.961  2.695   -2.297  1.00 20.47 ? 42  PHE A CE2 1 
ATOM   349  C  CZ  . PHE A 1 43  ? -2.242  2.863   -1.114  1.00 19.88 ? 42  PHE A CZ  1 
ATOM   350  N  N   . THR A 1 44  ? -2.134  5.496   -6.378  1.00 17.02 ? 43  THR A N   1 
ATOM   351  C  CA  . THR A 1 44  ? -3.392  6.201   -6.575  1.00 17.55 ? 43  THR A CA  1 
ATOM   352  C  C   . THR A 1 44  ? -4.539  5.212   -6.745  1.00 16.08 ? 43  THR A C   1 
ATOM   353  O  O   . THR A 1 44  ? -4.739  4.668   -7.832  1.00 14.58 ? 43  THR A O   1 
ATOM   354  C  CB  . THR A 1 44  ? -3.316  7.093   -7.834  1.00 16.77 ? 43  THR A CB  1 
ATOM   355  O  OG1 . THR A 1 44  ? -2.151  7.920   -7.757  1.00 19.15 ? 43  THR A OG1 1 
ATOM   356  C  CG2 . THR A 1 44  ? -4.534  7.985   -7.930  1.00 18.27 ? 43  THR A CG2 1 
ATOM   357  N  N   . PRO A 1 45  ? -5.306  4.971   -5.668  1.00 16.30 ? 44  PRO A N   1 
ATOM   358  C  CA  . PRO A 1 45  ? -6.438  4.042   -5.693  1.00 17.28 ? 44  PRO A CA  1 
ATOM   359  C  C   . PRO A 1 45  ? -7.766  4.717   -6.043  1.00 18.89 ? 44  PRO A C   1 
ATOM   360  O  O   . PRO A 1 45  ? -8.105  5.765   -5.492  1.00 17.96 ? 44  PRO A O   1 
ATOM   361  C  CB  . PRO A 1 45  ? -6.455  3.484   -4.276  1.00 15.29 ? 44  PRO A CB  1 
ATOM   362  C  CG  . PRO A 1 45  ? -5.999  4.654   -3.436  1.00 14.95 ? 44  PRO A CG  1 
ATOM   363  C  CD  . PRO A 1 45  ? -5.133  5.550   -4.322  1.00 17.04 ? 44  PRO A CD  1 
ATOM   364  N  N   . ARG A 1 46  ? -8.503  4.112   -6.967  1.00 18.37 ? 45  ARG A N   1 
ATOM   365  C  CA  . ARG A 1 46  ? -9.808  4.621   -7.378  1.00 19.90 ? 45  ARG A CA  1 
ATOM   366  C  C   . ARG A 1 46  ? -10.848 3.516   -7.266  1.00 21.79 ? 45  ARG A C   1 
ATOM   367  O  O   . ARG A 1 46  ? -10.506 2.334   -7.344  1.00 19.98 ? 45  ARG A O   1 
ATOM   368  C  CB  . ARG A 1 46  ? -9.759  5.145   -8.815  1.00 20.95 ? 45  ARG A CB  1 
ATOM   369  C  CG  . ARG A 1 46  ? -8.883  6.387   -8.981  1.00 21.29 ? 45  ARG A CG  1 
ATOM   370  C  CD  . ARG A 1 46  ? -9.394  7.536   -8.122  1.00 24.38 ? 45  ARG A CD  1 
ATOM   371  N  NE  . ARG A 1 46  ? -8.571  8.735   -8.248  1.00 26.05 ? 45  ARG A NE  1 
ATOM   372  C  CZ  . ARG A 1 46  ? -7.675  9.131   -7.346  1.00 26.89 ? 45  ARG A CZ  1 
ATOM   373  N  NH1 . ARG A 1 46  ? -7.481  8.428   -6.234  1.00 24.17 ? 45  ARG A NH1 1 
ATOM   374  N  NH2 . ARG A 1 46  ? -6.979  10.241  -7.552  1.00 27.35 ? 45  ARG A NH2 1 
ATOM   375  N  N   . GLU A 1 47  ? -12.107 3.895   -7.076  1.00 21.82 ? 46  GLU A N   1 
ATOM   376  C  CA  . GLU A 1 47  ? -13.174 2.909   -6.930  1.00 22.84 ? 46  GLU A CA  1 
ATOM   377  C  C   . GLU A 1 47  ? -14.451 3.361   -7.617  1.00 24.42 ? 46  GLU A C   1 
ATOM   378  O  O   . GLU A 1 47  ? -14.797 4.544   -7.613  1.00 22.67 ? 46  GLU A O   1 
ATOM   379  C  CB  . GLU A 1 47  ? -13.459 2.661   -5.442  1.00 23.38 ? 46  GLU A CB  1 
ATOM   380  C  CG  . GLU A 1 47  ? -14.534 1.606   -5.160  1.00 24.99 ? 46  GLU A CG  1 
ATOM   381  C  CD  . GLU A 1 47  ? -15.911 2.219   -4.928  1.00 25.89 ? 46  GLU A CD  1 
ATOM   382  O  OE1 . GLU A 1 47  ? -16.026 3.461   -4.876  1.00 27.25 ? 46  GLU A OE1 1 
ATOM   383  O  OE2 . GLU A 1 47  ? -16.881 1.453   -4.800  1.00 28.69 ? 46  GLU A OE2 1 
ATOM   384  N  N   . SER A 1 48  ? -15.143 2.395   -8.205  1.00 25.38 ? 47  SER A N   1 
ATOM   385  C  CA  . SER A 1 48  ? -16.392 2.642   -8.893  1.00 29.80 ? 47  SER A CA  1 
ATOM   386  C  C   . SER A 1 48  ? -17.297 1.417   -8.796  1.00 30.16 ? 47  SER A C   1 
ATOM   387  O  O   . SER A 1 48  ? -16.948 0.344   -9.286  1.00 29.91 ? 47  SER A O   1 
ATOM   388  C  CB  . SER A 1 48  ? -16.124 2.974   -10.363 1.00 30.55 ? 47  SER A CB  1 
ATOM   389  O  OG  . SER A 1 48  ? -17.321 3.363   -11.014 1.00 38.01 ? 47  SER A OG  1 
ATOM   390  N  N   . ASP A 1 49  ? -18.443 1.578   -8.140  1.00 31.85 ? 48  ASP A N   1 
ATOM   391  C  CA  . ASP A 1 49  ? -19.405 0.490   -7.989  1.00 33.00 ? 48  ASP A CA  1 
ATOM   392  C  C   . ASP A 1 49  ? -18.769 -0.771  -7.404  1.00 32.49 ? 48  ASP A C   1 
ATOM   393  O  O   . ASP A 1 49  ? -19.106 -1.880  -7.816  1.00 33.76 ? 48  ASP A O   1 
ATOM   394  C  CB  . ASP A 1 49  ? -20.023 0.150   -9.347  1.00 36.26 ? 48  ASP A CB  1 
ATOM   395  C  CG  . ASP A 1 49  ? -21.439 0.658   -9.489  1.00 38.16 ? 48  ASP A CG  1 
ATOM   396  O  OD1 . ASP A 1 49  ? -21.833 1.554   -8.711  1.00 40.44 ? 48  ASP A OD1 1 
ATOM   397  O  OD2 . ASP A 1 49  ? -22.155 0.160   -10.384 1.00 39.42 ? 48  ASP A OD2 1 
ATOM   398  N  N   . GLY A 1 50  ? -17.848 -0.610  -6.462  1.00 31.23 ? 49  GLY A N   1 
ATOM   399  C  CA  . GLY A 1 50  ? -17.226 -1.775  -5.854  1.00 29.29 ? 49  GLY A CA  1 
ATOM   400  C  C   . GLY A 1 50  ? -16.010 -2.318  -6.582  1.00 29.89 ? 49  GLY A C   1 
ATOM   401  O  O   . GLY A 1 50  ? -15.369 -3.263  -6.112  1.00 30.79 ? 49  GLY A O   1 
ATOM   402  N  N   . THR A 1 51  ? -15.696 -1.744  -7.738  1.00 27.17 ? 50  THR A N   1 
ATOM   403  C  CA  . THR A 1 51  ? -14.526 -2.169  -8.495  1.00 28.11 ? 50  THR A CA  1 
ATOM   404  C  C   . THR A 1 51  ? -13.350 -1.257  -8.166  1.00 25.68 ? 50  THR A C   1 
ATOM   405  O  O   . THR A 1 51  ? -13.476 -0.032  -8.216  1.00 25.11 ? 50  THR A O   1 
ATOM   406  C  CB  . THR A 1 51  ? -14.785 -2.109  -10.020 1.00 29.32 ? 50  THR A CB  1 
ATOM   407  O  OG1 . THR A 1 51  ? -15.715 -3.133  -10.386 1.00 33.91 ? 50  THR A OG1 1 
ATOM   408  C  CG2 . THR A 1 51  ? -13.484 -2.315  -10.795 1.00 30.67 ? 50  THR A CG2 1 
ATOM   409  N  N   . VAL A 1 52  ? -12.212 -1.852  -7.831  1.00 22.88 ? 51  VAL A N   1 
ATOM   410  C  CA  . VAL A 1 52  ? -11.036 -1.068  -7.476  1.00 21.53 ? 51  VAL A CA  1 
ATOM   411  C  C   . VAL A 1 52  ? -9.947  -1.161  -8.538  1.00 20.46 ? 51  VAL A C   1 
ATOM   412  O  O   . VAL A 1 52  ? -9.681  -2.232  -9.085  1.00 20.84 ? 51  VAL A O   1 
ATOM   413  C  CB  . VAL A 1 52  ? -10.431 -1.545  -6.119  1.00 20.41 ? 51  VAL A CB  1 
ATOM   414  C  CG1 . VAL A 1 52  ? -9.197  -0.721  -5.776  1.00 19.82 ? 51  VAL A CG1 1 
ATOM   415  C  CG2 . VAL A 1 52  ? -11.471 -1.435  -5.016  1.00 19.04 ? 51  VAL A CG2 1 
ATOM   416  N  N   . LYS A 1 53  ? -9.334  -0.020  -8.827  1.00 19.26 ? 52  LYS A N   1 
ATOM   417  C  CA  . LYS A 1 53  ? -8.229  0.061   -9.773  1.00 19.10 ? 52  LYS A CA  1 
ATOM   418  C  C   . LYS A 1 53  ? -7.209  1.068   -9.242  1.00 18.62 ? 52  LYS A C   1 
ATOM   419  O  O   . LYS A 1 53  ? -7.571  2.173   -8.843  1.00 19.16 ? 52  LYS A O   1 
ATOM   420  C  CB  . LYS A 1 53  ? -8.715  0.486   -11.164 1.00 19.41 ? 52  LYS A CB  1 
ATOM   421  C  CG  . LYS A 1 53  ? -7.639  0.357   -12.245 1.00 21.11 ? 52  LYS A CG  1 
ATOM   422  C  CD  . LYS A 1 53  ? -8.221  0.347   -13.659 1.00 22.91 ? 52  LYS A CD  1 
ATOM   423  C  CE  . LYS A 1 53  ? -7.125  0.059   -14.692 1.00 23.44 ? 52  LYS A CE  1 
ATOM   424  N  NZ  . LYS A 1 53  ? -7.525  0.395   -16.091 1.00 22.34 ? 52  LYS A NZ  1 
ATOM   425  N  N   . GLU A 1 54  ? -5.937  0.696   -9.227  1.00 19.14 ? 53  GLU A N   1 
ATOM   426  C  CA  . GLU A 1 54  ? -4.946  1.614   -8.689  1.00 18.24 ? 53  GLU A CA  1 
ATOM   427  C  C   . GLU A 1 54  ? -3.611  1.535   -9.412  1.00 18.37 ? 53  GLU A C   1 
ATOM   428  O  O   . GLU A 1 54  ? -3.208  0.478   -9.905  1.00 18.85 ? 53  GLU A O   1 
ATOM   429  C  CB  . GLU A 1 54  ? -4.726  1.320   -7.201  1.00 17.97 ? 53  GLU A CB  1 
ATOM   430  C  CG  . GLU A 1 54  ? -4.356  -0.129  -6.897  1.00 18.19 ? 53  GLU A CG  1 
ATOM   431  C  CD  . GLU A 1 54  ? -4.494  -0.474  -5.423  1.00 20.12 ? 53  GLU A CD  1 
ATOM   432  O  OE1 . GLU A 1 54  ? -5.044  0.346   -4.658  1.00 18.71 ? 53  GLU A OE1 1 
ATOM   433  O  OE2 . GLU A 1 54  ? -4.048  -1.571  -5.025  1.00 23.60 ? 53  GLU A OE2 1 
ATOM   434  N  N   . ALA A 1 55  ? -2.943  2.680   -9.471  1.00 16.84 ? 54  ALA A N   1 
ATOM   435  C  CA  . ALA A 1 55  ? -1.626  2.777   -10.074 1.00 19.40 ? 54  ALA A CA  1 
ATOM   436  C  C   . ALA A 1 55  ? -0.592  2.785   -8.954  1.00 19.93 ? 54  ALA A C   1 
ATOM   437  O  O   . ALA A 1 55  ? -0.648  3.650   -8.070  1.00 20.63 ? 54  ALA A O   1 
ATOM   438  C  CB  . ALA A 1 55  ? -1.521  4.055   -10.903 1.00 19.66 ? 54  ALA A CB  1 
ATOM   439  N  N   . LEU A 1 56  ? 0.323   1.817   -8.968  1.00 19.24 ? 55  LEU A N   1 
ATOM   440  C  CA  . LEU A 1 56  ? 1.337   1.717   -7.920  1.00 20.61 ? 55  LEU A CA  1 
ATOM   441  C  C   . LEU A 1 56  ? 2.726   2.018   -8.433  1.00 18.25 ? 55  LEU A C   1 
ATOM   442  O  O   . LEU A 1 56  ? 3.068   1.701   -9.565  1.00 16.88 ? 55  LEU A O   1 
ATOM   443  C  CB  . LEU A 1 56  ? 1.341   0.269   -7.358  1.00 22.90 ? 55  LEU A CB  1 
ATOM   444  C  CG  . LEU A 1 56  ? 0.039   -0.452  -7.135  1.00 26.47 ? 55  LEU A CG  1 
ATOM   445  C  CD1 . LEU A 1 56  ? -0.612  -0.917  -8.434  1.00 28.24 ? 55  LEU A CD1 1 
ATOM   446  C  CD2 . LEU A 1 56  ? 0.325   -1.675  -6.258  1.00 27.66 ? 55  LEU A CD2 1 
ATOM   447  N  N   . TYR A 1 57  ? 3.532   2.571   -7.540  1.00 17.94 ? 56  TYR A N   1 
ATOM   448  C  CA  . TYR A 1 57  ? 4.913   2.909   -7.835  1.00 16.12 ? 56  TYR A CA  1 
ATOM   449  C  C   . TYR A 1 57  ? 5.831   2.453   -6.709  1.00 15.11 ? 56  TYR A C   1 
ATOM   450  O  O   . TYR A 1 57  ? 5.549   2.668   -5.525  1.00 13.67 ? 56  TYR A O   1 
ATOM   451  C  CB  . TYR A 1 57  ? 5.056   4.421   -8.026  1.00 15.72 ? 56  TYR A CB  1 
ATOM   452  C  CG  . TYR A 1 57  ? 6.491   4.891   -8.102  1.00 17.44 ? 56  TYR A CG  1 
ATOM   453  C  CD1 . TYR A 1 57  ? 7.221   4.767   -9.287  1.00 18.21 ? 56  TYR A CD1 1 
ATOM   454  C  CD2 . TYR A 1 57  ? 7.117   5.477   -6.999  1.00 17.27 ? 56  TYR A CD2 1 
ATOM   455  C  CE1 . TYR A 1 57  ? 8.543   5.217   -9.373  1.00 18.38 ? 56  TYR A CE1 1 
ATOM   456  C  CE2 . TYR A 1 57  ? 8.440   5.932   -7.077  1.00 17.34 ? 56  TYR A CE2 1 
ATOM   457  C  CZ  . TYR A 1 57  ? 9.139   5.798   -8.269  1.00 18.23 ? 56  TYR A CZ  1 
ATOM   458  O  OH  . TYR A 1 57  ? 10.431  6.248   -8.366  1.00 18.92 ? 56  TYR A OH  1 
ATOM   459  N  N   . HIS A 1 58  ? 6.925   1.809   -7.089  1.00 14.74 ? 57  HIS A N   1 
ATOM   460  C  CA  . HIS A 1 58  ? 7.919   1.351   -6.133  1.00 14.95 ? 57  HIS A CA  1 
ATOM   461  C  C   . HIS A 1 58  ? 9.282   1.883   -6.527  1.00 16.67 ? 57  HIS A C   1 
ATOM   462  O  O   . HIS A 1 58  ? 9.641   1.872   -7.702  1.00 16.41 ? 57  HIS A O   1 
ATOM   463  C  CB  . HIS A 1 58  ? 8.049   -0.172  -6.123  1.00 16.16 ? 57  HIS A CB  1 
ATOM   464  C  CG  . HIS A 1 58  ? 6.963   -0.887  -5.384  1.00 16.27 ? 57  HIS A CG  1 
ATOM   465  N  ND1 . HIS A 1 58  ? 5.649   -1.060  -5.885  1.00 16.42 ? 57  HIS A ND1 1 
ATOM   466  C  CD2 . HIS A 1 58  ? 7.009   -1.595  -4.227  1.00 17.75 ? 57  HIS A CD2 1 
ATOM   467  C  CE1 . HIS A 1 58  ? 4.995   -1.849  -5.028  1.00 15.77 ? 57  HIS A CE1 1 
ATOM   468  N  NE2 . HIS A 1 58  ? 5.765   -2.198  -4.016  1.00 18.48 ? 57  HIS A NE2 1 
ATOM   469  N  N   . TYR A 1 59  ? 10.023  2.357   -5.544  1.00 18.21 ? 58  TYR A N   1 
ATOM   470  C  CA  . TYR A 1 59  ? 11.382  2.812   -5.772  1.00 19.77 ? 58  TYR A CA  1 
ATOM   471  C  C   . TYR A 1 59  ? 12.310  2.107   -4.787  1.00 19.81 ? 58  TYR A C   1 
ATOM   472  O  O   . TYR A 1 59  ? 12.147  2.232   -3.572  1.00 17.34 ? 58  TYR A O   1 
ATOM   473  C  CB  . TYR A 1 59  ? 11.508  4.333   -5.596  1.00 20.39 ? 58  TYR A CB  1 
ATOM   474  C  CG  . TYR A 1 59  ? 12.935  4.838   -5.740  1.00 23.32 ? 58  TYR A CG  1 
ATOM   475  C  CD1 . TYR A 1 59  ? 13.520  4.999   -6.998  1.00 23.76 ? 58  TYR A CD1 1 
ATOM   476  C  CD2 . TYR A 1 59  ? 13.700  5.154   -4.615  1.00 24.78 ? 58  TYR A CD2 1 
ATOM   477  C  CE1 . TYR A 1 59  ? 14.835  5.467   -7.131  1.00 27.59 ? 58  TYR A CE1 1 
ATOM   478  C  CE2 . TYR A 1 59  ? 15.012  5.620   -4.735  1.00 26.48 ? 58  TYR A CE2 1 
ATOM   479  C  CZ  . TYR A 1 59  ? 15.572  5.775   -5.995  1.00 28.46 ? 58  TYR A CZ  1 
ATOM   480  O  OH  . TYR A 1 59  ? 16.862  6.248   -6.113  1.00 31.75 ? 58  TYR A OH  1 
ATOM   481  N  N   . ASN A 1 60  ? 13.253  1.333   -5.313  1.00 20.02 ? 59  ASN A N   1 
ATOM   482  C  CA  . ASN A 1 60  ? 14.224  0.635   -4.482  1.00 22.52 ? 59  ASN A CA  1 
ATOM   483  C  C   . ASN A 1 60  ? 15.332  1.619   -4.105  1.00 24.45 ? 59  ASN A C   1 
ATOM   484  O  O   . ASN A 1 60  ? 16.173  1.971   -4.933  1.00 24.15 ? 59  ASN A O   1 
ATOM   485  C  CB  . ASN A 1 60  ? 14.805  -0.559  -5.260  1.00 24.35 ? 59  ASN A CB  1 
ATOM   486  C  CG  . ASN A 1 60  ? 15.612  -1.502  -4.384  1.00 25.40 ? 59  ASN A CG  1 
ATOM   487  O  OD1 . ASN A 1 60  ? 16.481  -1.074  -3.619  1.00 27.51 ? 59  ASN A OD1 1 
ATOM   488  N  ND2 . ASN A 1 60  ? 15.333  -2.796  -4.501  1.00 26.80 ? 59  ASN A ND2 1 
ATOM   489  N  N   . ALA A 1 61  ? 15.312  2.074   -2.859  1.00 25.42 ? 60  ALA A N   1 
ATOM   490  C  CA  . ALA A 1 61  ? 16.275  3.058   -2.371  1.00 27.81 ? 60  ALA A CA  1 
ATOM   491  C  C   . ALA A 1 61  ? 17.713  2.544   -2.392  1.00 29.70 ? 60  ALA A C   1 
ATOM   492  O  O   . ALA A 1 61  ? 18.645  3.332   -2.560  1.00 30.32 ? 60  ALA A O   1 
ATOM   493  C  CB  . ALA A 1 61  ? 15.888  3.506   -0.950  1.00 25.84 ? 60  ALA A CB  1 
ATOM   494  N  N   . ASN A 1 62  ? 17.895  1.239   -2.236  1.00 31.68 ? 61  ASN A N   1 
ATOM   495  C  CA  . ASN A 1 62  ? 19.239  0.659   -2.223  1.00 34.31 ? 61  ASN A CA  1 
ATOM   496  C  C   . ASN A 1 62  ? 19.828  0.535   -3.628  1.00 35.54 ? 61  ASN A C   1 
ATOM   497  O  O   . ASN A 1 62  ? 20.926  1.026   -3.885  1.00 36.70 ? 61  ASN A O   1 
ATOM   498  C  CB  . ASN A 1 62  ? 19.216  -0.720  -1.566  1.00 34.25 ? 61  ASN A CB  1 
ATOM   499  C  CG  . ASN A 1 62  ? 18.862  -0.663  -0.090  1.00 37.40 ? 61  ASN A CG  1 
ATOM   500  O  OD1 . ASN A 1 62  ? 17.701  -0.474  0.279   1.00 35.80 ? 61  ASN A OD1 1 
ATOM   501  N  ND2 . ASN A 1 62  ? 19.866  -0.832  0.764   1.00 38.48 ? 61  ASN A ND2 1 
ATOM   502  N  N   . LYS A 1 63  ? 19.097  -0.121  -4.526  1.00 36.52 ? 62  LYS A N   1 
ATOM   503  C  CA  . LYS A 1 63  ? 19.553  -0.349  -5.895  1.00 36.21 ? 62  LYS A CA  1 
ATOM   504  C  C   . LYS A 1 63  ? 19.172  0.783   -6.850  1.00 35.58 ? 62  LYS A C   1 
ATOM   505  O  O   . LYS A 1 63  ? 19.458  0.700   -8.043  1.00 37.19 ? 62  LYS A O   1 
ATOM   506  C  CB  . LYS A 1 63  ? 18.991  -1.671  -6.421  1.00 37.53 ? 62  LYS A CB  1 
ATOM   507  C  CG  . LYS A 1 63  ? 18.924  -2.778  -5.377  1.00 40.20 ? 62  LYS A CG  1 
ATOM   508  C  CD  . LYS A 1 63  ? 20.072  -3.762  -5.535  1.00 40.97 ? 62  LYS A CD  1 
ATOM   509  C  CE  . LYS A 1 63  ? 19.688  -5.147  -5.038  1.00 42.67 ? 62  LYS A CE  1 
ATOM   510  N  NZ  . LYS A 1 63  ? 18.357  -5.588  -5.553  1.00 42.79 ? 62  LYS A NZ  1 
ATOM   511  N  N   . LYS A 1 64  ? 18.529  1.822   -6.332  1.00 33.84 ? 63  LYS A N   1 
ATOM   512  C  CA  . LYS A 1 64  ? 18.128  2.983   -7.130  1.00 33.91 ? 63  LYS A CA  1 
ATOM   513  C  C   . LYS A 1 64  ? 17.284  2.606   -8.360  1.00 33.31 ? 63  LYS A C   1 
ATOM   514  O  O   . LYS A 1 64  ? 17.337  3.278   -9.395  1.00 32.70 ? 63  LYS A O   1 
ATOM   515  C  CB  . LYS A 1 64  ? 19.372  3.782   -7.552  1.00 37.25 ? 63  LYS A CB  1 
ATOM   516  C  CG  . LYS A 1 64  ? 20.057  3.321   -8.837  1.00 39.14 ? 63  LYS A CG  1 
ATOM   517  C  CD  . LYS A 1 64  ? 20.841  4.461   -9.478  1.00 41.90 ? 63  LYS A CD  1 
ATOM   518  C  CE  . LYS A 1 64  ? 20.467  4.672   -10.943 1.00 43.68 ? 63  LYS A CE  1 
ATOM   519  N  NZ  . LYS A 1 64  ? 19.172  4.036   -11.320 1.00 42.77 ? 63  LYS A NZ  1 
ATOM   520  N  N   . THR A 1 65  ? 16.499  1.544   -8.247  1.00 30.81 ? 64  THR A N   1 
ATOM   521  C  CA  . THR A 1 65  ? 15.650  1.125   -9.354  1.00 29.74 ? 64  THR A CA  1 
ATOM   522  C  C   . THR A 1 65  ? 14.178  1.258   -8.982  1.00 28.25 ? 64  THR A C   1 
ATOM   523  O  O   . THR A 1 65  ? 13.833  1.315   -7.806  1.00 26.89 ? 64  THR A O   1 
ATOM   524  C  CB  . THR A 1 65  ? 15.940  -0.321  -9.755  1.00 29.17 ? 64  THR A CB  1 
ATOM   525  O  OG1 . THR A 1 65  ? 15.830  -1.167  -8.603  1.00 30.40 ? 64  THR A OG1 1 
ATOM   526  C  CG2 . THR A 1 65  ? 17.342  -0.434  -10.338 1.00 30.37 ? 64  THR A CG2 1 
ATOM   527  N  N   . SER A 1 66  ? 13.312  1.304   -9.985  1.00 26.68 ? 65  SER A N   1 
ATOM   528  C  CA  . SER A 1 66  ? 11.889  1.446   -9.726  1.00 26.70 ? 65  SER A CA  1 
ATOM   529  C  C   . SER A 1 66  ? 11.059  0.617   -10.690 1.00 26.47 ? 65  SER A C   1 
ATOM   530  O  O   . SER A 1 66  ? 11.539  0.205   -11.752 1.00 24.47 ? 65  SER A O   1 
ATOM   531  C  CB  . SER A 1 66  ? 11.485  2.911   -9.864  1.00 27.66 ? 65  SER A CB  1 
ATOM   532  O  OG  . SER A 1 66  ? 11.669  3.352   -11.196 1.00 28.79 ? 65  SER A OG  1 
ATOM   533  N  N   . PHE A 1 67  ? 9.816   0.356   -10.298 1.00 22.87 ? 66  PHE A N   1 
ATOM   534  C  CA  . PHE A 1 67  ? 8.899   -0.377  -11.152 1.00 22.42 ? 66  PHE A CA  1 
ATOM   535  C  C   . PHE A 1 67  ? 7.472   0.096   -10.935 1.00 21.64 ? 66  PHE A C   1 
ATOM   536  O  O   . PHE A 1 67  ? 7.129   0.651   -9.885  1.00 19.59 ? 66  PHE A O   1 
ATOM   537  C  CB  . PHE A 1 67  ? 9.029   -1.895  -10.962 1.00 21.91 ? 66  PHE A CB  1 
ATOM   538  C  CG  . PHE A 1 67  ? 8.821   -2.368  -9.556  1.00 22.50 ? 66  PHE A CG  1 
ATOM   539  C  CD1 . PHE A 1 67  ? 7.556   -2.747  -9.117  1.00 20.87 ? 66  PHE A CD1 1 
ATOM   540  C  CD2 . PHE A 1 67  ? 9.901   -2.520  -8.696  1.00 21.72 ? 66  PHE A CD2 1 
ATOM   541  C  CE1 . PHE A 1 67  ? 7.372   -3.278  -7.840  1.00 23.05 ? 66  PHE A CE1 1 
ATOM   542  C  CE2 . PHE A 1 67  ? 9.725   -3.051  -7.416  1.00 23.36 ? 66  PHE A CE2 1 
ATOM   543  C  CZ  . PHE A 1 67  ? 8.458   -3.431  -6.991  1.00 21.44 ? 66  PHE A CZ  1 
ATOM   544  N  N   . TYR A 1 68  ? 6.652   -0.103  -11.954 1.00 20.28 ? 67  TYR A N   1 
ATOM   545  C  CA  . TYR A 1 68  ? 5.274   0.342   -11.926 1.00 18.45 ? 67  TYR A CA  1 
ATOM   546  C  C   . TYR A 1 68  ? 4.318   -0.815  -12.140 1.00 18.58 ? 67  TYR A C   1 
ATOM   547  O  O   . TYR A 1 68  ? 4.644   -1.789  -12.832 1.00 16.20 ? 67  TYR A O   1 
ATOM   548  C  CB  . TYR A 1 68  ? 5.053   1.376   -13.031 1.00 18.67 ? 67  TYR A CB  1 
ATOM   549  C  CG  . TYR A 1 68  ? 6.034   2.535   -13.043 1.00 18.75 ? 67  TYR A CG  1 
ATOM   550  C  CD1 . TYR A 1 68  ? 7.342   2.372   -13.500 1.00 20.22 ? 67  TYR A CD1 1 
ATOM   551  C  CD2 . TYR A 1 68  ? 5.634   3.808   -12.647 1.00 20.08 ? 67  TYR A CD2 1 
ATOM   552  C  CE1 . TYR A 1 68  ? 8.225   3.452   -13.564 1.00 18.81 ? 67  TYR A CE1 1 
ATOM   553  C  CE2 . TYR A 1 68  ? 6.501   4.892   -12.706 1.00 20.13 ? 67  TYR A CE2 1 
ATOM   554  C  CZ  . TYR A 1 68  ? 7.794   4.709   -13.166 1.00 20.50 ? 67  TYR A CZ  1 
ATOM   555  O  OH  . TYR A 1 68  ? 8.645   5.789   -13.222 1.00 21.09 ? 67  TYR A OH  1 
ATOM   556  N  N   . ASN A 1 69  ? 3.133   -0.684  -11.554 1.00 16.65 ? 68  ASN A N   1 
ATOM   557  C  CA  . ASN A 1 69  ? 2.091   -1.693  -11.681 1.00 16.11 ? 68  ASN A CA  1 
ATOM   558  C  C   . ASN A 1 69  ? 0.720   -1.047  -11.684 1.00 14.40 ? 68  ASN A C   1 
ATOM   559  O  O   . ASN A 1 69  ? 0.557   0.117   -11.318 1.00 14.33 ? 68  ASN A O   1 
ATOM   560  C  CB  . ASN A 1 69  ? 2.111   -2.683  -10.507 1.00 15.78 ? 68  ASN A CB  1 
ATOM   561  C  CG  . ASN A 1 69  ? 3.426   -3.406  -10.362 1.00 17.72 ? 68  ASN A CG  1 
ATOM   562  O  OD1 . ASN A 1 69  ? 4.300   -2.979  -9.611  1.00 16.55 ? 68  ASN A OD1 1 
ATOM   563  N  ND2 . ASN A 1 69  ? 3.573   -4.518  -11.072 1.00 17.57 ? 68  ASN A ND2 1 
ATOM   564  N  N   . ILE A 1 70  ? -0.252  -1.833  -12.113 1.00 15.29 ? 69  ILE A N   1 
ATOM   565  C  CA  . ILE A 1 70  ? -1.647  -1.440  -12.115 1.00 16.43 ? 69  ILE A CA  1 
ATOM   566  C  C   . ILE A 1 70  ? -2.421  -2.579  -11.471 1.00 17.84 ? 69  ILE A C   1 
ATOM   567  O  O   . ILE A 1 70  ? -2.425  -3.701  -11.985 1.00 18.45 ? 69  ILE A O   1 
ATOM   568  C  CB  . ILE A 1 70  ? -2.199  -1.200  -13.544 1.00 18.90 ? 69  ILE A CB  1 
ATOM   569  C  CG1 . ILE A 1 70  ? -1.594  0.074   -14.141 1.00 18.96 ? 69  ILE A CG1 1 
ATOM   570  C  CG2 . ILE A 1 70  ? -3.725  -1.095  -13.502 1.00 20.09 ? 69  ILE A CG2 1 
ATOM   571  C  CD1 . ILE A 1 70  ? -2.175  1.369   -13.595 1.00 20.93 ? 69  ILE A CD1 1 
ATOM   572  N  N   . GLY A 1 71  ? -3.027  -2.311  -10.323 1.00 16.29 ? 70  GLY A N   1 
ATOM   573  C  CA  . GLY A 1 71  ? -3.765  -3.356  -9.644  1.00 16.73 ? 70  GLY A CA  1 
ATOM   574  C  C   . GLY A 1 71  ? -5.250  -3.214  -9.865  1.00 17.77 ? 70  GLY A C   1 
ATOM   575  O  O   . GLY A 1 71  ? -5.768  -2.101  -9.963  1.00 18.07 ? 70  GLY A O   1 
ATOM   576  N  N   . GLU A 1 72  ? -5.938  -4.344  -9.947  1.00 19.38 ? 71  GLU A N   1 
ATOM   577  C  CA  . GLU A 1 72  ? -7.380  -4.343  -10.152 1.00 23.22 ? 71  GLU A CA  1 
ATOM   578  C  C   . GLU A 1 72  ? -8.042  -5.415  -9.301  1.00 21.66 ? 71  GLU A C   1 
ATOM   579  O  O   . GLU A 1 72  ? -7.598  -6.563  -9.284  1.00 19.51 ? 71  GLU A O   1 
ATOM   580  C  CB  . GLU A 1 72  ? -7.706  -4.581  -11.627 1.00 25.73 ? 71  GLU A CB  1 
ATOM   581  C  CG  . GLU A 1 72  ? -8.264  -3.358  -12.335 1.00 33.77 ? 71  GLU A CG  1 
ATOM   582  C  CD  . GLU A 1 72  ? -9.408  -3.698  -13.277 1.00 36.40 ? 71  GLU A CD  1 
ATOM   583  O  OE1 . GLU A 1 72  ? -9.172  -4.442  -14.251 1.00 39.63 ? 71  GLU A OE1 1 
ATOM   584  O  OE2 . GLU A 1 72  ? -10.542 -3.223  -13.046 1.00 39.59 ? 71  GLU A OE2 1 
ATOM   585  N  N   . GLY A 1 73  ? -9.096  -5.034  -8.591  1.00 22.16 ? 72  GLY A N   1 
ATOM   586  C  CA  . GLY A 1 73  ? -9.794  -5.986  -7.751  1.00 24.05 ? 72  GLY A CA  1 
ATOM   587  C  C   . GLY A 1 73  ? -11.214 -5.554  -7.456  1.00 25.37 ? 72  GLY A C   1 
ATOM   588  O  O   . GLY A 1 73  ? -11.740 -4.639  -8.090  1.00 24.50 ? 72  GLY A O   1 
ATOM   589  N  N   . LYS A 1 74  ? -11.832 -6.220  -6.486  1.00 27.42 ? 73  LYS A N   1 
ATOM   590  C  CA  . LYS A 1 74  ? -13.199 -5.925  -6.090  1.00 29.32 ? 73  LYS A CA  1 
ATOM   591  C  C   . LYS A 1 74  ? -13.278 -5.715  -4.582  1.00 29.66 ? 73  LYS A C   1 
ATOM   592  O  O   . LYS A 1 74  ? -12.613 -6.410  -3.816  1.00 27.41 ? 73  LYS A O   1 
ATOM   593  C  CB  . LYS A 1 74  ? -14.128 -7.074  -6.498  1.00 32.45 ? 73  LYS A CB  1 
ATOM   594  C  CG  . LYS A 1 74  ? -14.736 -6.927  -7.889  1.00 36.42 ? 73  LYS A CG  1 
ATOM   595  C  CD  . LYS A 1 74  ? -15.577 -8.144  -8.262  1.00 39.80 ? 73  LYS A CD  1 
ATOM   596  C  CE  . LYS A 1 74  ? -16.869 -8.206  -7.452  1.00 40.13 ? 73  LYS A CE  1 
ATOM   597  N  NZ  . LYS A 1 74  ? -17.691 -9.402  -7.805  1.00 40.60 ? 73  LYS A NZ  1 
ATOM   598  N  N   . LEU A 1 75  ? -14.093 -4.754  -4.164  1.00 29.89 ? 74  LEU A N   1 
ATOM   599  C  CA  . LEU A 1 75  ? -14.256 -4.455  -2.748  1.00 32.86 ? 74  LEU A CA  1 
ATOM   600  C  C   . LEU A 1 75  ? -15.024 -5.563  -2.034  1.00 34.72 ? 74  LEU A C   1 
ATOM   601  O  O   . LEU A 1 75  ? -16.057 -6.024  -2.521  1.00 34.89 ? 74  LEU A O   1 
ATOM   602  C  CB  . LEU A 1 75  ? -15.031 -3.145  -2.577  1.00 33.01 ? 74  LEU A CB  1 
ATOM   603  C  CG  . LEU A 1 75  ? -14.261 -1.843  -2.350  1.00 32.35 ? 74  LEU A CG  1 
ATOM   604  C  CD1 . LEU A 1 75  ? -15.240 -0.769  -1.901  1.00 32.29 ? 74  LEU A CD1 1 
ATOM   605  C  CD2 . LEU A 1 75  ? -13.170 -2.035  -1.310  1.00 30.49 ? 74  LEU A CD2 1 
ATOM   606  N  N   . GLU A 1 76  ? -14.516 -5.998  -0.884  1.00 36.30 ? 75  GLU A N   1 
ATOM   607  C  CA  . GLU A 1 76  ? -15.215 -7.012  -0.110  1.00 38.21 ? 75  GLU A CA  1 
ATOM   608  C  C   . GLU A 1 76  ? -16.493 -6.392  0.466   1.00 39.17 ? 75  GLU A C   1 
ATOM   609  O  O   . GLU A 1 76  ? -16.623 -5.168  0.516   1.00 38.27 ? 75  GLU A O   1 
ATOM   610  C  CB  . GLU A 1 76  ? -14.329 -7.525  1.029   1.00 38.77 ? 75  GLU A CB  1 
ATOM   611  C  CG  . GLU A 1 76  ? -13.115 -8.309  0.560   1.00 41.26 ? 75  GLU A CG  1 
ATOM   612  C  CD  . GLU A 1 76  ? -13.483 -9.662  -0.010  1.00 43.16 ? 75  GLU A CD  1 
ATOM   613  O  OE1 . GLU A 1 76  ? -14.647 -10.078 0.163   1.00 45.19 ? 75  GLU A OE1 1 
ATOM   614  O  OE2 . GLU A 1 76  ? -12.611 -10.310 -0.631  1.00 44.37 ? 75  GLU A OE2 1 
ATOM   615  N  N   . SER A 1 77  ? -17.440 -7.224  0.881   1.00 41.41 ? 76  SER A N   1 
ATOM   616  C  CA  . SER A 1 77  ? -18.685 -6.710  1.445   1.00 43.05 ? 76  SER A CA  1 
ATOM   617  C  C   . SER A 1 77  ? -18.468 -6.256  2.874   1.00 42.71 ? 76  SER A C   1 
ATOM   618  O  O   . SER A 1 77  ? -19.047 -5.277  3.340   1.00 42.48 ? 76  SER A O   1 
ATOM   619  C  CB  . SER A 1 77  ? -19.760 -7.787  1.433   1.00 44.52 ? 76  SER A CB  1 
ATOM   620  O  OG  . SER A 1 77  ? -20.637 -7.603  0.339   1.00 47.75 ? 76  SER A OG  1 
ATOM   621  N  N   . SER A 1 78  ? -17.621 -7.011  3.566   1.00 43.10 ? 77  SER A N   1 
ATOM   622  C  CA  . SER A 1 78  ? -17.298 -6.708  4.941   1.00 42.55 ? 77  SER A CA  1 
ATOM   623  C  C   . SER A 1 78  ? -16.881 -5.248  5.080   1.00 41.70 ? 77  SER A C   1 
ATOM   624  O  O   . SER A 1 78  ? -17.656 -4.436  5.557   1.00 43.90 ? 77  SER A O   1 
ATOM   625  C  CB  . SER A 1 78  ? -16.200 -7.658  5.461   1.00 44.26 ? 77  SER A CB  1 
ATOM   626  O  OG  . SER A 1 78  ? -14.969 -7.519  4.763   1.00 44.71 ? 77  SER A OG  1 
ATOM   627  N  N   . GLY A 1 79  ? -15.674 -4.906  4.663   1.00 39.07 ? 78  GLY A N   1 
ATOM   628  C  CA  . GLY A 1 79  ? -15.263 -3.514  4.776   1.00 35.30 ? 78  GLY A CA  1 
ATOM   629  C  C   . GLY A 1 79  ? -14.343 -3.047  3.676   1.00 32.24 ? 78  GLY A C   1 
ATOM   630  O  O   . GLY A 1 79  ? -14.398 -3.536  2.542   1.00 31.59 ? 78  GLY A O   1 
ATOM   631  N  N   . LEU A 1 80  ? -13.506 -2.070  4.010   1.00 29.97 ? 79  LEU A N   1 
ATOM   632  C  CA  . LEU A 1 80  ? -12.544 -1.552  3.061   1.00 27.33 ? 79  LEU A CA  1 
ATOM   633  C  C   . LEU A 1 80  ? -11.401 -2.542  2.952   1.00 25.04 ? 79  LEU A C   1 
ATOM   634  O  O   . LEU A 1 80  ? -10.371 -2.403  3.611   1.00 24.21 ? 79  LEU A O   1 
ATOM   635  C  CB  . LEU A 1 80  ? -12.001 -0.192  3.514   1.00 28.82 ? 79  LEU A CB  1 
ATOM   636  C  CG  . LEU A 1 80  ? -12.742 1.081   3.089   1.00 30.60 ? 79  LEU A CG  1 
ATOM   637  C  CD1 . LEU A 1 80  ? -11.745 2.225   3.023   1.00 30.95 ? 79  LEU A CD1 1 
ATOM   638  C  CD2 . LEU A 1 80  ? -13.420 0.897   1.744   1.00 32.64 ? 79  LEU A CD2 1 
ATOM   639  N  N   . GLN A 1 81  ? -11.623 -3.569  2.146   1.00 23.60 ? 80  GLN A N   1 
ATOM   640  C  CA  . GLN A 1 81  ? -10.640 -4.612  1.913   1.00 22.40 ? 80  GLN A CA  1 
ATOM   641  C  C   . GLN A 1 81  ? -10.845 -5.179  0.523   1.00 21.03 ? 80  GLN A C   1 
ATOM   642  O  O   . GLN A 1 81  ? -11.981 -5.361  0.074   1.00 22.30 ? 80  GLN A O   1 
ATOM   643  C  CB  . GLN A 1 81  ? -10.776 -5.735  2.950   1.00 23.34 ? 80  GLN A CB  1 
ATOM   644  C  CG  . GLN A 1 81  ? -9.883  -6.946  2.690   1.00 25.03 ? 80  GLN A CG  1 
ATOM   645  C  CD  . GLN A 1 81  ? -10.017 -8.022  3.761   1.00 26.75 ? 80  GLN A CD  1 
ATOM   646  O  OE1 . GLN A 1 81  ? -9.193  -8.120  4.673   1.00 27.49 ? 80  GLN A OE1 1 
ATOM   647  N  NE2 . GLN A 1 81  ? -11.058 -8.831  3.657   1.00 26.81 ? 80  GLN A NE2 1 
ATOM   648  N  N   . TYR A 1 82  ? -9.753  -5.441  -0.170  1.00 18.89 ? 81  TYR A N   1 
ATOM   649  C  CA  . TYR A 1 82  ? -9.873  -5.986  -1.501  1.00 18.75 ? 81  TYR A CA  1 
ATOM   650  C  C   . TYR A 1 82  ? -8.653  -6.787  -1.884  1.00 19.44 ? 81  TYR A C   1 
ATOM   651  O  O   . TYR A 1 82  ? -7.538  -6.496  -1.453  1.00 19.76 ? 81  TYR A O   1 
ATOM   652  C  CB  . TYR A 1 82  ? -10.094 -4.860  -2.522  1.00 18.87 ? 81  TYR A CB  1 
ATOM   653  C  CG  . TYR A 1 82  ? -9.061  -3.748  -2.495  1.00 17.68 ? 81  TYR A CG  1 
ATOM   654  C  CD1 . TYR A 1 82  ? -7.881  -3.845  -3.235  1.00 18.18 ? 81  TYR A CD1 1 
ATOM   655  C  CD2 . TYR A 1 82  ? -9.275  -2.588  -1.749  1.00 19.39 ? 81  TYR A CD2 1 
ATOM   656  C  CE1 . TYR A 1 82  ? -6.939  -2.813  -3.236  1.00 18.48 ? 81  TYR A CE1 1 
ATOM   657  C  CE2 . TYR A 1 82  ? -8.342  -1.549  -1.742  1.00 18.95 ? 81  TYR A CE2 1 
ATOM   658  C  CZ  . TYR A 1 82  ? -7.181  -1.667  -2.490  1.00 20.27 ? 81  TYR A CZ  1 
ATOM   659  O  OH  . TYR A 1 82  ? -6.283  -0.625  -2.511  1.00 21.25 ? 81  TYR A OH  1 
ATOM   660  N  N   . THR A 1 83  ? -8.892  -7.830  -2.665  1.00 19.71 ? 82  THR A N   1 
ATOM   661  C  CA  . THR A 1 83  ? -7.823  -8.655  -3.180  1.00 20.69 ? 82  THR A CA  1 
ATOM   662  C  C   . THR A 1 83  ? -7.695  -8.343  -4.656  1.00 21.37 ? 82  THR A C   1 
ATOM   663  O  O   . THR A 1 83  ? -8.665  -8.448  -5.406  1.00 22.35 ? 82  THR A O   1 
ATOM   664  C  CB  . THR A 1 83  ? -8.110  -10.147 -2.973  1.00 20.81 ? 82  THR A CB  1 
ATOM   665  O  OG1 . THR A 1 83  ? -8.009  -10.457 -1.576  1.00 18.41 ? 82  THR A OG1 1 
ATOM   666  C  CG2 . THR A 1 83  ? -7.103  -10.996 -3.740  1.00 17.00 ? 82  THR A CG2 1 
ATOM   667  N  N   . ALA A 1 84  ? -6.506  -7.944  -5.077  1.00 21.13 ? 83  ALA A N   1 
ATOM   668  C  CA  . ALA A 1 84  ? -6.354  -7.554  -6.466  1.00 20.84 ? 83  ALA A CA  1 
ATOM   669  C  C   . ALA A 1 84  ? -5.296  -8.333  -7.194  1.00 20.38 ? 83  ALA A C   1 
ATOM   670  O  O   . ALA A 1 84  ? -4.396  -8.930  -6.602  1.00 19.22 ? 83  ALA A O   1 
ATOM   671  C  CB  . ALA A 1 84  ? -6.016  -6.066  -6.537  1.00 20.00 ? 83  ALA A CB  1 
ATOM   672  N  N   . LYS A 1 85  ? -5.449  -8.322  -8.510  1.00 20.46 ? 84  LYS A N   1 
ATOM   673  C  CA  . LYS A 1 85  ? -4.496  -8.912  -9.417  1.00 21.84 ? 84  LYS A CA  1 
ATOM   674  C  C   . LYS A 1 85  ? -3.713  -7.742  -10.000 1.00 21.30 ? 84  LYS A C   1 
ATOM   675  O  O   . LYS A 1 85  ? -4.226  -6.625  -10.016 1.00 20.14 ? 84  LYS A O   1 
ATOM   676  C  CB  . LYS A 1 85  ? -5.209  -9.685  -10.529 1.00 23.98 ? 84  LYS A CB  1 
ATOM   677  C  CG  . LYS A 1 85  ? -5.180  -11.182 -10.322 1.00 29.20 ? 84  LYS A CG  1 
ATOM   678  C  CD  . LYS A 1 85  ? -6.451  -11.680 -9.659  1.00 32.35 ? 84  LYS A CD  1 
ATOM   679  C  CE  . LYS A 1 85  ? -6.414  -13.192 -9.459  1.00 34.28 ? 84  LYS A CE  1 
ATOM   680  N  NZ  . LYS A 1 85  ? -5.204  -13.589 -8.695  1.00 34.21 ? 84  LYS A NZ  1 
ATOM   681  N  N   . TYR A 1 86  ? -2.503  -7.951  -10.488 1.00 20.13 ? 85  TYR A N   1 
ATOM   682  C  CA  . TYR A 1 86  ? -1.776  -6.790  -10.985 1.00 21.76 ? 85  TYR A CA  1 
ATOM   683  C  C   . TYR A 1 86  ? -0.967  -7.085  -12.223 1.00 22.35 ? 85  TYR A C   1 
ATOM   684  O  O   . TYR A 1 86  ? -0.384  -8.159  -12.372 1.00 22.08 ? 85  TYR A O   1 
ATOM   685  C  CB  . TYR A 1 86  ? -0.830  -6.275  -9.898  1.00 20.63 ? 85  TYR A CB  1 
ATOM   686  C  CG  . TYR A 1 86  ? 0.080   -7.350  -9.342  1.00 21.30 ? 85  TYR A CG  1 
ATOM   687  C  CD1 . TYR A 1 86  ? -0.318  -8.134  -8.264  1.00 19.95 ? 85  TYR A CD1 1 
ATOM   688  C  CD2 . TYR A 1 86  ? 1.330   -7.600  -9.911  1.00 22.49 ? 85  TYR A CD2 1 
ATOM   689  C  CE1 . TYR A 1 86  ? 0.501   -9.144  -7.762  1.00 21.81 ? 85  TYR A CE1 1 
ATOM   690  C  CE2 . TYR A 1 86  ? 2.159   -8.611  -9.412  1.00 23.15 ? 85  TYR A CE2 1 
ATOM   691  C  CZ  . TYR A 1 86  ? 1.735   -9.377  -8.341  1.00 22.29 ? 85  TYR A CZ  1 
ATOM   692  O  OH  . TYR A 1 86  ? 2.537   -10.385 -7.850  1.00 24.10 ? 85  TYR A OH  1 
ATOM   693  N  N   . LYS A 1 87  ? -0.945  -6.108  -13.118 1.00 22.98 ? 86  LYS A N   1 
ATOM   694  C  CA  . LYS A 1 87  ? -0.151  -6.214  -14.317 1.00 24.71 ? 86  LYS A CA  1 
ATOM   695  C  C   . LYS A 1 87  ? 1.061   -5.301  -14.178 1.00 25.48 ? 86  LYS A C   1 
ATOM   696  O  O   . LYS A 1 87  ? 1.083   -4.415  -13.311 1.00 23.58 ? 86  LYS A O   1 
ATOM   697  C  CB  . LYS A 1 87  ? -0.967  -5.821  -15.549 1.00 27.09 ? 86  LYS A CB  1 
ATOM   698  C  CG  . LYS A 1 87  ? -1.466  -4.396  -15.540 1.00 30.87 ? 86  LYS A CG  1 
ATOM   699  C  CD  . LYS A 1 87  ? -2.317  -4.122  -16.775 1.00 34.99 ? 86  LYS A CD  1 
ATOM   700  C  CE  . LYS A 1 87  ? -3.702  -4.727  -16.647 1.00 36.83 ? 86  LYS A CE  1 
ATOM   701  N  NZ  . LYS A 1 87  ? -4.762  -3.678  -16.729 1.00 40.66 ? 86  LYS A NZ  1 
ATOM   702  N  N   . THR A 1 88  ? 2.071   -5.524  -15.005 1.00 22.73 ? 87  THR A N   1 
ATOM   703  C  CA  . THR A 1 88  ? 3.256   -4.688  -14.958 1.00 23.32 ? 87  THR A CA  1 
ATOM   704  C  C   . THR A 1 88  ? 3.244   -3.711  -16.115 1.00 23.24 ? 87  THR A C   1 
ATOM   705  O  O   . THR A 1 88  ? 3.010   -4.096  -17.263 1.00 23.21 ? 87  THR A O   1 
ATOM   706  C  CB  . THR A 1 88  ? 4.539   -5.539  -15.005 1.00 22.78 ? 87  THR A CB  1 
ATOM   707  O  OG1 . THR A 1 88  ? 4.448   -6.568  -14.016 1.00 22.58 ? 87  THR A OG1 1 
ATOM   708  C  CG2 . THR A 1 88  ? 5.769   -4.684  -14.717 1.00 23.35 ? 87  THR A CG2 1 
ATOM   709  N  N   . VAL A 1 89  ? 3.478   -2.443  -15.806 1.00 22.06 ? 88  VAL A N   1 
ATOM   710  C  CA  . VAL A 1 89  ? 3.469   -1.408  -16.830 1.00 21.96 ? 88  VAL A CA  1 
ATOM   711  C  C   . VAL A 1 89  ? 4.722   -0.537  -16.754 1.00 23.30 ? 88  VAL A C   1 
ATOM   712  O  O   . VAL A 1 89  ? 5.475   -0.588  -15.773 1.00 21.24 ? 88  VAL A O   1 
ATOM   713  C  CB  . VAL A 1 89  ? 2.222   -0.495  -16.676 1.00 21.76 ? 88  VAL A CB  1 
ATOM   714  C  CG1 . VAL A 1 89  ? 0.951   -1.340  -16.685 1.00 21.05 ? 88  VAL A CG1 1 
ATOM   715  C  CG2 . VAL A 1 89  ? 2.308   0.303   -15.377 1.00 21.61 ? 88  VAL A CG2 1 
ATOM   716  N  N   . ASP A 1 90  ? 4.955   0.250   -17.799 1.00 23.61 ? 89  ASP A N   1 
ATOM   717  C  CA  . ASP A 1 90  ? 6.096   1.151   -17.786 1.00 26.07 ? 89  ASP A CA  1 
ATOM   718  C  C   . ASP A 1 90  ? 5.657   2.506   -17.231 1.00 26.21 ? 89  ASP A C   1 
ATOM   719  O  O   . ASP A 1 90  ? 4.508   2.649   -16.800 1.00 23.94 ? 89  ASP A O   1 
ATOM   720  C  CB  . ASP A 1 90  ? 6.712   1.290   -19.190 1.00 27.13 ? 89  ASP A CB  1 
ATOM   721  C  CG  . ASP A 1 90  ? 5.793   1.978   -20.176 1.00 28.49 ? 89  ASP A CG  1 
ATOM   722  O  OD1 . ASP A 1 90  ? 4.700   2.440   -19.781 1.00 28.44 ? 89  ASP A OD1 1 
ATOM   723  O  OD2 . ASP A 1 90  ? 6.175   2.056   -21.361 1.00 30.09 ? 89  ASP A OD2 1 
ATOM   724  N  N   . LYS A 1 91  ? 6.547   3.491   -17.234 1.00 27.13 ? 90  LYS A N   1 
ATOM   725  C  CA  . LYS A 1 91  ? 6.213   4.806   -16.684 1.00 28.53 ? 90  LYS A CA  1 
ATOM   726  C  C   . LYS A 1 91  ? 5.121   5.511   -17.482 1.00 28.65 ? 90  LYS A C   1 
ATOM   727  O  O   . LYS A 1 91  ? 4.583   6.524   -17.035 1.00 27.13 ? 90  LYS A O   1 
ATOM   728  C  CB  . LYS A 1 91  ? 7.462   5.687   -16.606 1.00 30.54 ? 90  LYS A CB  1 
ATOM   729  C  CG  . LYS A 1 91  ? 7.885   6.296   -17.927 1.00 32.72 ? 90  LYS A CG  1 
ATOM   730  C  CD  . LYS A 1 91  ? 9.298   6.842   -17.838 1.00 35.66 ? 90  LYS A CD  1 
ATOM   731  C  CE  . LYS A 1 91  ? 9.336   8.140   -17.057 1.00 37.14 ? 90  LYS A CE  1 
ATOM   732  N  NZ  . LYS A 1 91  ? 10.327  8.080   -15.946 1.00 39.61 ? 90  LYS A NZ  1 
ATOM   733  N  N   . LYS A 1 92  ? 4.790   4.971   -18.652 1.00 29.56 ? 91  LYS A N   1 
ATOM   734  C  CA  . LYS A 1 92  ? 3.753   5.557   -19.502 1.00 30.35 ? 91  LYS A CA  1 
ATOM   735  C  C   . LYS A 1 92  ? 2.427   4.809   -19.353 1.00 29.75 ? 91  LYS A C   1 
ATOM   736  O  O   . LYS A 1 92  ? 1.452   5.106   -20.047 1.00 29.24 ? 91  LYS A O   1 
ATOM   737  C  CB  . LYS A 1 92  ? 4.193   5.539   -20.967 1.00 33.45 ? 91  LYS A CB  1 
ATOM   738  C  CG  . LYS A 1 92  ? 4.777   6.854   -21.461 1.00 37.40 ? 91  LYS A CG  1 
ATOM   739  C  CD  . LYS A 1 92  ? 6.283   6.929   -21.230 1.00 41.36 ? 91  LYS A CD  1 
ATOM   740  C  CE  . LYS A 1 92  ? 7.019   5.784   -21.916 1.00 43.96 ? 91  LYS A CE  1 
ATOM   741  N  NZ  . LYS A 1 92  ? 7.540   4.780   -20.937 1.00 45.28 ? 91  LYS A NZ  1 
ATOM   742  N  N   . LYS A 1 93  ? 2.406   3.840   -18.445 1.00 27.97 ? 92  LYS A N   1 
ATOM   743  C  CA  . LYS A 1 93  ? 1.218   3.039   -18.168 1.00 28.34 ? 92  LYS A CA  1 
ATOM   744  C  C   . LYS A 1 93  ? 0.906   2.043   -19.286 1.00 28.15 ? 92  LYS A C   1 
ATOM   745  O  O   . LYS A 1 93  ? -0.215  1.536   -19.381 1.00 28.16 ? 92  LYS A O   1 
ATOM   746  C  CB  . LYS A 1 93  ? 0.016   3.943   -17.898 1.00 28.12 ? 92  LYS A CB  1 
ATOM   747  C  CG  . LYS A 1 93  ? 0.249   4.913   -16.750 1.00 28.39 ? 92  LYS A CG  1 
ATOM   748  C  CD  . LYS A 1 93  ? -0.997  5.105   -15.909 1.00 30.15 ? 92  LYS A CD  1 
ATOM   749  C  CE  . LYS A 1 93  ? -0.697  5.943   -14.674 1.00 31.92 ? 92  LYS A CE  1 
ATOM   750  N  NZ  . LYS A 1 93  ? -0.877  7.394   -14.934 1.00 31.44 ? 92  LYS A NZ  1 
ATOM   751  N  N   . ALA A 1 94  ? 1.896   1.770   -20.131 1.00 26.48 ? 93  ALA A N   1 
ATOM   752  C  CA  . ALA A 1 94  ? 1.729   0.779   -21.185 1.00 25.36 ? 93  ALA A CA  1 
ATOM   753  C  C   . ALA A 1 94  ? 1.967   -0.603  -20.580 1.00 24.83 ? 93  ALA A C   1 
ATOM   754  O  O   . ALA A 1 94  ? 2.851   -0.766  -19.731 1.00 21.67 ? 93  ALA A O   1 
ATOM   755  C  CB  . ALA A 1 94  ? 2.718   1.040   -22.319 1.00 26.74 ? 93  ALA A CB  1 
ATOM   756  N  N   . VAL A 1 95  ? 1.194   -1.592  -20.994 1.00 25.33 ? 94  VAL A N   1 
ATOM   757  C  CA  . VAL A 1 95  ? 1.365   -2.918  -20.408 1.00 26.76 ? 94  VAL A CA  1 
ATOM   758  C  C   . VAL A 1 95  ? 2.626   -3.626  -20.864 1.00 27.37 ? 94  VAL A C   1 
ATOM   759  O  O   . VAL A 1 95  ? 2.817   -3.812  -22.058 1.00 28.08 ? 94  VAL A O   1 
ATOM   760  C  CB  . VAL A 1 95  ? 0.134   -3.818  -20.751 1.00 27.21 ? 94  VAL A CB  1 
ATOM   761  C  CG1 . VAL A 1 95  ? 0.349   -5.219  -20.191 1.00 27.64 ? 94  VAL A CG1 1 
ATOM   762  C  CG2 . VAL A 1 95  ? -1.119  -3.209  -20.173 1.00 27.28 ? 94  VAL A CG2 1 
ATOM   763  N  N   . LEU A 1 96  ? 3.520   -3.961  -19.925 1.00 28.17 ? 95  LEU A N   1 
ATOM   764  C  CA  . LEU A 1 96  ? 4.712   -4.727  -20.267 1.00 30.40 ? 95  LEU A CA  1 
ATOM   765  C  C   . LEU A 1 96  ? 4.452   -6.234  -20.053 1.00 32.95 ? 95  LEU A C   1 
ATOM   766  O  O   . LEU A 1 96  ? 4.979   -7.060  -20.794 1.00 33.51 ? 95  LEU A O   1 
ATOM   767  C  CB  . LEU A 1 96  ? 5.924   -4.338  -19.412 1.00 30.12 ? 95  LEU A CB  1 
ATOM   768  C  CG  . LEU A 1 96  ? 6.511   -2.925  -19.425 1.00 30.41 ? 95  LEU A CG  1 
ATOM   769  C  CD1 . LEU A 1 96  ? 7.605   -2.818  -18.398 1.00 28.78 ? 95  LEU A CD1 1 
ATOM   770  C  CD2 . LEU A 1 96  ? 7.059   -2.500  -20.750 1.00 28.80 ? 95  LEU A CD2 1 
ATOM   771  N  N   . LYS A 1 97  ? 3.620   -6.560  -19.052 1.00 32.95 ? 96  LYS A N   1 
ATOM   772  C  CA  . LYS A 1 97  ? 3.267   -7.950  -18.712 1.00 34.49 ? 96  LYS A CA  1 
ATOM   773  C  C   . LYS A 1 97  ? 1.833   -8.031  -18.183 1.00 32.93 ? 96  LYS A C   1 
ATOM   774  O  O   . LYS A 1 97  ? 1.469   -7.290  -17.275 1.00 32.00 ? 96  LYS A O   1 
ATOM   775  C  CB  . LYS A 1 97  ? 4.106   -8.533  -17.585 1.00 36.35 ? 96  LYS A CB  1 
ATOM   776  C  CG  . LYS A 1 97  ? 5.504   -9.003  -17.872 1.00 41.75 ? 96  LYS A CG  1 
ATOM   777  C  CD  . LYS A 1 97  ? 5.978   -9.717  -16.622 1.00 44.34 ? 96  LYS A CD  1 
ATOM   778  C  CE  . LYS A 1 97  ? 7.279   -10.446 -16.820 1.00 46.70 ? 96  LYS A CE  1 
ATOM   779  N  NZ  . LYS A 1 97  ? 8.234   -10.071 -15.739 1.00 47.55 ? 96  LYS A NZ  1 
ATOM   780  N  N   . GLU A 1 98  ? 1.046   -8.977  -18.692 1.00 31.81 ? 97  GLU A N   1 
ATOM   781  C  CA  . GLU A 1 98  ? -0.304  -9.136  -18.198 1.00 31.27 ? 97  GLU A CA  1 
ATOM   782  C  C   . GLU A 1 98  ? -0.272  -9.694  -16.784 1.00 27.76 ? 97  GLU A C   1 
ATOM   783  O  O   . GLU A 1 98  ? 0.775   -10.126 -16.311 1.00 25.44 ? 97  GLU A O   1 
ATOM   784  C  CB  . GLU A 1 98  ? -1.103  -10.066 -19.112 1.00 33.81 ? 97  GLU A CB  1 
ATOM   785  C  CG  . GLU A 1 98  ? -1.375  -9.472  -20.481 1.00 39.56 ? 97  GLU A CG  1 
ATOM   786  C  CD  . GLU A 1 98  ? -2.296  -8.265  -20.421 1.00 43.64 ? 97  GLU A CD  1 
ATOM   787  O  OE1 . GLU A 1 98  ? -2.910  -8.035  -19.358 1.00 46.06 ? 97  GLU A OE1 1 
ATOM   788  O  OE2 . GLU A 1 98  ? -2.409  -7.546  -21.436 1.00 46.97 ? 97  GLU A OE2 1 
ATOM   789  N  N   . ALA A 1 99  ? -1.417  -9.682  -16.118 1.00 26.95 ? 98  ALA A N   1 
ATOM   790  C  CA  . ALA A 1 99  ? -1.504  -10.178 -14.750 1.00 27.53 ? 98  ALA A CA  1 
ATOM   791  C  C   . ALA A 1 99  ? -1.463  -11.700 -14.691 1.00 29.11 ? 98  ALA A C   1 
ATOM   792  O  O   . ALA A 1 99  ? -2.127  -12.377 -15.471 1.00 29.83 ? 98  ALA A O   1 
ATOM   793  C  CB  . ALA A 1 99  ? -2.793  -9.676  -14.105 1.00 26.40 ? 98  ALA A CB  1 
ATOM   794  N  N   . ASP A 1 100 ? -0.659  -12.226 -13.773 1.00 29.72 ? 99  ASP A N   1 
ATOM   795  C  CA  . ASP A 1 100 ? -0.587  -13.660 -13.553 1.00 29.57 ? 99  ASP A CA  1 
ATOM   796  C  C   . ASP A 1 100 ? -1.689  -14.014 -12.556 1.00 29.13 ? 99  ASP A C   1 
ATOM   797  O  O   . ASP A 1 100 ? -1.644  -13.601 -11.389 1.00 27.23 ? 99  ASP A O   1 
ATOM   798  C  CB  . ASP A 1 100 ? 0.787   -14.056 -12.995 1.00 30.23 ? 99  ASP A CB  1 
ATOM   799  C  CG  . ASP A 1 100 ? 0.976   -15.568 -12.902 1.00 32.68 ? 99  ASP A CG  1 
ATOM   800  O  OD1 . ASP A 1 100 ? -0.022  -16.301 -12.749 1.00 34.66 ? 99  ASP A OD1 1 
ATOM   801  O  OD2 . ASP A 1 100 ? 2.133   -16.027 -12.981 1.00 33.67 ? 99  ASP A OD2 1 
ATOM   802  N  N   . GLU A 1 101 ? -2.683  -14.750 -13.036 1.00 28.01 ? 100 GLU A N   1 
ATOM   803  C  CA  . GLU A 1 101 ? -3.851  -15.135 -12.249 1.00 28.59 ? 100 GLU A CA  1 
ATOM   804  C  C   . GLU A 1 101 ? -3.499  -15.814 -10.930 1.00 27.46 ? 100 GLU A C   1 
ATOM   805  O  O   . GLU A 1 101 ? -4.314  -15.810 -10.012 1.00 28.64 ? 100 GLU A O   1 
ATOM   806  C  CB  . GLU A 1 101 ? -4.747  -16.057 -13.082 1.00 30.87 ? 100 GLU A CB  1 
ATOM   807  C  CG  . GLU A 1 101 ? -6.225  -15.711 -13.051 1.00 36.56 ? 100 GLU A CG  1 
ATOM   808  C  CD  . GLU A 1 101 ? -6.500  -14.241 -13.296 1.00 38.77 ? 100 GLU A CD  1 
ATOM   809  O  OE1 . GLU A 1 101 ? -5.804  -13.631 -14.133 1.00 41.29 ? 100 GLU A OE1 1 
ATOM   810  O  OE2 . GLU A 1 101 ? -7.417  -13.696 -12.644 1.00 41.01 ? 100 GLU A OE2 1 
ATOM   811  N  N   . LYS A 1 102 ? -2.309  -16.388 -10.819 1.00 26.17 ? 101 LYS A N   1 
ATOM   812  C  CA  . LYS A 1 102 ? -1.927  -17.073 -9.583  1.00 27.56 ? 101 LYS A CA  1 
ATOM   813  C  C   . LYS A 1 102 ? -1.341  -16.120 -8.534  1.00 25.28 ? 101 LYS A C   1 
ATOM   814  O  O   . LYS A 1 102 ? -1.153  -16.507 -7.384  1.00 24.96 ? 101 LYS A O   1 
ATOM   815  C  CB  . LYS A 1 102 ? -0.932  -18.198 -9.883  1.00 29.74 ? 101 LYS A CB  1 
ATOM   816  C  CG  . LYS A 1 102 ? 0.482   -17.735 -10.184 1.00 34.30 ? 101 LYS A CG  1 
ATOM   817  C  CD  . LYS A 1 102 ? 1.458   -18.912 -10.214 1.00 39.18 ? 101 LYS A CD  1 
ATOM   818  C  CE  . LYS A 1 102 ? 1.130   -19.889 -11.335 1.00 40.02 ? 101 LYS A CE  1 
ATOM   819  N  NZ  . LYS A 1 102 ? 1.367   -19.286 -12.677 1.00 42.80 ? 101 LYS A NZ  1 
ATOM   820  N  N   . ASN A 1 103 ? -1.058  -14.886 -8.924  1.00 23.89 ? 102 ASN A N   1 
ATOM   821  C  CA  . ASN A 1 103 ? -0.501  -13.911 -7.989  1.00 23.88 ? 102 ASN A CA  1 
ATOM   822  C  C   . ASN A 1 103 ? -1.561  -12.906 -7.563  1.00 22.10 ? 102 ASN A C   1 
ATOM   823  O  O   . ASN A 1 103 ? -2.454  -12.562 -8.335  1.00 23.78 ? 102 ASN A O   1 
ATOM   824  C  CB  . ASN A 1 103 ? 0.667   -13.146 -8.625  1.00 24.91 ? 102 ASN A CB  1 
ATOM   825  C  CG  . ASN A 1 103 ? 1.849   -14.036 -8.951  1.00 27.04 ? 102 ASN A CG  1 
ATOM   826  O  OD1 . ASN A 1 103 ? 2.717   -13.663 -9.741  1.00 28.98 ? 102 ASN A OD1 1 
ATOM   827  N  ND2 . ASN A 1 103 ? 1.893   -15.212 -8.345  1.00 26.85 ? 102 ASN A ND2 1 
ATOM   828  N  N   . SER A 1 104 ? -1.454  -12.422 -6.336  1.00 20.50 ? 103 SER A N   1 
ATOM   829  C  CA  . SER A 1 104 ? -2.413  -11.445 -5.848  1.00 20.12 ? 103 SER A CA  1 
ATOM   830  C  C   . SER A 1 104 ? -1.920  -10.779 -4.581  1.00 18.65 ? 103 SER A C   1 
ATOM   831  O  O   . SER A 1 104 ? -0.931  -11.199 -3.981  1.00 19.64 ? 103 SER A O   1 
ATOM   832  C  CB  . SER A 1 104 ? -3.759  -12.121 -5.555  1.00 18.90 ? 103 SER A CB  1 
ATOM   833  O  OG  . SER A 1 104 ? -3.680  -12.979 -4.420  1.00 18.29 ? 103 SER A OG  1 
ATOM   834  N  N   . TYR A 1 105 ? -2.601  -9.711  -4.205  1.00 19.07 ? 104 TYR A N   1 
ATOM   835  C  CA  . TYR A 1 105 ? -2.305  -9.032  -2.955  1.00 17.75 ? 104 TYR A CA  1 
ATOM   836  C  C   . TYR A 1 105 ? -3.604  -8.562  -2.341  1.00 16.52 ? 104 TYR A C   1 
ATOM   837  O  O   . TYR A 1 105 ? -4.518  -8.146  -3.054  1.00 15.85 ? 104 TYR A O   1 
ATOM   838  C  CB  . TYR A 1 105 ? -1.321  -7.854  -3.141  1.00 16.92 ? 104 TYR A CB  1 
ATOM   839  C  CG  . TYR A 1 105 ? -1.828  -6.673  -3.939  1.00 18.41 ? 104 TYR A CG  1 
ATOM   840  C  CD1 . TYR A 1 105 ? -1.647  -6.619  -5.321  1.00 17.60 ? 104 TYR A CD1 1 
ATOM   841  C  CD2 . TYR A 1 105 ? -2.451  -5.590  -3.312  1.00 17.17 ? 104 TYR A CD2 1 
ATOM   842  C  CE1 . TYR A 1 105 ? -2.068  -5.521  -6.063  1.00 16.44 ? 104 TYR A CE1 1 
ATOM   843  C  CE2 . TYR A 1 105 ? -2.878  -4.481  -4.050  1.00 17.02 ? 104 TYR A CE2 1 
ATOM   844  C  CZ  . TYR A 1 105 ? -2.680  -4.457  -5.426  1.00 17.02 ? 104 TYR A CZ  1 
ATOM   845  O  OH  . TYR A 1 105 ? -3.085  -3.377  -6.173  1.00 17.17 ? 104 TYR A OH  1 
ATOM   846  N  N   . THR A 1 106 ? -3.703  -8.679  -1.027  1.00 17.18 ? 105 THR A N   1 
ATOM   847  C  CA  . THR A 1 106 ? -4.900  -8.239  -0.322  1.00 16.98 ? 105 THR A CA  1 
ATOM   848  C  C   . THR A 1 106 ? -4.568  -7.026  0.527   1.00 17.65 ? 105 THR A C   1 
ATOM   849  O  O   . THR A 1 106 ? -3.704  -7.098  1.406   1.00 15.07 ? 105 THR A O   1 
ATOM   850  C  CB  . THR A 1 106 ? -5.464  -9.357  0.588   1.00 18.36 ? 105 THR A CB  1 
ATOM   851  O  OG1 . THR A 1 106 ? -5.710  -10.528 -0.202  1.00 21.05 ? 105 THR A OG1 1 
ATOM   852  C  CG2 . THR A 1 106 ? -6.783  -8.915  1.237   1.00 17.79 ? 105 THR A CG2 1 
ATOM   853  N  N   . LEU A 1 107 ? -5.235  -5.915  0.238   1.00 16.24 ? 106 LEU A N   1 
ATOM   854  C  CA  . LEU A 1 107 ? -5.024  -4.668  0.963   1.00 15.86 ? 106 LEU A CA  1 
ATOM   855  C  C   . LEU A 1 107 ? -6.204  -4.435  1.908   1.00 16.42 ? 106 LEU A C   1 
ATOM   856  O  O   . LEU A 1 107 ? -7.374  -4.519  1.500   1.00 13.37 ? 106 LEU A O   1 
ATOM   857  C  CB  . LEU A 1 107 ? -4.880  -3.505  -0.038  1.00 16.48 ? 106 LEU A CB  1 
ATOM   858  C  CG  . LEU A 1 107 ? -4.477  -2.100  0.450   1.00 21.51 ? 106 LEU A CG  1 
ATOM   859  C  CD1 . LEU A 1 107 ? -3.805  -1.326  -0.690  1.00 20.86 ? 106 LEU A CD1 1 
ATOM   860  C  CD2 . LEU A 1 107 ? -5.720  -1.350  0.935   1.00 18.39 ? 106 LEU A CD2 1 
ATOM   861  N  N   . THR A 1 108 ? -5.888  -4.179  3.174   1.00 15.74 ? 107 THR A N   1 
ATOM   862  C  CA  . THR A 1 108 ? -6.902  -3.947  4.194   1.00 16.71 ? 107 THR A CA  1 
ATOM   863  C  C   . THR A 1 108 ? -6.700  -2.591  4.846   1.00 15.32 ? 107 THR A C   1 
ATOM   864  O  O   . THR A 1 108 ? -5.618  -2.304  5.356   1.00 15.14 ? 107 THR A O   1 
ATOM   865  C  CB  . THR A 1 108 ? -6.833  -5.037  5.291   1.00 18.59 ? 107 THR A CB  1 
ATOM   866  O  OG1 . THR A 1 108 ? -6.857  -6.332  4.675   1.00 18.58 ? 107 THR A OG1 1 
ATOM   867  C  CG2 . THR A 1 108 ? -8.008  -4.907  6.261   1.00 18.14 ? 107 THR A CG2 1 
ATOM   868  N  N   . VAL A 1 109 ? -7.734  -1.755  4.818   1.00 15.30 ? 108 VAL A N   1 
ATOM   869  C  CA  . VAL A 1 109 ? -7.652  -0.426  5.414   1.00 16.13 ? 108 VAL A CA  1 
ATOM   870  C  C   . VAL A 1 109 ? -8.041  -0.472  6.891   1.00 17.29 ? 108 VAL A C   1 
ATOM   871  O  O   . VAL A 1 109 ? -9.164  -0.847  7.242   1.00 17.31 ? 108 VAL A O   1 
ATOM   872  C  CB  . VAL A 1 109 ? -8.557  0.569   4.656   1.00 17.40 ? 108 VAL A CB  1 
ATOM   873  C  CG1 . VAL A 1 109 ? -8.385  1.968   5.218   1.00 14.93 ? 108 VAL A CG1 1 
ATOM   874  C  CG2 . VAL A 1 109 ? -8.209  0.542   3.167   1.00 15.64 ? 108 VAL A CG2 1 
ATOM   875  N  N   . LEU A 1 110 ? -7.103  -0.087  7.750   1.00 16.75 ? 109 LEU A N   1 
ATOM   876  C  CA  . LEU A 1 110 ? -7.307  -0.108  9.194   1.00 17.89 ? 109 LEU A CA  1 
ATOM   877  C  C   . LEU A 1 110 ? -7.742  1.254   9.737   1.00 18.34 ? 109 LEU A C   1 
ATOM   878  O  O   . LEU A 1 110 ? -8.368  1.336   10.799  1.00 18.23 ? 109 LEU A O   1 
ATOM   879  C  CB  . LEU A 1 110 ? -6.020  -0.571  9.878   1.00 17.55 ? 109 LEU A CB  1 
ATOM   880  C  CG  . LEU A 1 110 ? -5.501  -1.948  9.433   1.00 20.05 ? 109 LEU A CG  1 
ATOM   881  C  CD1 . LEU A 1 110 ? -4.245  -2.307  10.211  1.00 22.06 ? 109 LEU A CD1 1 
ATOM   882  C  CD2 . LEU A 1 110 ? -6.579  -3.002  9.661   1.00 21.24 ? 109 LEU A CD2 1 
ATOM   883  N  N   . GLU A 1 111 ? -7.402  2.315   9.017   1.00 18.71 ? 110 GLU A N   1 
ATOM   884  C  CA  . GLU A 1 111 ? -7.773  3.673   9.418   1.00 19.77 ? 110 GLU A CA  1 
ATOM   885  C  C   . GLU A 1 111 ? -7.502  4.654   8.294   1.00 20.78 ? 110 GLU A C   1 
ATOM   886  O  O   . GLU A 1 111 ? -6.560  4.479   7.524   1.00 19.35 ? 110 GLU A O   1 
ATOM   887  C  CB  . GLU A 1 111 ? -6.999  4.112   10.668  1.00 20.21 ? 110 GLU A CB  1 
ATOM   888  C  CG  . GLU A 1 111 ? -7.462  5.455   11.246  1.00 23.73 ? 110 GLU A CG  1 
ATOM   889  C  CD  . GLU A 1 111 ? -8.925  5.435   11.679  1.00 24.13 ? 110 GLU A CD  1 
ATOM   890  O  OE1 . GLU A 1 111 ? -9.799  5.731   10.842  1.00 23.44 ? 110 GLU A OE1 1 
ATOM   891  O  OE2 . GLU A 1 111 ? -9.199  5.121   12.854  1.00 23.71 ? 110 GLU A OE2 1 
ATOM   892  N  N   . ALA A 1 112 ? -8.330  5.684   8.201   1.00 21.16 ? 111 ALA A N   1 
ATOM   893  C  CA  . ALA A 1 112 ? -8.159  6.676   7.162   1.00 21.64 ? 111 ALA A CA  1 
ATOM   894  C  C   . ALA A 1 112 ? -8.974  7.923   7.447   1.00 23.47 ? 111 ALA A C   1 
ATOM   895  O  O   . ALA A 1 112 ? -10.172 7.847   7.738   1.00 22.93 ? 111 ALA A O   1 
ATOM   896  C  CB  . ALA A 1 112 ? -8.571  6.092   5.819   1.00 22.34 ? 111 ALA A CB  1 
ATOM   897  N  N   . ASP A 1 113 ? -8.304  9.068   7.395   1.00 22.53 ? 112 ASP A N   1 
ATOM   898  C  CA  . ASP A 1 113 ? -8.968  10.343  7.566   1.00 23.13 ? 112 ASP A CA  1 
ATOM   899  C  C   . ASP A 1 113 ? -8.634  11.241  6.376   1.00 23.06 ? 112 ASP A C   1 
ATOM   900  O  O   . ASP A 1 113 ? -8.208  10.736  5.333   1.00 22.57 ? 112 ASP A O   1 
ATOM   901  C  CB  . ASP A 1 113 ? -8.601  11.003  8.912   1.00 21.27 ? 112 ASP A CB  1 
ATOM   902  C  CG  . ASP A 1 113 ? -7.117  11.208  9.093   1.00 20.05 ? 112 ASP A CG  1 
ATOM   903  O  OD1 . ASP A 1 113 ? -6.393  11.364  8.091   1.00 16.37 ? 112 ASP A OD1 1 
ATOM   904  O  OD2 . ASP A 1 113 ? -6.679  11.219  10.260  1.00 21.92 ? 112 ASP A OD2 1 
ATOM   905  N  N   . ASP A 1 114 ? -8.808  12.544  6.510   1.00 21.58 ? 113 ASP A N   1 
ATOM   906  C  CA  . ASP A 1 114 ? -8.552  13.440  5.381   1.00 22.61 ? 113 ASP A CA  1 
ATOM   907  C  C   . ASP A 1 114 ? -7.074  13.584  5.031   1.00 21.81 ? 113 ASP A C   1 
ATOM   908  O  O   . ASP A 1 114 ? -6.752  14.025  3.932   1.00 20.64 ? 113 ASP A O   1 
ATOM   909  C  CB  . ASP A 1 114 ? -9.126  14.829  5.666   1.00 26.27 ? 113 ASP A CB  1 
ATOM   910  C  CG  . ASP A 1 114 ? -10.629 14.817  5.807   1.00 29.36 ? 113 ASP A CG  1 
ATOM   911  O  OD1 . ASP A 1 114 ? -11.291 14.100  5.024   1.00 32.14 ? 113 ASP A OD1 1 
ATOM   912  O  OD2 . ASP A 1 114 ? -11.144 15.524  6.698   1.00 31.51 ? 113 ASP A OD2 1 
ATOM   913  N  N   . SER A 1 115 ? -6.167  13.211  5.924   1.00 21.02 ? 114 SER A N   1 
ATOM   914  C  CA  . SER A 1 115 ? -4.756  13.420  5.615   1.00 19.80 ? 114 SER A CA  1 
ATOM   915  C  C   . SER A 1 115 ? -3.914  12.151  5.621   1.00 19.70 ? 114 SER A C   1 
ATOM   916  O  O   . SER A 1 115 ? -2.874  12.117  4.967   1.00 18.72 ? 114 SER A O   1 
ATOM   917  C  CB  . SER A 1 115 ? -4.166  14.415  6.612   1.00 20.79 ? 114 SER A CB  1 
ATOM   918  O  OG  . SER A 1 115 ? -3.962  13.793  7.868   1.00 22.43 ? 114 SER A OG  1 
ATOM   919  N  N   . SER A 1 116 ? -4.337  11.120  6.340   1.00 18.80 ? 115 SER A N   1 
ATOM   920  C  CA  . SER A 1 116 ? -3.528  9.908   6.423   1.00 17.69 ? 115 SER A CA  1 
ATOM   921  C  C   . SER A 1 116 ? -4.358  8.648   6.459   1.00 15.72 ? 115 SER A C   1 
ATOM   922  O  O   . SER A 1 116 ? -5.584  8.679   6.551   1.00 15.35 ? 115 SER A O   1 
ATOM   923  C  CB  . SER A 1 116 ? -2.648  9.931   7.680   1.00 18.58 ? 115 SER A CB  1 
ATOM   924  O  OG  . SER A 1 116 ? -2.554  11.225  8.240   1.00 21.84 ? 115 SER A OG  1 
ATOM   925  N  N   . ALA A 1 117 ? -3.651  7.524   6.399   1.00 14.46 ? 116 ALA A N   1 
ATOM   926  C  CA  . ALA A 1 117 ? -4.272  6.216   6.441   1.00 13.86 ? 116 ALA A CA  1 
ATOM   927  C  C   . ALA A 1 117 ? -3.268  5.160   6.887   1.00 15.55 ? 116 ALA A C   1 
ATOM   928  O  O   . ALA A 1 117 ? -2.047  5.369   6.831   1.00 13.02 ? 116 ALA A O   1 
ATOM   929  C  CB  . ALA A 1 117 ? -4.820  5.862   5.064   1.00 13.22 ? 116 ALA A CB  1 
ATOM   930  N  N   . LEU A 1 118 ? -3.800  4.040   7.355   1.00 12.69 ? 117 LEU A N   1 
ATOM   931  C  CA  . LEU A 1 118 ? -2.991  2.907   7.766   1.00 13.50 ? 117 LEU A CA  1 
ATOM   932  C  C   . LEU A 1 118 ? -3.535  1.672   7.079   1.00 13.98 ? 117 LEU A C   1 
ATOM   933  O  O   . LEU A 1 118 ? -4.720  1.359   7.208   1.00 15.84 ? 117 LEU A O   1 
ATOM   934  C  CB  . LEU A 1 118 ? -3.035  2.701   9.283   1.00 13.39 ? 117 LEU A CB  1 
ATOM   935  C  CG  . LEU A 1 118 ? -2.385  1.403   9.791   1.00 12.20 ? 117 LEU A CG  1 
ATOM   936  C  CD1 . LEU A 1 118 ? -0.877  1.466   9.599   1.00 12.97 ? 117 LEU A CD1 1 
ATOM   937  C  CD2 . LEU A 1 118 ? -2.730  1.182   11.260  1.00 15.10 ? 117 LEU A CD2 1 
ATOM   938  N  N   . VAL A 1 119 ? -2.694  0.973   6.336   1.00 14.93 ? 118 VAL A N   1 
ATOM   939  C  CA  . VAL A 1 119 ? -3.172  -0.207  5.649   1.00 15.59 ? 118 VAL A CA  1 
ATOM   940  C  C   . VAL A 1 119 ? -2.251  -1.390  5.845   1.00 16.54 ? 118 VAL A C   1 
ATOM   941  O  O   . VAL A 1 119 ? -1.066  -1.246  6.166   1.00 16.28 ? 118 VAL A O   1 
ATOM   942  C  CB  . VAL A 1 119 ? -3.324  0.025   4.110   1.00 17.62 ? 118 VAL A CB  1 
ATOM   943  C  CG1 . VAL A 1 119 ? -4.150  1.263   3.836   1.00 14.51 ? 118 VAL A CG1 1 
ATOM   944  C  CG2 . VAL A 1 119 ? -1.963  0.140   3.453   1.00 18.50 ? 118 VAL A CG2 1 
ATOM   945  N  N   . HIS A 1 120 ? -2.833  -2.565  5.668   1.00 16.01 ? 119 HIS A N   1 
ATOM   946  C  CA  . HIS A 1 120 ? -2.106  -3.809  5.738   1.00 15.46 ? 119 HIS A CA  1 
ATOM   947  C  C   . HIS A 1 120 ? -2.134  -4.443  4.353   1.00 14.60 ? 119 HIS A C   1 
ATOM   948  O  O   . HIS A 1 120 ? -3.179  -4.457  3.679   1.00 13.01 ? 119 HIS A O   1 
ATOM   949  C  CB  . HIS A 1 120 ? -2.734  -4.764  6.760   1.00 16.72 ? 119 HIS A CB  1 
ATOM   950  C  CG  . HIS A 1 120 ? -2.087  -6.114  6.795   1.00 18.58 ? 119 HIS A CG  1 
ATOM   951  N  ND1 . HIS A 1 120 ? -2.470  -7.146  5.978   1.00 18.05 ? 119 HIS A ND1 1 
ATOM   952  C  CD2 . HIS A 1 120 ? -1.059  -6.595  7.536   1.00 17.51 ? 119 HIS A CD2 1 
ATOM   953  C  CE1 . HIS A 1 120 ? -1.710  -8.225  6.198   1.00 18.27 ? 119 HIS A CE1 1 
ATOM   954  N  NE2 . HIS A 1 120 ? -0.847  -7.898  7.147   1.00 18.42 ? 119 HIS A NE2 1 
ATOM   955  N  N   . ILE A 1 121 ? -0.991  -4.950  3.920   1.00 15.72 ? 120 ILE A N   1 
ATOM   956  C  CA  . ILE A 1 121 ? -0.897  -5.568  2.605   1.00 16.12 ? 120 ILE A CA  1 
ATOM   957  C  C   . ILE A 1 121 ? -0.256  -6.944  2.684   1.00 17.30 ? 120 ILE A C   1 
ATOM   958  O  O   . ILE A 1 121 ? 0.787   -7.126  3.314   1.00 15.45 ? 120 ILE A O   1 
ATOM   959  C  CB  . ILE A 1 121 ? -0.026  -4.720  1.646   1.00 16.90 ? 120 ILE A CB  1 
ATOM   960  C  CG1 . ILE A 1 121 ? -0.531  -3.278  1.620   1.00 19.65 ? 120 ILE A CG1 1 
ATOM   961  C  CG2 . ILE A 1 121 ? -0.043  -5.326  0.245   1.00 19.60 ? 120 ILE A CG2 1 
ATOM   962  C  CD1 . ILE A 1 121 ? 0.596   -2.244  1.528   1.00 18.71 ? 120 ILE A CD1 1 
ATOM   963  N  N   . CYS A 1 122 ? -0.904  -7.915  2.063   1.00 18.48 ? 121 CYS A N   1 
ATOM   964  C  CA  . CYS A 1 122 ? -0.348  -9.257  2.005   1.00 18.68 ? 121 CYS A CA  1 
ATOM   965  C  C   . CYS A 1 122 ? -0.161  -9.634  0.548   1.00 18.80 ? 121 CYS A C   1 
ATOM   966  O  O   . CYS A 1 122 ? -1.134  -9.851  -0.171  1.00 16.81 ? 121 CYS A O   1 
ATOM   967  C  CB  . CYS A 1 122 ? -1.261  -10.286 2.681   1.00 18.91 ? 121 CYS A CB  1 
ATOM   968  S  SG  . CYS A 1 122 ? -0.661  -12.004 2.465   1.00 22.98 ? 121 CYS A SG  1 
ATOM   969  N  N   . LEU A 1 123 ? 1.091   -9.677  0.108   1.00 20.40 ? 122 LEU A N   1 
ATOM   970  C  CA  . LEU A 1 123 ? 1.403   -10.029 -1.271  1.00 22.70 ? 122 LEU A CA  1 
ATOM   971  C  C   . LEU A 1 123 ? 1.638   -11.538 -1.381  1.00 24.08 ? 122 LEU A C   1 
ATOM   972  O  O   . LEU A 1 123 ? 2.299   -12.127 -0.526  1.00 25.56 ? 122 LEU A O   1 
ATOM   973  C  CB  . LEU A 1 123 ? 2.644   -9.248  -1.726  1.00 21.78 ? 122 LEU A CB  1 
ATOM   974  C  CG  . LEU A 1 123 ? 3.182   -9.509  -3.138  1.00 23.93 ? 122 LEU A CG  1 
ATOM   975  C  CD1 . LEU A 1 123 ? 2.198   -8.995  -4.188  1.00 20.69 ? 122 LEU A CD1 1 
ATOM   976  C  CD2 . LEU A 1 123 ? 4.532   -8.822  -3.289  1.00 22.84 ? 122 LEU A CD2 1 
ATOM   977  N  N   . ARG A 1 124 ? 1.086   -12.156 -2.421  1.00 25.41 ? 123 ARG A N   1 
ATOM   978  C  CA  . ARG A 1 124 ? 1.225   -13.598 -2.628  1.00 29.46 ? 123 ARG A CA  1 
ATOM   979  C  C   . ARG A 1 124 ? 1.696   -13.932 -4.038  1.00 32.63 ? 123 ARG A C   1 
ATOM   980  O  O   . ARG A 1 124 ? 1.239   -13.340 -5.016  1.00 32.51 ? 123 ARG A O   1 
ATOM   981  C  CB  . ARG A 1 124 ? -0.113  -14.302 -2.408  1.00 28.42 ? 123 ARG A CB  1 
ATOM   982  C  CG  . ARG A 1 124 ? -0.653  -14.246 -0.998  1.00 30.69 ? 123 ARG A CG  1 
ATOM   983  C  CD  . ARG A 1 124 ? -2.091  -14.740 -0.976  1.00 28.59 ? 123 ARG A CD  1 
ATOM   984  N  NE  . ARG A 1 124 ? -2.869  -14.107 0.084   1.00 31.11 ? 123 ARG A NE  1 
ATOM   985  C  CZ  . ARG A 1 124 ? -3.663  -13.056 -0.095  1.00 31.18 ? 123 ARG A CZ  1 
ATOM   986  N  NH1 . ARG A 1 124 ? -3.790  -12.516 -1.302  1.00 28.47 ? 123 ARG A NH1 1 
ATOM   987  N  NH2 . ARG A 1 124 ? -4.335  -12.553 0.936   1.00 31.00 ? 123 ARG A NH2 1 
ATOM   988  N  N   . GLU A 1 125 ? 2.601   -14.898 -4.133  1.00 37.24 ? 124 GLU A N   1 
ATOM   989  C  CA  . GLU A 1 125 ? 3.126   -15.338 -5.417  1.00 42.71 ? 124 GLU A CA  1 
ATOM   990  C  C   . GLU A 1 125 ? 2.744   -16.788 -5.672  1.00 45.04 ? 124 GLU A C   1 
ATOM   991  O  O   . GLU A 1 125 ? 3.577   -17.685 -5.566  1.00 46.41 ? 124 GLU A O   1 
ATOM   992  C  CB  . GLU A 1 125 ? 4.646   -15.200 -5.444  1.00 44.34 ? 124 GLU A CB  1 
ATOM   993  C  CG  . GLU A 1 125 ? 5.141   -14.006 -6.233  1.00 49.19 ? 124 GLU A CG  1 
ATOM   994  C  CD  . GLU A 1 125 ? 6.650   -13.994 -6.368  1.00 51.83 ? 124 GLU A CD  1 
ATOM   995  O  OE1 . GLU A 1 125 ? 7.233   -15.071 -6.634  1.00 51.99 ? 124 GLU A OE1 1 
ATOM   996  O  OE2 . GLU A 1 125 ? 7.248   -12.908 -6.206  1.00 53.16 ? 124 GLU A OE2 1 
ATOM   997  N  N   . GLY A 1 126 ? 1.476   -17.010 -5.999  1.00 47.75 ? 125 GLY A N   1 
ATOM   998  C  CA  . GLY A 1 126 ? 1.005   -18.358 -6.252  1.00 50.80 ? 125 GLY A CA  1 
ATOM   999  C  C   . GLY A 1 126 ? 0.697   -19.089 -4.961  1.00 52.83 ? 125 GLY A C   1 
ATOM   1000 O  O   . GLY A 1 126 ? -0.463  -19.207 -4.565  1.00 53.24 ? 125 GLY A O   1 
ATOM   1001 N  N   . SER A 1 127 ? 1.741   -19.573 -4.296  1.00 54.69 ? 126 SER A N   1 
ATOM   1002 C  CA  . SER A 1 127 ? 1.574   -20.304 -3.046  1.00 56.05 ? 126 SER A CA  1 
ATOM   1003 C  C   . SER A 1 127 ? 2.367   -19.671 -1.902  1.00 55.94 ? 126 SER A C   1 
ATOM   1004 O  O   . SER A 1 127 ? 1.953   -19.736 -0.745  1.00 56.79 ? 126 SER A O   1 
ATOM   1005 C  CB  . SER A 1 127 ? 2.014   -21.760 -3.230  1.00 56.38 ? 126 SER A CB  1 
ATOM   1006 O  OG  . SER A 1 127 ? 3.336   -21.838 -3.734  1.00 57.78 ? 126 SER A OG  1 
ATOM   1007 N  N   . LYS A 1 128 ? 3.497   -19.051 -2.227  1.00 55.60 ? 127 LYS A N   1 
ATOM   1008 C  CA  . LYS A 1 128 ? 4.342   -18.439 -1.208  1.00 54.58 ? 127 LYS A CA  1 
ATOM   1009 C  C   . LYS A 1 128 ? 3.836   -17.074 -0.754  1.00 53.13 ? 127 LYS A C   1 
ATOM   1010 O  O   . LYS A 1 128 ? 3.545   -16.199 -1.571  1.00 52.25 ? 127 LYS A O   1 
ATOM   1011 C  CB  . LYS A 1 128 ? 5.779   -18.288 -1.720  1.00 56.05 ? 127 LYS A CB  1 
ATOM   1012 C  CG  . LYS A 1 128 ? 6.129   -19.187 -2.893  1.00 58.46 ? 127 LYS A CG  1 
ATOM   1013 C  CD  . LYS A 1 128 ? 7.196   -18.557 -3.774  1.00 59.33 ? 127 LYS A CD  1 
ATOM   1014 C  CE  . LYS A 1 128 ? 6.614   -18.106 -5.102  1.00 60.00 ? 127 LYS A CE  1 
ATOM   1015 N  NZ  . LYS A 1 128 ? 5.765   -19.163 -5.717  1.00 60.74 ? 127 LYS A NZ  1 
ATOM   1016 N  N   . ASP A 1 129 ? 3.737   -16.917 0.565   1.00 50.76 ? 128 ASP A N   1 
ATOM   1017 C  CA  . ASP A 1 129 ? 3.331   -15.663 1.185   1.00 48.59 ? 128 ASP A CA  1 
ATOM   1018 C  C   . ASP A 1 129 ? 4.580   -14.808 1.405   1.00 46.84 ? 128 ASP A C   1 
ATOM   1019 O  O   . ASP A 1 129 ? 5.608   -15.323 1.840   1.00 47.21 ? 128 ASP A O   1 
ATOM   1020 C  CB  . ASP A 1 129 ? 2.663   -15.931 2.538   1.00 48.56 ? 128 ASP A CB  1 
ATOM   1021 C  CG  . ASP A 1 129 ? 1.154   -15.804 2.488   1.00 47.77 ? 128 ASP A CG  1 
ATOM   1022 O  OD1 . ASP A 1 129 ? 0.580   -15.835 1.384   1.00 48.68 ? 128 ASP A OD1 1 
ATOM   1023 O  OD2 . ASP A 1 129 ? 0.539   -15.676 3.565   1.00 48.49 ? 128 ASP A OD2 1 
ATOM   1024 N  N   . LEU A 1 130 ? 4.508   -13.516 1.111   1.00 45.14 ? 129 LEU A N   1 
ATOM   1025 C  CA  . LEU A 1 130 ? 5.680   -12.658 1.288   1.00 42.02 ? 129 LEU A CA  1 
ATOM   1026 C  C   . LEU A 1 130 ? 5.744   -12.061 2.694   1.00 40.10 ? 129 LEU A C   1 
ATOM   1027 O  O   . LEU A 1 130 ? 6.728   -11.417 3.057   1.00 40.00 ? 129 LEU A O   1 
ATOM   1028 C  CB  . LEU A 1 130 ? 5.684   -11.538 0.244   1.00 42.34 ? 129 LEU A CB  1 
ATOM   1029 C  CG  . LEU A 1 130 ? 6.424   -11.829 -1.068  1.00 42.90 ? 129 LEU A CG  1 
ATOM   1030 C  CD1 . LEU A 1 130 ? 7.818   -12.362 -0.767  1.00 44.03 ? 129 LEU A CD1 1 
ATOM   1031 C  CD2 . LEU A 1 130 ? 5.638   -12.832 -1.899  1.00 41.40 ? 129 LEU A CD2 1 
ATOM   1032 N  N   . GLY A 1 131 ? 4.701   -12.281 3.484   1.00 36.69 ? 130 GLY A N   1 
ATOM   1033 C  CA  . GLY A 1 131 ? 4.695   -11.754 4.836   1.00 33.75 ? 130 GLY A CA  1 
ATOM   1034 C  C   . GLY A 1 131 ? 3.941   -10.450 5.015   1.00 31.37 ? 130 GLY A C   1 
ATOM   1035 O  O   . GLY A 1 131 ? 3.644   -9.743  4.050   1.00 29.65 ? 130 GLY A O   1 
ATOM   1036 N  N   . ASP A 1 132 ? 3.636   -10.134 6.269   1.00 28.93 ? 131 ASP A N   1 
ATOM   1037 C  CA  . ASP A 1 132 ? 2.905   -8.921  6.604   1.00 27.78 ? 131 ASP A CA  1 
ATOM   1038 C  C   . ASP A 1 132 ? 3.687   -7.655  6.246   1.00 25.57 ? 131 ASP A C   1 
ATOM   1039 O  O   . ASP A 1 132 ? 4.905   -7.582  6.420   1.00 25.56 ? 131 ASP A O   1 
ATOM   1040 C  CB  . ASP A 1 132 ? 2.606   -8.871  8.102   1.00 30.44 ? 131 ASP A CB  1 
ATOM   1041 C  CG  . ASP A 1 132 ? 1.601   -9.913  8.536   1.00 31.95 ? 131 ASP A CG  1 
ATOM   1042 O  OD1 . ASP A 1 132 ? 0.664   -10.204 7.764   1.00 31.41 ? 131 ASP A OD1 1 
ATOM   1043 O  OD2 . ASP A 1 132 ? 1.752   -10.437 9.660   1.00 33.72 ? 131 ASP A OD2 1 
ATOM   1044 N  N   . LEU A 1 133 ? 2.956   -6.674  5.734   1.00 21.97 ? 132 LEU A N   1 
ATOM   1045 C  CA  . LEU A 1 133 ? 3.502   -5.365  5.431   1.00 18.44 ? 132 LEU A CA  1 
ATOM   1046 C  C   . LEU A 1 133 ? 2.504   -4.313  5.887   1.00 17.12 ? 132 LEU A C   1 
ATOM   1047 O  O   . LEU A 1 133 ? 1.363   -4.284  5.420   1.00 16.31 ? 132 LEU A O   1 
ATOM   1048 C  CB  . LEU A 1 133 ? 3.783   -5.171  3.930   1.00 19.00 ? 132 LEU A CB  1 
ATOM   1049 C  CG  . LEU A 1 133 ? 4.352   -3.788  3.542   1.00 21.51 ? 132 LEU A CG  1 
ATOM   1050 C  CD1 . LEU A 1 133 ? 5.702   -3.578  4.210   1.00 20.71 ? 132 LEU A CD1 1 
ATOM   1051 C  CD2 . LEU A 1 133 ? 4.503   -3.675  2.020   1.00 21.56 ? 132 LEU A CD2 1 
ATOM   1052 N  N   . TYR A 1 134 ? 2.918   -3.488  6.837   1.00 14.15 ? 133 TYR A N   1 
ATOM   1053 C  CA  . TYR A 1 134 ? 2.067   -2.412  7.325   1.00 14.69 ? 133 TYR A CA  1 
ATOM   1054 C  C   . TYR A 1 134 ? 2.633   -1.092  6.828   1.00 13.44 ? 133 TYR A C   1 
ATOM   1055 O  O   . TYR A 1 134 ? 3.844   -0.868  6.902   1.00 14.66 ? 133 TYR A O   1 
ATOM   1056 C  CB  . TYR A 1 134 ? 2.022   -2.394  8.858   1.00 15.14 ? 133 TYR A CB  1 
ATOM   1057 C  CG  . TYR A 1 134 ? 1.288   -3.553  9.506   1.00 17.20 ? 133 TYR A CG  1 
ATOM   1058 C  CD1 . TYR A 1 134 ? -0.069  -3.460  9.814   1.00 18.68 ? 133 TYR A CD1 1 
ATOM   1059 C  CD2 . TYR A 1 134 ? 1.966   -4.718  9.867   1.00 19.60 ? 133 TYR A CD2 1 
ATOM   1060 C  CE1 . TYR A 1 134 ? -0.733  -4.500  10.476  1.00 21.16 ? 133 TYR A CE1 1 
ATOM   1061 C  CE2 . TYR A 1 134 ? 1.312   -5.765  10.528  1.00 20.14 ? 133 TYR A CE2 1 
ATOM   1062 C  CZ  . TYR A 1 134 ? -0.035  -5.646  10.828  1.00 21.81 ? 133 TYR A CZ  1 
ATOM   1063 O  OH  . TYR A 1 134 ? -0.681  -6.663  11.489  1.00 23.65 ? 133 TYR A OH  1 
ATOM   1064 N  N   . THR A 1 135 ? 1.776   -0.226  6.313   1.00 13.22 ? 134 THR A N   1 
ATOM   1065 C  CA  . THR A 1 135 ? 2.254   1.055   5.808   1.00 15.29 ? 134 THR A CA  1 
ATOM   1066 C  C   . THR A 1 135 ? 1.375   2.213   6.247   1.00 14.28 ? 134 THR A C   1 
ATOM   1067 O  O   . THR A 1 135 ? 0.143   2.156   6.133   1.00 15.12 ? 134 THR A O   1 
ATOM   1068 C  CB  . THR A 1 135 ? 2.282   1.094   4.258   1.00 15.70 ? 134 THR A CB  1 
ATOM   1069 O  OG1 . THR A 1 135 ? 0.951   0.931   3.756   1.00 16.00 ? 134 THR A OG1 1 
ATOM   1070 C  CG2 . THR A 1 135 ? 3.163   -0.015  3.695   1.00 14.93 ? 134 THR A CG2 1 
ATOM   1071 N  N   . VAL A 1 136 ? 2.023   3.256   6.756   1.00 14.31 ? 135 VAL A N   1 
ATOM   1072 C  CA  . VAL A 1 136 ? 1.343   4.482   7.115   1.00 12.71 ? 135 VAL A CA  1 
ATOM   1073 C  C   . VAL A 1 136 ? 1.406   5.379   5.879   1.00 14.41 ? 135 VAL A C   1 
ATOM   1074 O  O   . VAL A 1 136 ? 2.469   5.489   5.251   1.00 13.66 ? 135 VAL A O   1 
ATOM   1075 C  CB  . VAL A 1 136 ? 2.035   5.199   8.300   1.00 14.20 ? 135 VAL A CB  1 
ATOM   1076 C  CG1 . VAL A 1 136 ? 1.290   6.497   8.644   1.00 12.46 ? 135 VAL A CG1 1 
ATOM   1077 C  CG2 . VAL A 1 136 ? 2.077   4.270   9.508   1.00 16.63 ? 135 VAL A CG2 1 
ATOM   1078 N  N   . LEU A 1 137 ? 0.292   5.995   5.517   1.00 12.54 ? 136 LEU A N   1 
ATOM   1079 C  CA  . LEU A 1 137 ? 0.257   6.822   4.319   1.00 15.26 ? 136 LEU A CA  1 
ATOM   1080 C  C   . LEU A 1 137 ? -0.198  8.247   4.600   1.00 15.42 ? 136 LEU A C   1 
ATOM   1081 O  O   . LEU A 1 137 ? -0.908  8.505   5.566   1.00 16.73 ? 136 LEU A O   1 
ATOM   1082 C  CB  . LEU A 1 137 ? -0.710  6.215   3.289   1.00 14.91 ? 136 LEU A CB  1 
ATOM   1083 C  CG  . LEU A 1 137 ? -0.852  4.693   3.188   1.00 17.06 ? 136 LEU A CG  1 
ATOM   1084 C  CD1 . LEU A 1 137 ? -2.111  4.346   2.396   1.00 12.49 ? 136 LEU A CD1 1 
ATOM   1085 C  CD2 . LEU A 1 137 ? 0.373   4.106   2.504   1.00 14.86 ? 136 LEU A CD2 1 
ATOM   1086 N  N   . THR A 1 138 ? 0.246   9.166   3.746   1.00 15.92 ? 137 THR A N   1 
ATOM   1087 C  CA  . THR A 1 138 ? -0.160  10.568  3.810   1.00 14.28 ? 137 THR A CA  1 
ATOM   1088 C  C   . THR A 1 138 ? -0.341  11.097  2.391   1.00 15.79 ? 137 THR A C   1 
ATOM   1089 O  O   . THR A 1 138 ? 0.266   10.577  1.446   1.00 14.44 ? 137 THR A O   1 
ATOM   1090 C  CB  . THR A 1 138 ? 0.865   11.472  4.542   1.00 15.35 ? 137 THR A CB  1 
ATOM   1091 O  OG1 . THR A 1 138 ? 2.119   11.445  3.852   1.00 15.23 ? 137 THR A OG1 1 
ATOM   1092 C  CG2 . THR A 1 138 ? 1.054   11.013  5.978   1.00 14.50 ? 137 THR A CG2 1 
ATOM   1093 N  N   . HIS A 1 139 ? -1.182  12.108  2.228   1.00 15.68 ? 138 HIS A N   1 
ATOM   1094 C  CA  . HIS A 1 139 ? -1.401  12.669  0.902   1.00 19.72 ? 138 HIS A CA  1 
ATOM   1095 C  C   . HIS A 1 139 ? -0.234  13.566  0.488   1.00 21.20 ? 138 HIS A C   1 
ATOM   1096 O  O   . HIS A 1 139 ? 0.015   13.783  -0.696  1.00 22.24 ? 138 HIS A O   1 
ATOM   1097 C  CB  . HIS A 1 139 ? -2.720  13.440  0.877   1.00 16.90 ? 138 HIS A CB  1 
ATOM   1098 C  CG  . HIS A 1 139 ? -3.924  12.555  0.781   1.00 15.81 ? 138 HIS A CG  1 
ATOM   1099 N  ND1 . HIS A 1 139 ? -5.060  12.703  1.604   1.00 18.08 ? 138 HIS A ND1 1 
ATOM   1100 C  CD2 . HIS A 1 139 ? -4.191  11.510  -0.037  1.00 13.56 ? 138 HIS A CD2 1 
ATOM   1101 C  CE1 . HIS A 1 139 ? -5.943  11.782  1.270   1.00 14.00 ? 138 HIS A CE1 1 
ATOM   1102 N  NE2 . HIS A 1 139 ? -5.451  11.051  0.290   1.00 16.58 ? 138 HIS A NE2 1 
ATOM   1103 N  N   . GLN A 1 140 ? 0.488   14.070  1.476   1.00 24.25 ? 139 GLN A N   1 
ATOM   1104 C  CA  . GLN A 1 140 ? 1.633   14.924  1.211   1.00 28.89 ? 139 GLN A CA  1 
ATOM   1105 C  C   . GLN A 1 140 ? 2.921   14.168  1.492   1.00 27.80 ? 139 GLN A C   1 
ATOM   1106 O  O   . GLN A 1 140 ? 3.064   13.527  2.534   1.00 27.07 ? 139 GLN A O   1 
ATOM   1107 C  CB  . GLN A 1 140 ? 1.579   16.185  2.080   1.00 31.72 ? 139 GLN A CB  1 
ATOM   1108 C  CG  . GLN A 1 140 ? 0.260   16.950  2.001   1.00 38.49 ? 139 GLN A CG  1 
ATOM   1109 C  CD  . GLN A 1 140 ? 0.385   18.383  2.494   1.00 41.68 ? 139 GLN A CD  1 
ATOM   1110 O  OE1 . GLN A 1 140 ? -0.041  19.324  1.821   1.00 43.70 ? 139 GLN A OE1 1 
ATOM   1111 N  NE2 . GLN A 1 140 ? 0.974   18.555  3.674   1.00 43.60 ? 139 GLN A NE2 1 
ATOM   1112 N  N   . LYS A 1 141 ? 3.851   14.239  0.552   1.00 27.95 ? 140 LYS A N   1 
ATOM   1113 C  CA  . LYS A 1 141 ? 5.135   13.573  0.692   1.00 28.68 ? 140 LYS A CA  1 
ATOM   1114 C  C   . LYS A 1 141 ? 5.842   14.017  1.972   1.00 30.51 ? 140 LYS A C   1 
ATOM   1115 O  O   . LYS A 1 141 ? 5.902   15.209  2.284   1.00 29.85 ? 140 LYS A O   1 
ATOM   1116 C  CB  . LYS A 1 141 ? 6.005   13.895  -0.525  1.00 30.20 ? 140 LYS A CB  1 
ATOM   1117 C  CG  . LYS A 1 141 ? 7.452   13.437  -0.429  1.00 31.67 ? 140 LYS A CG  1 
ATOM   1118 C  CD  . LYS A 1 141 ? 8.251   13.919  -1.640  1.00 33.61 ? 140 LYS A CD  1 
ATOM   1119 C  CE  . LYS A 1 141 ? 7.652   13.397  -2.947  1.00 33.77 ? 140 LYS A CE  1 
ATOM   1120 N  NZ  . LYS A 1 141 ? 6.855   14.420  -3.694  1.00 36.23 ? 140 LYS A NZ  1 
ATOM   1121 N  N   . ASP A 1 142 ? 6.361   13.045  2.715   1.00 30.20 ? 141 ASP A N   1 
ATOM   1122 C  CA  . ASP A 1 142 ? 7.090   13.302  3.952   1.00 32.60 ? 141 ASP A CA  1 
ATOM   1123 C  C   . ASP A 1 142 ? 6.275   14.087  4.986   1.00 32.12 ? 141 ASP A C   1 
ATOM   1124 O  O   . ASP A 1 142 ? 6.849   14.689  5.891   1.00 33.40 ? 141 ASP A O   1 
ATOM   1125 C  CB  . ASP A 1 142 ? 8.394   14.040  3.642   1.00 34.36 ? 141 ASP A CB  1 
ATOM   1126 C  CG  . ASP A 1 142 ? 9.334   13.221  2.766   1.00 37.68 ? 141 ASP A CG  1 
ATOM   1127 O  OD1 . ASP A 1 142 ? 9.175   11.979  2.720   1.00 39.40 ? 141 ASP A OD1 1 
ATOM   1128 O  OD2 . ASP A 1 142 ? 10.229  13.811  2.127   1.00 36.46 ? 141 ASP A OD2 1 
ATOM   1129 N  N   . ALA A 1 143 ? 4.952   14.095  4.863   1.00 31.51 ? 142 ALA A N   1 
ATOM   1130 C  CA  . ALA A 1 143 ? 4.136   14.800  5.850   1.00 30.39 ? 142 ALA A CA  1 
ATOM   1131 C  C   . ALA A 1 143 ? 4.008   13.952  7.116   1.00 29.64 ? 142 ALA A C   1 
ATOM   1132 O  O   . ALA A 1 143 ? 4.401   12.789  7.127   1.00 30.05 ? 142 ALA A O   1 
ATOM   1133 C  CB  . ALA A 1 143 ? 2.756   15.102  5.281   1.00 29.57 ? 142 ALA A CB  1 
ATOM   1134 N  N   . GLU A 1 144 ? 3.469   14.530  8.183   1.00 28.92 ? 143 GLU A N   1 
ATOM   1135 C  CA  . GLU A 1 144 ? 3.296   13.788  9.430   1.00 27.65 ? 143 GLU A CA  1 
ATOM   1136 C  C   . GLU A 1 144 ? 1.910   13.155  9.488   1.00 25.13 ? 143 GLU A C   1 
ATOM   1137 O  O   . GLU A 1 144 ? 0.919   13.806  9.169   1.00 23.13 ? 143 GLU A O   1 
ATOM   1138 C  CB  . GLU A 1 144 ? 3.473   14.723  10.630  1.00 30.86 ? 143 GLU A CB  1 
ATOM   1139 C  CG  . GLU A 1 144 ? 4.848   14.660  11.262  1.00 35.70 ? 143 GLU A CG  1 
ATOM   1140 C  CD  . GLU A 1 144 ? 5.030   13.425  12.113  1.00 37.44 ? 143 GLU A CD  1 
ATOM   1141 O  OE1 . GLU A 1 144 ? 4.256   13.251  13.077  1.00 40.21 ? 143 GLU A OE1 1 
ATOM   1142 O  OE2 . GLU A 1 144 ? 5.943   12.628  11.818  1.00 40.40 ? 143 GLU A OE2 1 
ATOM   1143 N  N   . PRO A 1 145 ? 1.822   11.877  9.899   1.00 23.57 ? 144 PRO A N   1 
ATOM   1144 C  CA  . PRO A 1 145 ? 0.513   11.218  9.976   1.00 20.53 ? 144 PRO A CA  1 
ATOM   1145 C  C   . PRO A 1 145 ? -0.283  11.818  11.125  1.00 20.30 ? 144 PRO A C   1 
ATOM   1146 O  O   . PRO A 1 145 ? 0.293   12.240  12.124  1.00 18.30 ? 144 PRO A O   1 
ATOM   1147 C  CB  . PRO A 1 145 ? 0.849   9.749   10.230  1.00 21.95 ? 144 PRO A CB  1 
ATOM   1148 C  CG  . PRO A 1 145 ? 2.346   9.639   10.117  1.00 22.74 ? 144 PRO A CG  1 
ATOM   1149 C  CD  . PRO A 1 145 ? 2.911   10.991  10.338  1.00 22.11 ? 144 PRO A CD  1 
ATOM   1150 N  N   . SER A 1 146 ? -1.604  11.846  10.981  1.00 19.38 ? 145 SER A N   1 
ATOM   1151 C  CA  . SER A 1 146 ? -2.485  12.401  12.003  1.00 19.52 ? 145 SER A CA  1 
ATOM   1152 C  C   . SER A 1 146 ? -2.438  11.597  13.294  1.00 18.97 ? 145 SER A C   1 
ATOM   1153 O  O   . SER A 1 146 ? -2.031  10.435  13.312  1.00 18.27 ? 145 SER A O   1 
ATOM   1154 C  CB  . SER A 1 146 ? -3.926  12.421  11.494  1.00 20.07 ? 145 SER A CB  1 
ATOM   1155 O  OG  . SER A 1 146 ? -4.403  11.095  11.308  1.00 20.78 ? 145 SER A OG  1 
ATOM   1156 N  N   . ALA A 1 147 ? -2.881  12.225  14.379  1.00 19.15 ? 146 ALA A N   1 
ATOM   1157 C  CA  . ALA A 1 147 ? -2.926  11.557  15.670  1.00 19.16 ? 146 ALA A CA  1 
ATOM   1158 C  C   . ALA A 1 147 ? -3.846  10.346  15.585  1.00 18.92 ? 146 ALA A C   1 
ATOM   1159 O  O   . ALA A 1 147 ? -3.601  9.313   16.202  1.00 19.24 ? 146 ALA A O   1 
ATOM   1160 C  CB  . ALA A 1 147 ? -3.436  12.521  16.736  1.00 19.77 ? 146 ALA A CB  1 
ATOM   1161 N  N   . LYS A 1 148 ? -4.903  10.484  14.795  1.00 18.28 ? 147 LYS A N   1 
ATOM   1162 C  CA  . LYS A 1 148 ? -5.883  9.420   14.626  1.00 19.29 ? 147 LYS A CA  1 
ATOM   1163 C  C   . LYS A 1 148 ? -5.255  8.158   14.035  1.00 18.13 ? 147 LYS A C   1 
ATOM   1164 O  O   . LYS A 1 148 ? -5.546  7.046   14.477  1.00 17.62 ? 147 LYS A O   1 
ATOM   1165 C  CB  . LYS A 1 148 ? -7.019  9.905   13.724  1.00 21.02 ? 147 LYS A CB  1 
ATOM   1166 C  CG  . LYS A 1 148 ? -8.191  8.943   13.633  1.00 25.77 ? 147 LYS A CG  1 
ATOM   1167 C  CD  . LYS A 1 148 ? -9.315  9.539   12.797  1.00 29.16 ? 147 LYS A CD  1 
ATOM   1168 C  CE  . LYS A 1 148 ? -10.630 9.516   13.542  1.00 32.20 ? 147 LYS A CE  1 
ATOM   1169 N  NZ  . LYS A 1 148 ? -11.723 9.002   12.668  1.00 37.89 ? 147 LYS A NZ  1 
ATOM   1170 N  N   . VAL A 1 149 ? -4.396  8.328   13.036  1.00 16.72 ? 148 VAL A N   1 
ATOM   1171 C  CA  . VAL A 1 149 ? -3.749  7.189   12.403  1.00 15.64 ? 148 VAL A CA  1 
ATOM   1172 C  C   . VAL A 1 149 ? -2.671  6.598   13.302  1.00 15.44 ? 148 VAL A C   1 
ATOM   1173 O  O   . VAL A 1 149 ? -2.475  5.384   13.340  1.00 14.91 ? 148 VAL A O   1 
ATOM   1174 C  CB  . VAL A 1 149 ? -3.154  7.583   11.041  1.00 17.41 ? 148 VAL A CB  1 
ATOM   1175 C  CG1 . VAL A 1 149 ? -2.140  6.537   10.585  1.00 16.79 ? 148 VAL A CG1 1 
ATOM   1176 C  CG2 . VAL A 1 149 ? -4.284  7.719   10.015  1.00 17.79 ? 148 VAL A CG2 1 
ATOM   1177 N  N   . LYS A 1 150 ? -1.970  7.453   14.038  1.00 14.43 ? 149 LYS A N   1 
ATOM   1178 C  CA  . LYS A 1 150 ? -0.955  6.960   14.957  1.00 14.76 ? 149 LYS A CA  1 
ATOM   1179 C  C   . LYS A 1 150 ? -1.614  6.086   16.027  1.00 14.84 ? 149 LYS A C   1 
ATOM   1180 O  O   . LYS A 1 150 ? -1.050  5.090   16.476  1.00 14.47 ? 149 LYS A O   1 
ATOM   1181 C  CB  . LYS A 1 150 ? -0.215  8.134   15.613  1.00 16.01 ? 149 LYS A CB  1 
ATOM   1182 C  CG  . LYS A 1 150 ? 0.821   8.784   14.712  1.00 17.57 ? 149 LYS A CG  1 
ATOM   1183 C  CD  . LYS A 1 150 ? 1.673   9.786   15.470  1.00 20.87 ? 149 LYS A CD  1 
ATOM   1184 C  CE  . LYS A 1 150 ? 2.579   10.568  14.527  1.00 24.69 ? 149 LYS A CE  1 
ATOM   1185 N  NZ  . LYS A 1 150 ? 3.059   11.830  15.156  1.00 27.06 ? 149 LYS A NZ  1 
ATOM   1186 N  N   . SER A 1 151 ? -2.820  6.470   16.438  1.00 16.11 ? 150 SER A N   1 
ATOM   1187 C  CA  . SER A 1 151 ? -3.548  5.697   17.431  1.00 17.95 ? 150 SER A CA  1 
ATOM   1188 C  C   . SER A 1 151 ? -3.935  4.338   16.851  1.00 18.23 ? 150 SER A C   1 
ATOM   1189 O  O   . SER A 1 151 ? -3.954  3.325   17.552  1.00 18.97 ? 150 SER A O   1 
ATOM   1190 C  CB  . SER A 1 151 ? -4.804  6.457   17.872  1.00 19.25 ? 150 SER A CB  1 
ATOM   1191 O  OG  . SER A 1 151 ? -5.618  5.645   18.698  1.00 24.69 ? 150 SER A OG  1 
ATOM   1192 N  N   . ALA A 1 152 ? -4.229  4.320   15.553  1.00 18.14 ? 151 ALA A N   1 
ATOM   1193 C  CA  . ALA A 1 152 ? -4.598  3.083   14.878  1.00 18.38 ? 151 ALA A CA  1 
ATOM   1194 C  C   . ALA A 1 152 ? -3.427  2.117   14.903  1.00 17.83 ? 151 ALA A C   1 
ATOM   1195 O  O   . ALA A 1 152 ? -3.602  0.913   15.065  1.00 16.37 ? 151 ALA A O   1 
ATOM   1196 C  CB  . ALA A 1 152 ? -5.007  3.368   13.444  1.00 17.69 ? 151 ALA A CB  1 
ATOM   1197 N  N   . VAL A 1 153 ? -2.219  2.658   14.751  1.00 17.53 ? 152 VAL A N   1 
ATOM   1198 C  CA  . VAL A 1 153 ? -1.026  1.834   14.784  1.00 17.25 ? 152 VAL A CA  1 
ATOM   1199 C  C   . VAL A 1 153 ? -0.937  1.102   16.124  1.00 19.24 ? 152 VAL A C   1 
ATOM   1200 O  O   . VAL A 1 153 ? -0.711  -0.107  16.177  1.00 19.45 ? 152 VAL A O   1 
ATOM   1201 C  CB  . VAL A 1 153 ? 0.247   2.695   14.585  1.00 16.78 ? 152 VAL A CB  1 
ATOM   1202 C  CG1 . VAL A 1 153 ? 1.482   1.878   14.915  1.00 16.51 ? 152 VAL A CG1 1 
ATOM   1203 C  CG2 . VAL A 1 153 ? 0.317   3.210   13.137  1.00 15.38 ? 152 VAL A CG2 1 
ATOM   1204 N  N   . THR A 1 154 ? -1.118  1.848   17.211  1.00 18.96 ? 153 THR A N   1 
ATOM   1205 C  CA  . THR A 1 154 ? -1.066  1.267   18.546  1.00 20.64 ? 153 THR A CA  1 
ATOM   1206 C  C   . THR A 1 154 ? -2.138  0.186   18.713  1.00 21.95 ? 153 THR A C   1 
ATOM   1207 O  O   . THR A 1 154 ? -1.857  -0.904  19.211  1.00 22.19 ? 153 THR A O   1 
ATOM   1208 C  CB  . THR A 1 154 ? -1.278  2.349   19.632  1.00 22.45 ? 153 THR A CB  1 
ATOM   1209 O  OG1 . THR A 1 154 ? -0.189  3.279   19.596  1.00 21.27 ? 153 THR A OG1 1 
ATOM   1210 C  CG2 . THR A 1 154 ? -1.348  1.717   21.020  1.00 22.05 ? 153 THR A CG2 1 
ATOM   1211 N  N   . GLN A 1 155 ? -3.359  0.494   18.284  1.00 23.38 ? 154 GLN A N   1 
ATOM   1212 C  CA  . GLN A 1 155 ? -4.482  -0.436  18.400  1.00 25.80 ? 154 GLN A CA  1 
ATOM   1213 C  C   . GLN A 1 155 ? -4.260  -1.690  17.570  1.00 25.97 ? 154 GLN A C   1 
ATOM   1214 O  O   . GLN A 1 155 ? -4.878  -2.725  17.813  1.00 26.10 ? 154 GLN A O   1 
ATOM   1215 C  CB  . GLN A 1 155 ? -5.783  0.239   17.950  1.00 29.49 ? 154 GLN A CB  1 
ATOM   1216 C  CG  . GLN A 1 155 ? -6.136  1.520   18.694  1.00 33.83 ? 154 GLN A CG  1 
ATOM   1217 C  CD  . GLN A 1 155 ? -5.792  1.472   20.173  1.00 38.75 ? 154 GLN A CD  1 
ATOM   1218 O  OE1 . GLN A 1 155 ? -5.168  2.392   20.703  1.00 41.32 ? 154 GLN A OE1 1 
ATOM   1219 N  NE2 . GLN A 1 155 ? -6.204  0.401   20.849  1.00 39.76 ? 154 GLN A NE2 1 
ATOM   1220 N  N   . ALA A 1 156 ? -3.385  -1.590  16.577  1.00 24.21 ? 155 ALA A N   1 
ATOM   1221 C  CA  . ALA A 1 156 ? -3.082  -2.722  15.719  1.00 23.94 ? 155 ALA A CA  1 
ATOM   1222 C  C   . ALA A 1 156 ? -2.063  -3.623  16.390  1.00 24.87 ? 155 ALA A C   1 
ATOM   1223 O  O   . ALA A 1 156 ? -1.683  -4.657  15.846  1.00 25.24 ? 155 ALA A O   1 
ATOM   1224 C  CB  . ALA A 1 156 ? -2.545  -2.231  14.377  1.00 24.58 ? 155 ALA A CB  1 
ATOM   1225 N  N   . GLY A 1 157 ? -1.623  -3.220  17.581  1.00 24.14 ? 156 GLY A N   1 
ATOM   1226 C  CA  . GLY A 1 157 ? -0.644  -3.996  18.319  1.00 24.46 ? 156 GLY A CA  1 
ATOM   1227 C  C   . GLY A 1 157 ? 0.779   -3.697  17.894  1.00 25.98 ? 156 GLY A C   1 
ATOM   1228 O  O   . GLY A 1 157 ? 1.698   -4.456  18.203  1.00 27.37 ? 156 GLY A O   1 
ATOM   1229 N  N   . LEU A 1 158 ? 0.971   -2.580  17.201  1.00 25.34 ? 157 LEU A N   1 
ATOM   1230 C  CA  . LEU A 1 158 ? 2.294   -2.210  16.720  1.00 24.89 ? 157 LEU A CA  1 
ATOM   1231 C  C   . LEU A 1 158 ? 2.851   -0.984  17.435  1.00 25.08 ? 157 LEU A C   1 
ATOM   1232 O  O   . LEU A 1 158 ? 2.134   -0.278  18.147  1.00 24.18 ? 157 LEU A O   1 
ATOM   1233 C  CB  . LEU A 1 158 ? 2.231   -1.937  15.214  1.00 24.63 ? 157 LEU A CB  1 
ATOM   1234 C  CG  . LEU A 1 158 ? 1.382   -2.919  14.399  1.00 26.33 ? 157 LEU A CG  1 
ATOM   1235 C  CD1 . LEU A 1 158 ? 1.118   -2.364  13.002  1.00 25.51 ? 157 LEU A CD1 1 
ATOM   1236 C  CD2 . LEU A 1 158 ? 2.106   -4.255  14.315  1.00 26.22 ? 157 LEU A CD2 1 
ATOM   1237 N  N   . GLN A 1 159 ? 4.148   -0.759  17.235  1.00 24.33 ? 158 GLN A N   1 
ATOM   1238 C  CA  . GLN A 1 159 ? 4.863   0.379   17.794  1.00 25.71 ? 158 GLN A CA  1 
ATOM   1239 C  C   . GLN A 1 159 ? 5.414   1.229   16.654  1.00 24.55 ? 158 GLN A C   1 
ATOM   1240 O  O   . GLN A 1 159 ? 6.204   0.745   15.846  1.00 23.76 ? 158 GLN A O   1 
ATOM   1241 C  CB  . GLN A 1 159 ? 6.037   -0.088  18.662  1.00 29.89 ? 158 GLN A CB  1 
ATOM   1242 C  CG  . GLN A 1 159 ? 5.666   -0.893  19.900  1.00 36.46 ? 158 GLN A CG  1 
ATOM   1243 C  CD  . GLN A 1 159 ? 6.896   -1.448  20.613  1.00 41.13 ? 158 GLN A CD  1 
ATOM   1244 O  OE1 . GLN A 1 159 ? 7.762   -2.074  19.991  1.00 43.58 ? 158 GLN A OE1 1 
ATOM   1245 N  NE2 . GLN A 1 159 ? 6.980   -1.215  21.920  1.00 41.71 ? 158 GLN A NE2 1 
ATOM   1246 N  N   . LEU A 1 160 ? 5.003   2.489   16.586  1.00 23.57 ? 159 LEU A N   1 
ATOM   1247 C  CA  . LEU A 1 160 ? 5.473   3.371   15.526  1.00 23.24 ? 159 LEU A CA  1 
ATOM   1248 C  C   . LEU A 1 160 ? 6.997   3.422   15.475  1.00 23.04 ? 159 LEU A C   1 
ATOM   1249 O  O   . LEU A 1 160 ? 7.579   3.584   14.402  1.00 22.16 ? 159 LEU A O   1 
ATOM   1250 C  CB  . LEU A 1 160 ? 4.924   4.786   15.726  1.00 23.18 ? 159 LEU A CB  1 
ATOM   1251 C  CG  . LEU A 1 160 ? 5.090   5.745   14.541  1.00 24.11 ? 159 LEU A CG  1 
ATOM   1252 C  CD1 . LEU A 1 160 ? 4.472   5.133   13.287  1.00 23.69 ? 159 LEU A CD1 1 
ATOM   1253 C  CD2 . LEU A 1 160 ? 4.431   7.080   14.863  1.00 22.66 ? 159 LEU A CD2 1 
ATOM   1254 N  N   . SER A 1 161 ? 7.632   3.277   16.634  1.00 22.36 ? 160 SER A N   1 
ATOM   1255 C  CA  . SER A 1 161 ? 9.091   3.321   16.733  1.00 23.84 ? 160 SER A CA  1 
ATOM   1256 C  C   . SER A 1 161 ? 9.765   2.178   15.967  1.00 23.69 ? 160 SER A C   1 
ATOM   1257 O  O   . SER A 1 161 ? 10.950  2.264   15.640  1.00 24.35 ? 160 SER A O   1 
ATOM   1258 C  CB  . SER A 1 161 ? 9.514   3.257   18.200  1.00 24.60 ? 160 SER A CB  1 
ATOM   1259 O  OG  . SER A 1 161 ? 9.348   1.946   18.701  1.00 24.98 ? 160 SER A OG  1 
ATOM   1260 N  N   . GLN A 1 162 ? 9.024   1.114   15.684  1.00 22.58 ? 161 GLN A N   1 
ATOM   1261 C  CA  . GLN A 1 162 ? 9.588   -0.032  14.969  1.00 24.39 ? 161 GLN A CA  1 
ATOM   1262 C  C   . GLN A 1 162 ? 9.476   0.129   13.445  1.00 22.40 ? 161 GLN A C   1 
ATOM   1263 O  O   . GLN A 1 162 ? 10.076  -0.637  12.686  1.00 22.64 ? 161 GLN A O   1 
ATOM   1264 C  CB  . GLN A 1 162 ? 8.875   -1.315  15.403  1.00 27.83 ? 161 GLN A CB  1 
ATOM   1265 C  CG  . GLN A 1 162 ? 9.660   -2.216  16.366  1.00 34.40 ? 161 GLN A CG  1 
ATOM   1266 C  CD  . GLN A 1 162 ? 10.739  -1.483  17.147  1.00 35.41 ? 161 GLN A CD  1 
ATOM   1267 O  OE1 . GLN A 1 162 ? 10.453  -0.800  18.131  1.00 39.78 ? 161 GLN A OE1 1 
ATOM   1268 N  NE2 . GLN A 1 162 ? 11.986  -1.627  16.713  1.00 36.90 ? 161 GLN A NE2 1 
ATOM   1269 N  N   . PHE A 1 163 ? 8.713   1.123   13.005  1.00 19.56 ? 162 PHE A N   1 
ATOM   1270 C  CA  . PHE A 1 163 ? 8.517   1.367   11.580  1.00 19.14 ? 162 PHE A CA  1 
ATOM   1271 C  C   . PHE A 1 163 ? 9.731   2.050   10.974  1.00 19.94 ? 162 PHE A C   1 
ATOM   1272 O  O   . PHE A 1 163 ? 10.477  2.740   11.668  1.00 21.72 ? 162 PHE A O   1 
ATOM   1273 C  CB  . PHE A 1 163 ? 7.299   2.276   11.344  1.00 17.23 ? 162 PHE A CB  1 
ATOM   1274 C  CG  . PHE A 1 163 ? 5.969   1.570   11.427  1.00 19.07 ? 162 PHE A CG  1 
ATOM   1275 C  CD1 . PHE A 1 163 ? 5.553   0.972   12.617  1.00 17.67 ? 162 PHE A CD1 1 
ATOM   1276 C  CD2 . PHE A 1 163 ? 5.113   1.543   10.330  1.00 18.32 ? 162 PHE A CD2 1 
ATOM   1277 C  CE1 . PHE A 1 163 ? 4.298   0.359   12.708  1.00 18.74 ? 162 PHE A CE1 1 
ATOM   1278 C  CE2 . PHE A 1 163 ? 3.849   0.930   10.412  1.00 20.72 ? 162 PHE A CE2 1 
ATOM   1279 C  CZ  . PHE A 1 163 ? 3.444   0.340   11.607  1.00 17.92 ? 162 PHE A CZ  1 
ATOM   1280 N  N   . VAL A 1 164 ? 9.931   1.841   9.678   1.00 19.09 ? 163 VAL A N   1 
ATOM   1281 C  CA  . VAL A 1 164 ? 11.016  2.496   8.971   1.00 19.10 ? 163 VAL A CA  1 
ATOM   1282 C  C   . VAL A 1 164 ? 10.467  3.778   8.338   1.00 19.30 ? 163 VAL A C   1 
ATOM   1283 O  O   . VAL A 1 164 ? 9.444   3.731   7.659   1.00 17.59 ? 163 VAL A O   1 
ATOM   1284 C  CB  . VAL A 1 164 ? 11.595  1.598   7.839   1.00 19.79 ? 163 VAL A CB  1 
ATOM   1285 C  CG1 . VAL A 1 164 ? 12.491  2.431   6.917   1.00 17.66 ? 163 VAL A CG1 1 
ATOM   1286 C  CG2 . VAL A 1 164 ? 12.391  0.439   8.437   1.00 20.25 ? 163 VAL A CG2 1 
ATOM   1287 N  N   . GLY A 1 165 ? 11.116  4.915   8.586   1.00 19.31 ? 164 GLY A N   1 
ATOM   1288 C  CA  . GLY A 1 165 ? 10.653  6.177   8.010   1.00 20.00 ? 164 GLY A CA  1 
ATOM   1289 C  C   . GLY A 1 165 ? 11.254  6.356   6.628   1.00 19.52 ? 164 GLY A C   1 
ATOM   1290 O  O   . GLY A 1 165 ? 12.465  6.223   6.476   1.00 22.47 ? 164 GLY A O   1 
ATOM   1291 N  N   . THR A 1 166 ? 10.443  6.674   5.622   1.00 19.01 ? 165 THR A N   1 
ATOM   1292 C  CA  . THR A 1 166 ? 10.964  6.797   4.262   1.00 16.75 ? 165 THR A CA  1 
ATOM   1293 C  C   . THR A 1 166 ? 11.515  8.182   3.936   1.00 18.31 ? 165 THR A C   1 
ATOM   1294 O  O   . THR A 1 166 ? 12.246  8.336   2.957   1.00 18.77 ? 165 THR A O   1 
ATOM   1295 C  CB  . THR A 1 166 ? 9.899   6.453   3.212   1.00 17.34 ? 165 THR A CB  1 
ATOM   1296 O  OG1 . THR A 1 166 ? 8.830   7.401   3.284   1.00 14.11 ? 165 THR A OG1 1 
ATOM   1297 C  CG2 . THR A 1 166 ? 9.360   5.031   3.431   1.00 13.15 ? 165 THR A CG2 1 
ATOM   1298 N  N   . LYS A 1 167 ? 11.167  9.183   4.730   1.00 17.60 ? 166 LYS A N   1 
ATOM   1299 C  CA  . LYS A 1 167 ? 11.637  10.543  4.464   1.00 20.82 ? 166 LYS A CA  1 
ATOM   1300 C  C   . LYS A 1 167 ? 13.171  10.660  4.517   1.00 19.56 ? 166 LYS A C   1 
ATOM   1301 O  O   . LYS A 1 167 ? 13.733  11.610  3.978   1.00 21.46 ? 166 LYS A O   1 
ATOM   1302 C  CB  . LYS A 1 167 ? 10.985  11.518  5.454   1.00 23.86 ? 166 LYS A CB  1 
ATOM   1303 C  CG  . LYS A 1 167 ? 11.945  12.278  6.347   1.00 31.20 ? 166 LYS A CG  1 
ATOM   1304 C  CD  . LYS A 1 167 ? 11.490  12.241  7.802   1.00 34.53 ? 166 LYS A CD  1 
ATOM   1305 C  CE  . LYS A 1 167 ? 10.362  13.224  8.051   1.00 36.46 ? 166 LYS A CE  1 
ATOM   1306 N  NZ  . LYS A 1 167 ? 10.787  14.348  8.937   1.00 38.49 ? 166 LYS A NZ  1 
ATOM   1307 N  N   . ASP A 1 168 ? 13.838  9.698   5.143   1.00 17.17 ? 167 ASP A N   1 
ATOM   1308 C  CA  . ASP A 1 168 ? 15.297  9.734   5.273   1.00 19.36 ? 167 ASP A CA  1 
ATOM   1309 C  C   . ASP A 1 168 ? 16.006  8.799   4.282   1.00 19.39 ? 167 ASP A C   1 
ATOM   1310 O  O   . ASP A 1 168 ? 17.235  8.748   4.262   1.00 20.04 ? 167 ASP A O   1 
ATOM   1311 C  CB  . ASP A 1 168 ? 15.715  9.317   6.687   1.00 20.05 ? 167 ASP A CB  1 
ATOM   1312 C  CG  . ASP A 1 168 ? 15.262  10.293  7.757   1.00 20.91 ? 167 ASP A CG  1 
ATOM   1313 O  OD1 . ASP A 1 168 ? 15.057  11.487  7.443   1.00 23.67 ? 167 ASP A OD1 1 
ATOM   1314 O  OD2 . ASP A 1 168 ? 15.122  9.858   8.920   1.00 19.86 ? 167 ASP A OD2 1 
ATOM   1315 N  N   . LEU A 1 169 ? 15.252  8.078   3.463   1.00 20.14 ? 168 LEU A N   1 
ATOM   1316 C  CA  . LEU A 1 169 ? 15.838  7.103   2.539   1.00 19.36 ? 168 LEU A CA  1 
ATOM   1317 C  C   . LEU A 1 169 ? 16.385  7.698   1.243   1.00 20.17 ? 168 LEU A C   1 
ATOM   1318 O  O   . LEU A 1 169 ? 17.115  7.015   0.526   1.00 21.93 ? 168 LEU A O   1 
ATOM   1319 C  CB  . LEU A 1 169 ? 14.806  6.014   2.205   1.00 19.60 ? 168 LEU A CB  1 
ATOM   1320 C  CG  . LEU A 1 169 ? 14.344  5.113   3.361   1.00 19.60 ? 168 LEU A CG  1 
ATOM   1321 C  CD1 . LEU A 1 169 ? 13.435  4.011   2.825   1.00 14.59 ? 168 LEU A CD1 1 
ATOM   1322 C  CD2 . LEU A 1 169 ? 15.558  4.507   4.066   1.00 19.38 ? 168 LEU A CD2 1 
ATOM   1323 N  N   . GLY A 1 170 ? 16.059  8.944   0.941   1.00 21.74 ? 169 GLY A N   1 
ATOM   1324 C  CA  . GLY A 1 170 ? 16.540  9.526   -0.302  1.00 22.78 ? 169 GLY A CA  1 
ATOM   1325 C  C   . GLY A 1 170 ? 15.660  9.020   -1.430  1.00 23.61 ? 169 GLY A C   1 
ATOM   1326 O  O   . GLY A 1 170 ? 16.130  8.679   -2.521  1.00 23.60 ? 169 GLY A O   1 
ATOM   1327 N  N   . CYS A 1 171 ? 14.366  8.973   -1.142  1.00 23.95 ? 170 CYS A N   1 
ATOM   1328 C  CA  . CYS A 1 171 ? 13.356  8.497   -2.078  1.00 26.51 ? 170 CYS A CA  1 
ATOM   1329 C  C   . CYS A 1 171 ? 13.299  9.327   -3.351  1.00 27.37 ? 170 CYS A C   1 
ATOM   1330 O  O   . CYS A 1 171 ? 13.493  10.539  -3.338  1.00 27.14 ? 170 CYS A O   1 
ATOM   1331 C  CB  . CYS A 1 171 ? 11.970  8.544   -1.426  1.00 26.01 ? 170 CYS A CB  1 
ATOM   1332 S  SG  . CYS A 1 171 ? 11.694  7.355   -0.076  1.00 25.06 ? 170 CYS A SG  1 
ATOM   1333 N  N   . GLN A 1 172 ? 13.034  8.633   -4.449  1.00 29.14 ? 171 GLN A N   1 
ATOM   1334 C  CA  . GLN A 1 172 ? 12.841  9.241   -5.753  1.00 30.44 ? 171 GLN A CA  1 
ATOM   1335 C  C   . GLN A 1 172 ? 11.430  8.881   -6.204  1.00 28.76 ? 171 GLN A C   1 
ATOM   1336 O  O   . GLN A 1 172 ? 11.101  7.702   -6.309  1.00 28.45 ? 171 GLN A O   1 
ATOM   1337 C  CB  . GLN A 1 172 ? 13.856  8.709   -6.768  1.00 34.58 ? 171 GLN A CB  1 
ATOM   1338 C  CG  . GLN A 1 172 ? 15.149  9.497   -6.824  1.00 39.49 ? 171 GLN A CG  1 
ATOM   1339 C  CD  . GLN A 1 172 ? 14.937  10.928  -7.278  1.00 44.25 ? 171 GLN A CD  1 
ATOM   1340 O  OE1 . GLN A 1 172 ? 15.824  11.772  -7.139  1.00 44.82 ? 171 GLN A OE1 1 
ATOM   1341 N  NE2 . GLN A 1 172 ? 13.756  11.211  -7.827  1.00 45.46 ? 171 GLN A NE2 1 
ATOM   1342 N  N   . TYR A 1 173 ? 10.590  9.877   -6.449  1.00 25.88 ? 172 TYR A N   1 
ATOM   1343 C  CA  . TYR A 1 173 ? 9.218   9.586   -6.853  1.00 25.05 ? 172 TYR A CA  1 
ATOM   1344 C  C   . TYR A 1 173 ? 8.925   10.050  -8.266  1.00 24.82 ? 172 TYR A C   1 
ATOM   1345 O  O   . TYR A 1 173 ? 9.570   10.953  -8.784  1.00 24.74 ? 172 TYR A O   1 
ATOM   1346 C  CB  . TYR A 1 173 ? 8.223   10.286  -5.921  1.00 22.96 ? 172 TYR A CB  1 
ATOM   1347 C  CG  . TYR A 1 173 ? 8.218   9.780   -4.503  1.00 20.59 ? 172 TYR A CG  1 
ATOM   1348 C  CD1 . TYR A 1 173 ? 7.522   8.622   -4.154  1.00 19.06 ? 172 TYR A CD1 1 
ATOM   1349 C  CD2 . TYR A 1 173 ? 8.896   10.469  -3.500  1.00 19.47 ? 172 TYR A CD2 1 
ATOM   1350 C  CE1 . TYR A 1 173 ? 7.503   8.167   -2.841  1.00 18.36 ? 172 TYR A CE1 1 
ATOM   1351 C  CE2 . TYR A 1 173 ? 8.881   10.026  -2.185  1.00 21.86 ? 172 TYR A CE2 1 
ATOM   1352 C  CZ  . TYR A 1 173 ? 8.185   8.876   -1.863  1.00 20.22 ? 172 TYR A CZ  1 
ATOM   1353 O  OH  . TYR A 1 173 ? 8.178   8.439   -0.563  1.00 22.71 ? 172 TYR A OH  1 
ATOM   1354 N  N   . ASP A 1 174 ? 7.939   9.402   -8.873  1.00 25.36 ? 173 ASP A N   1 
ATOM   1355 C  CA  . ASP A 1 174 ? 7.460   9.754   -10.199 1.00 25.32 ? 173 ASP A CA  1 
ATOM   1356 C  C   . ASP A 1 174 ? 6.051   10.310  -10.033 1.00 26.88 ? 173 ASP A C   1 
ATOM   1357 O  O   . ASP A 1 174 ? 5.062   9.599   -10.213 1.00 27.25 ? 173 ASP A O   1 
ATOM   1358 C  CB  . ASP A 1 174 ? 7.437   8.521   -11.106 1.00 24.39 ? 173 ASP A CB  1 
ATOM   1359 C  CG  . ASP A 1 174 ? 7.070   8.858   -12.545 1.00 24.67 ? 173 ASP A CG  1 
ATOM   1360 O  OD1 . ASP A 1 174 ? 6.462   9.922   -12.783 1.00 24.68 ? 173 ASP A OD1 1 
ATOM   1361 O  OD2 . ASP A 1 174 ? 7.389   8.049   -13.438 1.00 23.41 ? 173 ASP A OD2 1 
ATOM   1362 N  N   . ASP A 1 175 ? 5.967   11.586  -9.662  1.00 28.44 ? 174 ASP A N   1 
ATOM   1363 C  CA  . ASP A 1 175 ? 4.679   12.232  -9.408  1.00 30.76 ? 174 ASP A CA  1 
ATOM   1364 C  C   . ASP A 1 175 ? 3.834   12.357  -10.661 1.00 30.28 ? 174 ASP A C   1 
ATOM   1365 O  O   . ASP A 1 175 ? 2.617   12.524  -10.581 1.00 31.05 ? 174 ASP A O   1 
ATOM   1366 C  CB  . ASP A 1 175 ? 4.904   13.600  -8.764  1.00 33.59 ? 174 ASP A CB  1 
ATOM   1367 C  CG  . ASP A 1 175 ? 5.326   13.486  -7.309  1.00 36.94 ? 174 ASP A CG  1 
ATOM   1368 O  OD1 . ASP A 1 175 ? 4.806   12.589  -6.609  1.00 35.50 ? 174 ASP A OD1 1 
ATOM   1369 O  OD2 . ASP A 1 175 ? 6.180   14.285  -6.865  1.00 40.54 ? 174 ASP A OD2 1 
ATOM   1370 N  N   . GLN A 1 176 ? 4.467   12.269  -11.819 1.00 29.04 ? 175 GLN A N   1 
ATOM   1371 C  CA  . GLN A 1 176 ? 3.726   12.340  -13.066 1.00 29.88 ? 175 GLN A CA  1 
ATOM   1372 C  C   . GLN A 1 176 ? 2.828   11.104  -13.192 1.00 28.91 ? 175 GLN A C   1 
ATOM   1373 O  O   . GLN A 1 176 ? 1.655   11.194  -13.560 1.00 27.41 ? 175 GLN A O   1 
ATOM   1374 C  CB  . GLN A 1 176 ? 4.704   12.391  -14.240 1.00 31.15 ? 175 GLN A CB  1 
ATOM   1375 C  CG  . GLN A 1 176 ? 4.196   13.136  -15.458 1.00 38.20 ? 175 GLN A CG  1 
ATOM   1376 C  CD  . GLN A 1 176 ? 5.319   13.491  -16.423 1.00 39.96 ? 175 GLN A CD  1 
ATOM   1377 O  OE1 . GLN A 1 176 ? 5.276   13.147  -17.607 1.00 41.67 ? 175 GLN A OE1 1 
ATOM   1378 N  NE2 . GLN A 1 176 ? 6.333   14.180  -15.916 1.00 41.42 ? 175 GLN A NE2 1 
ATOM   1379 N  N   . PHE A 1 177 ? 3.403   9.952   -12.855 1.00 27.85 ? 176 PHE A N   1 
ATOM   1380 C  CA  . PHE A 1 177 ? 2.726   8.659   -12.927 1.00 27.67 ? 176 PHE A CA  1 
ATOM   1381 C  C   . PHE A 1 177 ? 1.523   8.555   -11.987 1.00 28.64 ? 176 PHE A C   1 
ATOM   1382 O  O   . PHE A 1 177 ? 0.468   8.077   -12.395 1.00 29.58 ? 176 PHE A O   1 
ATOM   1383 C  CB  . PHE A 1 177 ? 3.723   7.545   -12.597 1.00 24.90 ? 176 PHE A CB  1 
ATOM   1384 C  CG  . PHE A 1 177 ? 3.133   6.161   -12.635 1.00 23.63 ? 176 PHE A CG  1 
ATOM   1385 C  CD1 . PHE A 1 177 ? 3.012   5.478   -13.843 1.00 23.55 ? 176 PHE A CD1 1 
ATOM   1386 C  CD2 . PHE A 1 177 ? 2.727   5.527   -11.460 1.00 22.42 ? 176 PHE A CD2 1 
ATOM   1387 C  CE1 . PHE A 1 177 ? 2.501   4.178   -13.886 1.00 22.48 ? 176 PHE A CE1 1 
ATOM   1388 C  CE2 . PHE A 1 177 ? 2.213   4.230   -11.493 1.00 23.52 ? 176 PHE A CE2 1 
ATOM   1389 C  CZ  . PHE A 1 177 ? 2.102   3.555   -12.712 1.00 22.86 ? 176 PHE A CZ  1 
ATOM   1390 N  N   . THR A 1 178 ? 1.676   8.988   -10.739 1.00 29.93 ? 177 THR A N   1 
ATOM   1391 C  CA  . THR A 1 178 ? 0.585   8.892   -9.770  1.00 31.42 ? 177 THR A CA  1 
ATOM   1392 C  C   . THR A 1 178 ? -0.361  10.066  -9.857  1.00 34.89 ? 177 THR A C   1 
ATOM   1393 O  O   . THR A 1 178 ? -1.480  10.015  -9.339  1.00 35.25 ? 177 THR A O   1 
ATOM   1394 C  CB  . THR A 1 178 ? 1.103   8.826   -8.345  1.00 29.06 ? 177 THR A CB  1 
ATOM   1395 O  OG1 . THR A 1 178 ? 1.909   9.982   -8.088  1.00 27.75 ? 177 THR A OG1 1 
ATOM   1396 C  CG2 . THR A 1 178 ? 1.921   7.570   -8.137  1.00 26.91 ? 177 THR A CG2 1 
ATOM   1397 N  N   . SER A 1 179 ? 0.095   11.151  -10.459 1.00 38.43 ? 178 SER A N   1 
ATOM   1398 C  CA  . SER A 1 179 ? -0.807  12.257  -10.634 1.00 42.62 ? 178 SER A CA  1 
ATOM   1399 C  C   . SER A 1 179 ? -1.815  11.814  -11.663 1.00 44.60 ? 178 SER A C   1 
ATOM   1400 O  O   . SER A 1 179 ? -1.444  11.108  -12.610 1.00 45.24 ? 178 SER A O   1 
ATOM   1401 C  CB  . SER A 1 179 ? -0.068  13.499  -11.121 1.00 42.81 ? 178 SER A CB  1 
ATOM   1402 O  OG  . SER A 1 179 ? 0.227   14.319  -10.011 1.00 45.52 ? 178 SER A OG  1 
ATOM   1403 N  N   . LEU A 1 180 ? -3.071  12.204  -11.483 1.00 47.45 ? 179 LEU A N   1 
ATOM   1404 C  CA  . LEU A 1 180 ? -4.137  11.826  -12.403 1.00 50.15 ? 179 LEU A CA  1 
ATOM   1405 C  C   . LEU A 1 180 ? -5.050  10.759  -11.758 1.00 50.84 ? 179 LEU A C   1 
ATOM   1406 O  O   . LEU A 1 180 ? -6.068  11.152  -11.150 1.00 51.52 ? 179 LEU A O   1 
ATOM   1407 C  CB  . LEU A 1 180 ? -3.544  11.306  -13.727 1.00 51.49 ? 179 LEU A CB  1 
ATOM   1408 C  CG  . LEU A 1 180 ? -2.914  12.295  -14.741 1.00 52.96 ? 179 LEU A CG  1 
ATOM   1409 C  CD1 . LEU A 1 180 ? -1.696  13.063  -14.188 1.00 52.93 ? 179 LEU A CD1 1 
ATOM   1410 C  CD2 . LEU A 1 180 ? -2.497  11.496  -15.949 1.00 52.34 ? 179 LEU A CD2 1 
ATOM   1411 O  OXT . LEU A 1 180 ? -4.748  9.549   -11.845 1.00 51.29 ? 179 LEU A OXT 1 
HETATM 1412 C  CHA . HEM B 2 .   ? 6.502   -5.836  -4.875  1.00 20.18 ? 260 HEM A CHA 1 
HETATM 1413 C  CHB . HEM B 2 .   ? 8.122   -3.896  -0.807  1.00 20.48 ? 260 HEM A CHB 1 
HETATM 1414 C  CHC . HEM B 2 .   ? 4.373   -0.875  -0.903  1.00 17.71 ? 260 HEM A CHC 1 
HETATM 1415 C  CHD . HEM B 2 .   ? 2.233   -3.918  -3.944  1.00 17.17 ? 260 HEM A CHD 1 
HETATM 1416 C  C1A . HEM B 2 .   ? 7.348   -5.472  -3.838  1.00 22.32 ? 260 HEM A C1A 1 
HETATM 1417 C  C2A . HEM B 2 .   ? 8.582   -6.175  -3.531  1.00 24.75 ? 260 HEM A C2A 1 
HETATM 1418 C  C3A . HEM B 2 .   ? 8.972   -5.735  -2.310  1.00 24.28 ? 260 HEM A C3A 1 
HETATM 1419 C  C4A . HEM B 2 .   ? 7.979   -4.743  -1.886  1.00 22.02 ? 260 HEM A C4A 1 
HETATM 1420 C  CMA . HEM B 2 .   ? 10.208  -6.196  -1.532  1.00 24.83 ? 260 HEM A CMA 1 
HETATM 1421 C  CAA . HEM B 2 .   ? 9.297   -7.217  -4.403  1.00 28.55 ? 260 HEM A CAA 1 
HETATM 1422 C  CBA . HEM B 2 .   ? 10.080  -6.514  -5.504  1.00 36.58 ? 260 HEM A CBA 1 
HETATM 1423 C  CGA . HEM B 2 .   ? 11.317  -7.280  -5.932  1.00 39.71 ? 260 HEM A CGA 1 
HETATM 1424 O  O1A . HEM B 2 .   ? 12.420  -6.949  -5.444  1.00 44.09 ? 260 HEM A O1A 1 
HETATM 1425 O  O2A . HEM B 2 .   ? 11.191  -8.210  -6.756  1.00 42.27 ? 260 HEM A O2A 1 
HETATM 1426 C  C1B . HEM B 2 .   ? 7.300   -2.823  -0.514  1.00 18.55 ? 260 HEM A C1B 1 
HETATM 1427 C  C2B . HEM B 2 .   ? 7.575   -1.811  0.494   1.00 18.02 ? 260 HEM A C2B 1 
HETATM 1428 C  C3B . HEM B 2 .   ? 6.562   -0.904  0.409   1.00 16.70 ? 260 HEM A C3B 1 
HETATM 1429 C  C4B . HEM B 2 .   ? 5.652   -1.391  -0.628  1.00 17.68 ? 260 HEM A C4B 1 
HETATM 1430 C  CMB . HEM B 2 .   ? 8.708   -1.852  1.522   1.00 17.50 ? 260 HEM A CMB 1 
HETATM 1431 C  CAB . HEM B 2 .   ? 6.341   0.220   1.196   1.00 17.80 ? 260 HEM A CAB 1 
HETATM 1432 C  CBB . HEM B 2 .   ? 7.273   1.192   1.505   1.00 15.70 ? 260 HEM A CBB 1 
HETATM 1433 C  C1C . HEM B 2 .   ? 3.404   -1.469  -1.719  1.00 18.53 ? 260 HEM A C1C 1 
HETATM 1434 C  C2C . HEM B 2 .   ? 2.012   -1.021  -1.858  1.00 17.82 ? 260 HEM A C2C 1 
HETATM 1435 C  C3C . HEM B 2 .   ? 1.360   -1.988  -2.599  1.00 18.35 ? 260 HEM A C3C 1 
HETATM 1436 C  C4C . HEM B 2 .   ? 2.393   -2.939  -2.995  1.00 17.94 ? 260 HEM A C4C 1 
HETATM 1437 C  CMC . HEM B 2 .   ? 1.454   0.293   -1.310  1.00 17.46 ? 260 HEM A CMC 1 
HETATM 1438 C  CAC . HEM B 2 .   ? -0.016  -2.149  -2.846  1.00 19.01 ? 260 HEM A CAC 1 
HETATM 1439 C  CBC . HEM B 2 .   ? -0.892  -1.129  -3.165  1.00 21.46 ? 260 HEM A CBC 1 
HETATM 1440 C  C1D . HEM B 2 .   ? 3.219   -4.698  -4.503  1.00 17.74 ? 260 HEM A C1D 1 
HETATM 1441 C  C2D . HEM B 2 .   ? 3.046   -5.481  -5.704  1.00 18.06 ? 260 HEM A C2D 1 
HETATM 1442 C  C3D . HEM B 2 .   ? 4.270   -5.976  -6.014  1.00 20.76 ? 260 HEM A C3D 1 
HETATM 1443 C  C4D . HEM B 2 .   ? 5.184   -5.469  -5.001  1.00 19.05 ? 260 HEM A C4D 1 
HETATM 1444 C  CMD . HEM B 2 .   ? 1.732   -5.762  -6.409  1.00 18.34 ? 260 HEM A CMD 1 
HETATM 1445 C  CAD . HEM B 2 .   ? 4.624   -6.932  -7.159  1.00 21.32 ? 260 HEM A CAD 1 
HETATM 1446 C  CBD . HEM B 2 .   ? 5.137   -6.192  -8.375  1.00 25.51 ? 260 HEM A CBD 1 
HETATM 1447 C  CGD . HEM B 2 .   ? 5.693   -7.126  -9.444  1.00 29.09 ? 260 HEM A CGD 1 
HETATM 1448 O  O1D . HEM B 2 .   ? 6.081   -8.267  -9.102  1.00 27.31 ? 260 HEM A O1D 1 
HETATM 1449 O  O2D . HEM B 2 .   ? 5.746   -6.710  -10.625 1.00 28.85 ? 260 HEM A O2D 1 
HETATM 1450 N  NA  . HEM B 2 .   ? 6.978   -4.622  -2.817  1.00 20.42 ? 260 HEM A NA  1 
HETATM 1451 N  NB  . HEM B 2 .   ? 6.131   -2.550  -1.202  1.00 18.30 ? 260 HEM A NB  1 
HETATM 1452 N  NC  . HEM B 2 .   ? 3.622   -2.626  -2.442  1.00 18.35 ? 260 HEM A NC  1 
HETATM 1453 N  ND  . HEM B 2 .   ? 4.536   -4.664  -4.108  1.00 18.41 ? 260 HEM A ND  1 
HETATM 1454 FE FE  . HEM B 2 .   ? 5.308   -3.600  -2.654  1.00 19.65 ? 260 HEM A FE  1 
HETATM 1455 N  N   . NH3 C 3 .   ? 4.623   -4.926  -1.171  1.00 26.34 ? 261 NH3 A N   1 
HETATM 1456 O  O   . HOH D 4 .   ? -9.880  -1.181  -16.545 1.00 31.48 ? 180 HOH A O   1 
HETATM 1457 O  O   . HOH D 4 .   ? 4.837   -0.653  -8.462  1.00 17.51 ? 181 HOH A O   1 
HETATM 1458 O  O   . HOH D 4 .   ? 13.317  10.153  1.150   1.00 22.77 ? 182 HOH A O   1 
HETATM 1459 O  O   . HOH D 4 .   ? -3.190  13.588  -2.756  1.00 31.97 ? 183 HOH A O   1 
HETATM 1460 O  O   . HOH D 4 .   ? -8.339  11.217  2.580   1.00 22.44 ? 184 HOH A O   1 
HETATM 1461 O  O   . HOH D 4 .   ? -10.109 13.174  1.669   1.00 38.02 ? 185 HOH A O   1 
HETATM 1462 O  O   . HOH D 4 .   ? 7.541   5.922   0.246   1.00 12.77 ? 186 HOH A O   1 
HETATM 1463 O  O   . HOH D 4 .   ? -1.918  -16.068 5.416   1.00 39.16 ? 187 HOH A O   1 
HETATM 1464 O  O   . HOH D 4 .   ? -2.986  -15.459 -5.036  1.00 22.44 ? 188 HOH A O   1 
HETATM 1465 O  O   . HOH D 4 .   ? 9.185   -3.873  -14.356 1.00 36.64 ? 189 HOH A O   1 
HETATM 1466 O  O   . HOH D 4 .   ? -1.670  -10.743 -10.546 1.00 20.76 ? 190 HOH A O   1 
HETATM 1467 O  O   . HOH D 4 .   ? -3.185  -11.584 5.440   1.00 32.07 ? 191 HOH A O   1 
HETATM 1468 O  O   . HOH D 4 .   ? 7.726   -1.350  -14.188 1.00 15.87 ? 192 HOH A O   1 
HETATM 1469 O  O   . HOH D 4 .   ? 6.070   8.706   -15.626 1.00 39.81 ? 193 HOH A O   1 
HETATM 1470 O  O   . HOH D 4 .   ? 5.932   -7.330  0.472   1.00 48.29 ? 194 HOH A O   1 
HETATM 1471 O  O   . HOH D 4 .   ? 8.258   9.494   12.601  1.00 52.24 ? 195 HOH A O   1 
HETATM 1472 O  O   . HOH D 4 .   ? -1.259  14.573  4.259   1.00 23.67 ? 196 HOH A O   1 
HETATM 1473 O  O   . HOH D 4 .   ? 9.429   9.807   1.392   1.00 27.97 ? 197 HOH A O   1 
HETATM 1474 O  O   . HOH D 4 .   ? 3.904   9.876   -6.636  1.00 25.84 ? 198 HOH A O   1 
HETATM 1475 O  O   . HOH D 4 .   ? 5.603   8.216   -7.531  1.00 39.25 ? 199 HOH A O   1 
HETATM 1476 O  O   . HOH D 4 .   ? 2.350   -8.899  -14.239 1.00 35.35 ? 200 HOH A O   1 
HETATM 1477 O  O   . HOH D 4 .   ? 10.234  -2.710  8.413   1.00 28.75 ? 201 HOH A O   1 
HETATM 1478 O  O   . HOH D 4 .   ? 0.849   -10.649 -11.691 1.00 31.44 ? 202 HOH A O   1 
HETATM 1479 O  O   . HOH D 4 .   ? 1.707   5.156   16.809  1.00 26.45 ? 203 HOH A O   1 
HETATM 1480 O  O   . HOH D 4 .   ? 3.105   -8.831  1.855   1.00 29.06 ? 204 HOH A O   1 
HETATM 1481 O  O   . HOH D 4 .   ? 5.587   -2.843  16.106  1.00 34.54 ? 205 HOH A O   1 
HETATM 1482 O  O   . HOH D 4 .   ? -7.848  5.387   15.235  1.00 28.84 ? 206 HOH A O   1 
HETATM 1483 O  O   . HOH D 4 .   ? -7.970  -6.395  12.637  1.00 46.02 ? 207 HOH A O   1 
HETATM 1484 O  O   . HOH D 4 .   ? -3.481  -14.469 2.994   1.00 47.46 ? 208 HOH A O   1 
HETATM 1485 O  O   . HOH D 4 .   ? 15.558  -7.551  0.301   1.00 42.02 ? 209 HOH A O   1 
HETATM 1486 O  O   . HOH D 4 .   ? -4.553  -7.356  4.018   1.00 13.05 ? 210 HOH A O   1 
HETATM 1487 O  O   . HOH D 4 .   ? 8.961   9.287   7.142   1.00 18.09 ? 211 HOH A O   1 
HETATM 1488 O  O   . HOH D 4 .   ? -0.805  -16.926 9.315   1.00 45.18 ? 212 HOH A O   1 
HETATM 1489 O  O   . HOH D 4 .   ? -5.065  -9.977  4.314   1.00 24.63 ? 213 HOH A O   1 
HETATM 1490 O  O   . HOH D 4 .   ? 4.303   -11.869 8.337   1.00 34.50 ? 214 HOH A O   1 
HETATM 1491 O  O   . HOH D 4 .   ? -8.259  2.124   16.031  1.00 47.49 ? 215 HOH A O   1 
HETATM 1492 O  O   . HOH D 4 .   ? 4.269   -3.576  19.371  1.00 58.12 ? 216 HOH A O   1 
HETATM 1493 O  O   . HOH D 4 .   ? -6.547  -4.140  -14.633 1.00 44.44 ? 217 HOH A O   1 
HETATM 1494 O  O   . HOH D 4 .   ? 5.577   3.637   -23.356 1.00 34.17 ? 218 HOH A O   1 
HETATM 1495 O  O   . HOH D 4 .   ? 9.477   0.358   -16.054 1.00 33.17 ? 219 HOH A O   1 
HETATM 1496 O  O   . HOH D 4 .   ? 9.955   9.684   9.688   1.00 38.31 ? 220 HOH A O   1 
HETATM 1497 O  O   . HOH D 4 .   ? 17.228  3.022   6.880   1.00 42.40 ? 221 HOH A O   1 
HETATM 1498 O  O   . HOH D 4 .   ? 2.651   3.176   18.238  1.00 39.90 ? 222 HOH A O   1 
HETATM 1499 O  O   . HOH D 4 .   ? 18.531  4.718   1.578   1.00 24.49 ? 223 HOH A O   1 
HETATM 1500 O  O   . HOH D 4 .   ? 9.612   5.091   13.155  1.00 37.10 ? 224 HOH A O   1 
HETATM 1501 O  O   . HOH D 4 .   ? 18.257  7.595   -4.304  1.00 44.95 ? 225 HOH A O   1 
HETATM 1502 O  O   . HOH D 4 .   ? 7.075   11.640  7.005   1.00 33.59 ? 226 HOH A O   1 
HETATM 1503 O  O   . HOH D 4 .   ? -15.052 6.223   -4.854  1.00 29.72 ? 227 HOH A O   1 
HETATM 1504 O  O   . HOH D 4 .   ? -12.647 6.808   -6.344  1.00 30.25 ? 228 HOH A O   1 
HETATM 1505 O  O   . HOH D 4 .   ? -11.834 -8.895  -2.967  1.00 30.23 ? 229 HOH A O   1 
HETATM 1506 O  O   . HOH D 4 .   ? -11.113 -9.150  -6.398  1.00 37.85 ? 230 HOH A O   1 
HETATM 1507 O  O   . HOH D 4 .   ? 2.364   -12.766 -16.777 1.00 49.06 ? 231 HOH A O   1 
HETATM 1508 O  O   . HOH D 4 .   ? -10.148 13.902  9.069   1.00 44.49 ? 232 HOH A O   1 
HETATM 1509 O  O   . HOH D 4 .   ? -6.046  13.209  14.186  1.00 35.87 ? 233 HOH A O   1 
HETATM 1510 O  O   . HOH D 4 .   ? -3.859  15.353  14.045  1.00 38.06 ? 234 HOH A O   1 
HETATM 1511 O  O   . HOH D 4 .   ? -2.849  9.576   18.898  1.00 25.09 ? 235 HOH A O   1 
HETATM 1512 O  O   . HOH D 4 .   ? 2.129   15.310  -6.283  1.00 49.26 ? 236 HOH A O   1 
HETATM 1513 O  O   . HOH D 4 .   ? 8.049   13.561  -10.368 1.00 34.30 ? 237 HOH A O   1 
HETATM 1514 O  O   . HOH D 4 .   ? -6.275  14.882  9.287   1.00 48.14 ? 238 HOH A O   1 
HETATM 1515 O  O   . HOH D 4 .   ? -5.733  -0.565  14.013  1.00 27.44 ? 239 HOH A O   1 
HETATM 1516 O  O   . HOH D 4 .   ? 9.256   2.608   -17.345 1.00 31.45 ? 240 HOH A O   1 
HETATM 1517 O  O   . HOH D 4 .   ? -2.527  -16.559 -15.025 1.00 35.21 ? 241 HOH A O   1 
HETATM 1518 O  O   . HOH D 4 .   ? -3.560  4.399   21.092  1.00 43.65 ? 242 HOH A O   1 
HETATM 1519 O  O   . HOH D 4 .   ? 14.874  5.309   7.576   1.00 39.37 ? 243 HOH A O   1 
HETATM 1520 O  O   . HOH D 4 .   ? 5.089   -10.675 -8.306  1.00 43.36 ? 244 HOH A O   1 
HETATM 1521 O  O   . HOH D 4 .   ? -4.094  -8.611  -17.194 1.00 31.14 ? 245 HOH A O   1 
HETATM 1522 O  O   . HOH D 4 .   ? 1.573   -10.907 -20.535 1.00 39.83 ? 246 HOH A O   1 
HETATM 1523 O  O   . HOH D 4 .   ? -0.593  -1.465  -22.974 1.00 53.72 ? 247 HOH A O   1 
HETATM 1524 O  O   . HOH D 4 .   ? 11.953  12.514  0.312   1.00 48.85 ? 248 HOH A O   1 
HETATM 1525 O  O   . HOH D 4 .   ? 15.797  11.658  1.806   1.00 32.71 ? 249 HOH A O   1 
HETATM 1526 O  O   . HOH D 4 .   ? -7.589  13.163  11.961  1.00 34.59 ? 250 HOH A O   1 
HETATM 1527 O  O   . HOH D 4 .   ? -6.209  -3.166  13.816  1.00 44.05 ? 251 HOH A O   1 
HETATM 1528 O  O   . HOH D 4 .   ? -8.161  0.098   13.096  1.00 39.80 ? 252 HOH A O   1 
HETATM 1529 O  O   . HOH D 4 .   ? 13.360  5.250   10.256  1.00 45.98 ? 253 HOH A O   1 
HETATM 1530 O  O   . HOH D 4 .   ? 0.685   -1.645  20.556  1.00 40.66 ? 254 HOH A O   1 
HETATM 1531 O  O   . HOH D 4 .   ? -9.177  -2.938  -18.037 1.00 53.61 ? 255 HOH A O   1 
HETATM 1532 O  O   . HOH D 4 .   ? -5.890  14.922  -1.881  1.00 53.79 ? 256 HOH A O   1 
HETATM 1533 O  O   . HOH D 4 .   ? 6.284   -17.633 3.604   1.00 43.22 ? 257 HOH A O   1 
HETATM 1534 O  O   . HOH D 4 .   ? -14.632 9.440   13.355  1.00 50.90 ? 258 HOH A O   1 
HETATM 1535 O  O   . HOH D 4 .   ? -9.621  -12.204 -12.515 0.50 74.70 ? 259 HOH A O   1 
# 
